data_4A2V
# 
_entry.id   4A2V 
# 
_audit_conform.dict_name       mmcif_pdbx.dic 
_audit_conform.dict_version    5.391 
_audit_conform.dict_location   http://mmcif.pdb.org/dictionaries/ascii/mmcif_pdbx.dic 
# 
loop_
_database_2.database_id 
_database_2.database_code 
_database_2.pdbx_database_accession 
_database_2.pdbx_DOI 
PDB   4A2V         pdb_00004a2v 10.2210/pdb4a2v/pdb 
PDBE  EBI-49821    ?            ?                   
WWPDB D_1290049821 ?            ?                   
# 
loop_
_pdbx_audit_revision_history.ordinal 
_pdbx_audit_revision_history.data_content_type 
_pdbx_audit_revision_history.major_revision 
_pdbx_audit_revision_history.minor_revision 
_pdbx_audit_revision_history.revision_date 
1 'Structure model' 1 0 2011-10-19 
2 'Structure model' 1 1 2011-10-26 
3 'Structure model' 1 2 2024-05-08 
# 
_pdbx_audit_revision_details.ordinal             1 
_pdbx_audit_revision_details.revision_ordinal    1 
_pdbx_audit_revision_details.data_content_type   'Structure model' 
_pdbx_audit_revision_details.provider            repository 
_pdbx_audit_revision_details.type                'Initial release' 
_pdbx_audit_revision_details.description         ? 
_pdbx_audit_revision_details.details             ? 
# 
loop_
_pdbx_audit_revision_group.ordinal 
_pdbx_audit_revision_group.revision_ordinal 
_pdbx_audit_revision_group.data_content_type 
_pdbx_audit_revision_group.group 
1 2 'Structure model' 'Database references'  
2 3 'Structure model' 'Data collection'      
3 3 'Structure model' 'Database references'  
4 3 'Structure model' 'Derived calculations' 
5 3 'Structure model' Other                  
# 
loop_
_pdbx_audit_revision_category.ordinal 
_pdbx_audit_revision_category.revision_ordinal 
_pdbx_audit_revision_category.data_content_type 
_pdbx_audit_revision_category.category 
1 3 'Structure model' chem_comp_atom       
2 3 'Structure model' chem_comp_bond       
3 3 'Structure model' database_2           
4 3 'Structure model' pdbx_database_status 
5 3 'Structure model' struct_conn          
6 3 'Structure model' struct_site          
# 
loop_
_pdbx_audit_revision_item.ordinal 
_pdbx_audit_revision_item.revision_ordinal 
_pdbx_audit_revision_item.data_content_type 
_pdbx_audit_revision_item.item 
1  3 'Structure model' '_database_2.pdbx_DOI'                 
2  3 'Structure model' '_database_2.pdbx_database_accession'  
3  3 'Structure model' '_pdbx_database_status.status_code_sf' 
4  3 'Structure model' '_struct_conn.ptnr1_auth_comp_id'      
5  3 'Structure model' '_struct_conn.ptnr1_auth_seq_id'       
6  3 'Structure model' '_struct_conn.ptnr1_label_asym_id'     
7  3 'Structure model' '_struct_conn.ptnr1_label_atom_id'     
8  3 'Structure model' '_struct_conn.ptnr1_label_comp_id'     
9  3 'Structure model' '_struct_conn.ptnr1_label_seq_id'      
10 3 'Structure model' '_struct_conn.ptnr2_auth_comp_id'      
11 3 'Structure model' '_struct_conn.ptnr2_auth_seq_id'       
12 3 'Structure model' '_struct_conn.ptnr2_label_asym_id'     
13 3 'Structure model' '_struct_conn.ptnr2_label_atom_id'     
14 3 'Structure model' '_struct_conn.ptnr2_label_comp_id'     
15 3 'Structure model' '_struct_conn.ptnr2_label_seq_id'      
16 3 'Structure model' '_struct_site.pdbx_auth_asym_id'       
17 3 'Structure model' '_struct_site.pdbx_auth_comp_id'       
18 3 'Structure model' '_struct_site.pdbx_auth_seq_id'        
# 
_pdbx_database_status.status_code                     REL 
_pdbx_database_status.entry_id                        4A2V 
_pdbx_database_status.deposit_site                    PDBE 
_pdbx_database_status.process_site                    PDBE 
_pdbx_database_status.SG_entry                        . 
_pdbx_database_status.recvd_initial_deposition_date   2011-09-29 
_pdbx_database_status.pdb_format_compatible           Y 
_pdbx_database_status.status_code_sf                  REL 
_pdbx_database_status.status_code_mr                  ? 
_pdbx_database_status.status_code_cs                  ? 
_pdbx_database_status.methods_development_category    ? 
_pdbx_database_status.status_code_nmr_data            ? 
# 
loop_
_pdbx_database_related.db_name 
_pdbx_database_related.db_id 
_pdbx_database_related.content_type 
_pdbx_database_related.details 
PDB 4A2P unspecified 'STRUCTURE OF DUCK RIG-I HELICASE DOMAIN'                                                          
PDB 4A2X unspecified 'STRUCTURE OF DUCK RIG-I C-TERMINAL DOMAIN (CTD) WITH 14-MER DSRNA'                                
PDB 4A36 unspecified 'STRUCTURE OF DUCK RIG-I HELICASE DOMAIN BOUND TO 19 -MER DSRNA AND ATP TRANSITION STATE ANALOGUE' 
PDB 4A2Q unspecified 'STRUCTURE OF DUCK RIG-I TANDEM CARDS AND HELICASE DOMAIN'                                         
PDB 4A2W unspecified 'STRUCTURE OF FULL-LENGTH DUCK RIG-I'                                                              
# 
loop_
_audit_author.name 
_audit_author.pdbx_ordinal 
'Kowalinski, E.' 1 
'Lunardi, T.'    2 
'McCarthy, A.A.' 3 
'Cusack, S.'     4 
# 
_citation.id                        primary 
_citation.title                     
'Structural Basis for the Activation of Innate Immune Pattern Recognition Receptor Rig-I by Viral RNA.' 
_citation.journal_abbrev            'Cell(Cambridge,Mass.)' 
_citation.journal_volume            147 
_citation.page_first                423 
_citation.page_last                 ? 
_citation.year                      2011 
_citation.journal_id_ASTM           CELLB5 
_citation.country                   US 
_citation.journal_id_ISSN           0092-8674 
_citation.journal_id_CSD            0998 
_citation.book_publisher            ? 
_citation.pdbx_database_id_PubMed   22000019 
_citation.pdbx_database_id_DOI      10.1016/J.CELL.2011.09.039 
# 
loop_
_citation_author.citation_id 
_citation_author.name 
_citation_author.ordinal 
_citation_author.identifier_ORCID 
primary 'Kowalinski, E.' 1 ? 
primary 'Lunardi, T.'    2 ? 
primary 'Mccarthy, A.A.' 3 ? 
primary 'Louber, J.'     4 ? 
primary 'Brunel, J.'     5 ? 
primary 'Grigorov, B.'   6 ? 
primary 'Gerlier, D.'    7 ? 
primary 'Cusack, S.'     8 ? 
# 
loop_
_entity.id 
_entity.type 
_entity.src_method 
_entity.pdbx_description 
_entity.formula_weight 
_entity.pdbx_number_of_molecules 
_entity.pdbx_ec 
_entity.pdbx_mutation 
_entity.pdbx_fragment 
_entity.details 
1 polymer     man 'RETINOIC ACID INDUCIBLE PROTEIN I' 15181.542 1   ? ? 'C-TERMINAL DOMAIN, RESIDUES 806-933' ? 
2 non-polymer syn 'ZINC ION'                          65.409    1   ? ? ?                                     ? 
3 non-polymer syn GLYCEROL                            92.094    2   ? ? ?                                     ? 
4 water       nat water                               18.015    223 ? ? ?                                     ? 
# 
_entity_name_com.entity_id   1 
_entity_name_com.name        RIG-I 
# 
_entity_poly.entity_id                      1 
_entity_poly.type                           'polypeptide(L)' 
_entity_poly.nstd_linkage                   no 
_entity_poly.nstd_monomer                   no 
_entity_poly.pdbx_seq_one_letter_code       
;GAMGQKNLLCGKCKAYACSTDDIRIIKDSHHIVLGEAFKERYTTKPHKKPMQFDGFEKKSKMYCRNNNCQHDWGITVKYL
TFDNLPVIKIKSFVMESTATGTQMDFQKWKSINSSLKNFDVEEMSNLYPPF
;
_entity_poly.pdbx_seq_one_letter_code_can   
;GAMGQKNLLCGKCKAYACSTDDIRIIKDSHHIVLGEAFKERYTTKPHKKPMQFDGFEKKSKMYCRNNNCQHDWGITVKYL
TFDNLPVIKIKSFVMESTATGTQMDFQKWKSINSSLKNFDVEEMSNLYPPF
;
_entity_poly.pdbx_strand_id                 A 
_entity_poly.pdbx_target_identifier         ? 
# 
loop_
_pdbx_entity_nonpoly.entity_id 
_pdbx_entity_nonpoly.name 
_pdbx_entity_nonpoly.comp_id 
2 'ZINC ION' ZN  
3 GLYCEROL   GOL 
4 water      HOH 
# 
loop_
_entity_poly_seq.entity_id 
_entity_poly_seq.num 
_entity_poly_seq.mon_id 
_entity_poly_seq.hetero 
1 1   GLY n 
1 2   ALA n 
1 3   MET n 
1 4   GLY n 
1 5   GLN n 
1 6   LYS n 
1 7   ASN n 
1 8   LEU n 
1 9   LEU n 
1 10  CYS n 
1 11  GLY n 
1 12  LYS n 
1 13  CYS n 
1 14  LYS n 
1 15  ALA n 
1 16  TYR n 
1 17  ALA n 
1 18  CYS n 
1 19  SER n 
1 20  THR n 
1 21  ASP n 
1 22  ASP n 
1 23  ILE n 
1 24  ARG n 
1 25  ILE n 
1 26  ILE n 
1 27  LYS n 
1 28  ASP n 
1 29  SER n 
1 30  HIS n 
1 31  HIS n 
1 32  ILE n 
1 33  VAL n 
1 34  LEU n 
1 35  GLY n 
1 36  GLU n 
1 37  ALA n 
1 38  PHE n 
1 39  LYS n 
1 40  GLU n 
1 41  ARG n 
1 42  TYR n 
1 43  THR n 
1 44  THR n 
1 45  LYS n 
1 46  PRO n 
1 47  HIS n 
1 48  LYS n 
1 49  LYS n 
1 50  PRO n 
1 51  MET n 
1 52  GLN n 
1 53  PHE n 
1 54  ASP n 
1 55  GLY n 
1 56  PHE n 
1 57  GLU n 
1 58  LYS n 
1 59  LYS n 
1 60  SER n 
1 61  LYS n 
1 62  MET n 
1 63  TYR n 
1 64  CYS n 
1 65  ARG n 
1 66  ASN n 
1 67  ASN n 
1 68  ASN n 
1 69  CYS n 
1 70  GLN n 
1 71  HIS n 
1 72  ASP n 
1 73  TRP n 
1 74  GLY n 
1 75  ILE n 
1 76  THR n 
1 77  VAL n 
1 78  LYS n 
1 79  TYR n 
1 80  LEU n 
1 81  THR n 
1 82  PHE n 
1 83  ASP n 
1 84  ASN n 
1 85  LEU n 
1 86  PRO n 
1 87  VAL n 
1 88  ILE n 
1 89  LYS n 
1 90  ILE n 
1 91  LYS n 
1 92  SER n 
1 93  PHE n 
1 94  VAL n 
1 95  MET n 
1 96  GLU n 
1 97  SER n 
1 98  THR n 
1 99  ALA n 
1 100 THR n 
1 101 GLY n 
1 102 THR n 
1 103 GLN n 
1 104 MET n 
1 105 ASP n 
1 106 PHE n 
1 107 GLN n 
1 108 LYS n 
1 109 TRP n 
1 110 LYS n 
1 111 SER n 
1 112 ILE n 
1 113 ASN n 
1 114 SER n 
1 115 SER n 
1 116 LEU n 
1 117 LYS n 
1 118 ASN n 
1 119 PHE n 
1 120 ASP n 
1 121 VAL n 
1 122 GLU n 
1 123 GLU n 
1 124 MET n 
1 125 SER n 
1 126 ASN n 
1 127 LEU n 
1 128 TYR n 
1 129 PRO n 
1 130 PRO n 
1 131 PHE n 
# 
_entity_src_gen.entity_id                          1 
_entity_src_gen.pdbx_src_id                        1 
_entity_src_gen.pdbx_alt_source_flag               sample 
_entity_src_gen.pdbx_seq_type                      ? 
_entity_src_gen.pdbx_beg_seq_num                   ? 
_entity_src_gen.pdbx_end_seq_num                   ? 
_entity_src_gen.gene_src_common_name               'MALLARD DUCK' 
_entity_src_gen.gene_src_genus                     ? 
_entity_src_gen.pdbx_gene_src_gene                 ? 
_entity_src_gen.gene_src_species                   ? 
_entity_src_gen.gene_src_strain                    ? 
_entity_src_gen.gene_src_tissue                    ? 
_entity_src_gen.gene_src_tissue_fraction           ? 
_entity_src_gen.gene_src_details                   ? 
_entity_src_gen.pdbx_gene_src_fragment             ? 
_entity_src_gen.pdbx_gene_src_scientific_name      'ANAS PLATYRHYNCHOS' 
_entity_src_gen.pdbx_gene_src_ncbi_taxonomy_id     8839 
_entity_src_gen.pdbx_gene_src_variant              ? 
_entity_src_gen.pdbx_gene_src_cell_line            ? 
_entity_src_gen.pdbx_gene_src_atcc                 ? 
_entity_src_gen.pdbx_gene_src_organ                ? 
_entity_src_gen.pdbx_gene_src_organelle            ? 
_entity_src_gen.pdbx_gene_src_cell                 ? 
_entity_src_gen.pdbx_gene_src_cellular_location    ? 
_entity_src_gen.host_org_common_name               ? 
_entity_src_gen.pdbx_host_org_scientific_name      'ESCHERICHIA COLI' 
_entity_src_gen.pdbx_host_org_ncbi_taxonomy_id     511693 
_entity_src_gen.host_org_genus                     ? 
_entity_src_gen.pdbx_host_org_gene                 ? 
_entity_src_gen.pdbx_host_org_organ                ? 
_entity_src_gen.host_org_species                   ? 
_entity_src_gen.pdbx_host_org_tissue               ? 
_entity_src_gen.pdbx_host_org_tissue_fraction      ? 
_entity_src_gen.pdbx_host_org_strain               BL21STAR 
_entity_src_gen.pdbx_host_org_variant              ? 
_entity_src_gen.pdbx_host_org_cell_line            ? 
_entity_src_gen.pdbx_host_org_atcc                 ? 
_entity_src_gen.pdbx_host_org_culture_collection   ? 
_entity_src_gen.pdbx_host_org_cell                 ? 
_entity_src_gen.pdbx_host_org_organelle            ? 
_entity_src_gen.pdbx_host_org_cellular_location    ? 
_entity_src_gen.pdbx_host_org_vector_type          PLASMID 
_entity_src_gen.pdbx_host_org_vector               PET11 
_entity_src_gen.host_org_details                   ? 
_entity_src_gen.expression_system_id               ? 
_entity_src_gen.plasmid_name                       ? 
_entity_src_gen.plasmid_details                    ? 
_entity_src_gen.pdbx_description                   ? 
# 
loop_
_chem_comp.id 
_chem_comp.type 
_chem_comp.mon_nstd_flag 
_chem_comp.name 
_chem_comp.pdbx_synonyms 
_chem_comp.formula 
_chem_comp.formula_weight 
ALA 'L-peptide linking' y ALANINE         ?                               'C3 H7 N O2'     89.093  
ARG 'L-peptide linking' y ARGININE        ?                               'C6 H15 N4 O2 1' 175.209 
ASN 'L-peptide linking' y ASPARAGINE      ?                               'C4 H8 N2 O3'    132.118 
ASP 'L-peptide linking' y 'ASPARTIC ACID' ?                               'C4 H7 N O4'     133.103 
CYS 'L-peptide linking' y CYSTEINE        ?                               'C3 H7 N O2 S'   121.158 
GLN 'L-peptide linking' y GLUTAMINE       ?                               'C5 H10 N2 O3'   146.144 
GLU 'L-peptide linking' y 'GLUTAMIC ACID' ?                               'C5 H9 N O4'     147.129 
GLY 'peptide linking'   y GLYCINE         ?                               'C2 H5 N O2'     75.067  
GOL non-polymer         . GLYCEROL        'GLYCERIN; PROPANE-1,2,3-TRIOL' 'C3 H8 O3'       92.094  
HIS 'L-peptide linking' y HISTIDINE       ?                               'C6 H10 N3 O2 1' 156.162 
HOH non-polymer         . WATER           ?                               'H2 O'           18.015  
ILE 'L-peptide linking' y ISOLEUCINE      ?                               'C6 H13 N O2'    131.173 
LEU 'L-peptide linking' y LEUCINE         ?                               'C6 H13 N O2'    131.173 
LYS 'L-peptide linking' y LYSINE          ?                               'C6 H15 N2 O2 1' 147.195 
MET 'L-peptide linking' y METHIONINE      ?                               'C5 H11 N O2 S'  149.211 
PHE 'L-peptide linking' y PHENYLALANINE   ?                               'C9 H11 N O2'    165.189 
PRO 'L-peptide linking' y PROLINE         ?                               'C5 H9 N O2'     115.130 
SER 'L-peptide linking' y SERINE          ?                               'C3 H7 N O3'     105.093 
THR 'L-peptide linking' y THREONINE       ?                               'C4 H9 N O3'     119.119 
TRP 'L-peptide linking' y TRYPTOPHAN      ?                               'C11 H12 N2 O2'  204.225 
TYR 'L-peptide linking' y TYROSINE        ?                               'C9 H11 N O3'    181.189 
VAL 'L-peptide linking' y VALINE          ?                               'C5 H11 N O2'    117.146 
ZN  non-polymer         . 'ZINC ION'      ?                               'Zn 2'           65.409  
# 
loop_
_pdbx_poly_seq_scheme.asym_id 
_pdbx_poly_seq_scheme.entity_id 
_pdbx_poly_seq_scheme.seq_id 
_pdbx_poly_seq_scheme.mon_id 
_pdbx_poly_seq_scheme.ndb_seq_num 
_pdbx_poly_seq_scheme.pdb_seq_num 
_pdbx_poly_seq_scheme.auth_seq_num 
_pdbx_poly_seq_scheme.pdb_mon_id 
_pdbx_poly_seq_scheme.auth_mon_id 
_pdbx_poly_seq_scheme.pdb_strand_id 
_pdbx_poly_seq_scheme.pdb_ins_code 
_pdbx_poly_seq_scheme.hetero 
A 1 1   GLY 1   803 ?   ?   ?   A . n 
A 1 2   ALA 2   804 ?   ?   ?   A . n 
A 1 3   MET 3   805 ?   ?   ?   A . n 
A 1 4   GLY 4   806 ?   ?   ?   A . n 
A 1 5   GLN 5   807 807 GLN GLN A . n 
A 1 6   LYS 6   808 808 LYS LYS A . n 
A 1 7   ASN 7   809 809 ASN ASN A . n 
A 1 8   LEU 8   810 810 LEU LEU A . n 
A 1 9   LEU 9   811 811 LEU LEU A . n 
A 1 10  CYS 10  812 812 CYS CYS A . n 
A 1 11  GLY 11  813 813 GLY GLY A . n 
A 1 12  LYS 12  814 814 LYS LYS A . n 
A 1 13  CYS 13  815 815 CYS CYS A . n 
A 1 14  LYS 14  816 816 LYS LYS A . n 
A 1 15  ALA 15  817 817 ALA ALA A . n 
A 1 16  TYR 16  818 818 TYR TYR A . n 
A 1 17  ALA 17  819 819 ALA ALA A . n 
A 1 18  CYS 18  820 820 CYS CYS A . n 
A 1 19  SER 19  821 821 SER SER A . n 
A 1 20  THR 20  822 822 THR THR A . n 
A 1 21  ASP 21  823 823 ASP ASP A . n 
A 1 22  ASP 22  824 824 ASP ASP A . n 
A 1 23  ILE 23  825 825 ILE ILE A . n 
A 1 24  ARG 24  826 826 ARG ARG A . n 
A 1 25  ILE 25  827 827 ILE ILE A . n 
A 1 26  ILE 26  828 828 ILE ILE A . n 
A 1 27  LYS 27  829 829 LYS LYS A . n 
A 1 28  ASP 28  830 830 ASP ASP A . n 
A 1 29  SER 29  831 831 SER SER A . n 
A 1 30  HIS 30  832 832 HIS HIS A . n 
A 1 31  HIS 31  833 833 HIS HIS A . n 
A 1 32  ILE 32  834 834 ILE ILE A . n 
A 1 33  VAL 33  835 835 VAL VAL A . n 
A 1 34  LEU 34  836 836 LEU LEU A . n 
A 1 35  GLY 35  837 837 GLY GLY A . n 
A 1 36  GLU 36  838 838 GLU GLU A . n 
A 1 37  ALA 37  839 839 ALA ALA A . n 
A 1 38  PHE 38  840 840 PHE PHE A . n 
A 1 39  LYS 39  841 841 LYS LYS A . n 
A 1 40  GLU 40  842 842 GLU GLU A . n 
A 1 41  ARG 41  843 843 ARG ARG A . n 
A 1 42  TYR 42  844 844 TYR TYR A . n 
A 1 43  THR 43  845 845 THR THR A . n 
A 1 44  THR 44  846 846 THR THR A . n 
A 1 45  LYS 45  847 847 LYS LYS A . n 
A 1 46  PRO 46  848 848 PRO PRO A . n 
A 1 47  HIS 47  849 849 HIS HIS A . n 
A 1 48  LYS 48  850 850 LYS LYS A . n 
A 1 49  LYS 49  851 851 LYS LYS A . n 
A 1 50  PRO 50  852 852 PRO PRO A . n 
A 1 51  MET 51  853 853 MET MET A . n 
A 1 52  GLN 52  854 854 GLN GLN A . n 
A 1 53  PHE 53  855 855 PHE PHE A . n 
A 1 54  ASP 54  856 856 ASP ASP A . n 
A 1 55  GLY 55  857 857 GLY GLY A . n 
A 1 56  PHE 56  858 858 PHE PHE A . n 
A 1 57  GLU 57  859 859 GLU GLU A . n 
A 1 58  LYS 58  860 860 LYS LYS A . n 
A 1 59  LYS 59  861 861 LYS LYS A . n 
A 1 60  SER 60  862 862 SER SER A . n 
A 1 61  LYS 61  863 863 LYS LYS A . n 
A 1 62  MET 62  864 864 MET MET A . n 
A 1 63  TYR 63  865 865 TYR TYR A . n 
A 1 64  CYS 64  866 866 CYS CYS A . n 
A 1 65  ARG 65  867 867 ARG ARG A . n 
A 1 66  ASN 66  868 868 ASN ASN A . n 
A 1 67  ASN 67  869 869 ASN ASN A . n 
A 1 68  ASN 68  870 870 ASN ASN A . n 
A 1 69  CYS 69  871 871 CYS CYS A . n 
A 1 70  GLN 70  872 872 GLN GLN A . n 
A 1 71  HIS 71  873 873 HIS HIS A . n 
A 1 72  ASP 72  874 874 ASP ASP A . n 
A 1 73  TRP 73  875 875 TRP TRP A . n 
A 1 74  GLY 74  876 876 GLY GLY A . n 
A 1 75  ILE 75  877 877 ILE ILE A . n 
A 1 76  THR 76  878 878 THR THR A . n 
A 1 77  VAL 77  879 879 VAL VAL A . n 
A 1 78  LYS 78  880 880 LYS LYS A . n 
A 1 79  TYR 79  881 881 TYR TYR A . n 
A 1 80  LEU 80  882 882 LEU LEU A . n 
A 1 81  THR 81  883 883 THR THR A . n 
A 1 82  PHE 82  884 884 PHE PHE A . n 
A 1 83  ASP 83  885 885 ASP ASP A . n 
A 1 84  ASN 84  886 886 ASN ASN A . n 
A 1 85  LEU 85  887 887 LEU LEU A . n 
A 1 86  PRO 86  888 888 PRO PRO A . n 
A 1 87  VAL 87  889 889 VAL VAL A . n 
A 1 88  ILE 88  890 890 ILE ILE A . n 
A 1 89  LYS 89  891 891 LYS LYS A . n 
A 1 90  ILE 90  892 892 ILE ILE A . n 
A 1 91  LYS 91  893 893 LYS LYS A . n 
A 1 92  SER 92  894 894 SER SER A . n 
A 1 93  PHE 93  895 895 PHE PHE A . n 
A 1 94  VAL 94  896 896 VAL VAL A . n 
A 1 95  MET 95  897 897 MET MET A . n 
A 1 96  GLU 96  898 898 GLU GLU A . n 
A 1 97  SER 97  899 899 SER SER A . n 
A 1 98  THR 98  900 ?   ?   ?   A . n 
A 1 99  ALA 99  901 ?   ?   ?   A . n 
A 1 100 THR 100 902 ?   ?   ?   A . n 
A 1 101 GLY 101 903 ?   ?   ?   A . n 
A 1 102 THR 102 904 ?   ?   ?   A . n 
A 1 103 GLN 103 905 905 GLN GLN A . n 
A 1 104 MET 104 906 906 MET MET A . n 
A 1 105 ASP 105 907 907 ASP ASP A . n 
A 1 106 PHE 106 908 908 PHE PHE A . n 
A 1 107 GLN 107 909 909 GLN GLN A . n 
A 1 108 LYS 108 910 910 LYS LYS A . n 
A 1 109 TRP 109 911 911 TRP TRP A . n 
A 1 110 LYS 110 912 912 LYS LYS A . n 
A 1 111 SER 111 913 913 SER SER A . n 
A 1 112 ILE 112 914 914 ILE ILE A . n 
A 1 113 ASN 113 915 915 ASN ASN A . n 
A 1 114 SER 114 916 916 SER SER A . n 
A 1 115 SER 115 917 917 SER SER A . n 
A 1 116 LEU 116 918 918 LEU LEU A . n 
A 1 117 LYS 117 919 919 LYS LYS A . n 
A 1 118 ASN 118 920 920 ASN ASN A . n 
A 1 119 PHE 119 921 921 PHE PHE A . n 
A 1 120 ASP 120 922 922 ASP ASP A . n 
A 1 121 VAL 121 923 923 VAL VAL A . n 
A 1 122 GLU 122 924 924 GLU GLU A . n 
A 1 123 GLU 123 925 925 GLU GLU A . n 
A 1 124 MET 124 926 926 MET MET A . n 
A 1 125 SER 125 927 927 SER SER A . n 
A 1 126 ASN 126 928 928 ASN ASN A . n 
A 1 127 LEU 127 929 929 LEU LEU A . n 
A 1 128 TYR 128 930 930 TYR TYR A . n 
A 1 129 PRO 129 931 931 PRO PRO A . n 
A 1 130 PRO 130 932 932 PRO PRO A . n 
A 1 131 PHE 131 933 933 PHE PHE A . n 
# 
loop_
_pdbx_nonpoly_scheme.asym_id 
_pdbx_nonpoly_scheme.entity_id 
_pdbx_nonpoly_scheme.mon_id 
_pdbx_nonpoly_scheme.ndb_seq_num 
_pdbx_nonpoly_scheme.pdb_seq_num 
_pdbx_nonpoly_scheme.auth_seq_num 
_pdbx_nonpoly_scheme.pdb_mon_id 
_pdbx_nonpoly_scheme.auth_mon_id 
_pdbx_nonpoly_scheme.pdb_strand_id 
_pdbx_nonpoly_scheme.pdb_ins_code 
B 2 ZN  1   1000 1000 ZN  ZN  A . 
C 3 GOL 1   1934 1934 GOL GOL A . 
D 3 GOL 1   1935 1935 GOL GOL A . 
E 4 HOH 1   2001 2001 HOH HOH A . 
E 4 HOH 2   2002 2002 HOH HOH A . 
E 4 HOH 3   2003 2003 HOH HOH A . 
E 4 HOH 4   2004 2004 HOH HOH A . 
E 4 HOH 5   2005 2005 HOH HOH A . 
E 4 HOH 6   2006 2006 HOH HOH A . 
E 4 HOH 7   2007 2007 HOH HOH A . 
E 4 HOH 8   2008 2008 HOH HOH A . 
E 4 HOH 9   2009 2009 HOH HOH A . 
E 4 HOH 10  2010 2010 HOH HOH A . 
E 4 HOH 11  2011 2011 HOH HOH A . 
E 4 HOH 12  2012 2012 HOH HOH A . 
E 4 HOH 13  2013 2013 HOH HOH A . 
E 4 HOH 14  2014 2014 HOH HOH A . 
E 4 HOH 15  2015 2015 HOH HOH A . 
E 4 HOH 16  2016 2016 HOH HOH A . 
E 4 HOH 17  2017 2017 HOH HOH A . 
E 4 HOH 18  2018 2018 HOH HOH A . 
E 4 HOH 19  2019 2019 HOH HOH A . 
E 4 HOH 20  2020 2020 HOH HOH A . 
E 4 HOH 21  2021 2021 HOH HOH A . 
E 4 HOH 22  2022 2022 HOH HOH A . 
E 4 HOH 23  2023 2023 HOH HOH A . 
E 4 HOH 24  2024 2024 HOH HOH A . 
E 4 HOH 25  2025 2025 HOH HOH A . 
E 4 HOH 26  2026 2026 HOH HOH A . 
E 4 HOH 27  2027 2027 HOH HOH A . 
E 4 HOH 28  2028 2028 HOH HOH A . 
E 4 HOH 29  2029 2029 HOH HOH A . 
E 4 HOH 30  2030 2030 HOH HOH A . 
E 4 HOH 31  2031 2031 HOH HOH A . 
E 4 HOH 32  2032 2032 HOH HOH A . 
E 4 HOH 33  2033 2033 HOH HOH A . 
E 4 HOH 34  2034 2034 HOH HOH A . 
E 4 HOH 35  2035 2035 HOH HOH A . 
E 4 HOH 36  2036 2036 HOH HOH A . 
E 4 HOH 37  2037 2037 HOH HOH A . 
E 4 HOH 38  2038 2038 HOH HOH A . 
E 4 HOH 39  2039 2039 HOH HOH A . 
E 4 HOH 40  2040 2040 HOH HOH A . 
E 4 HOH 41  2041 2041 HOH HOH A . 
E 4 HOH 42  2042 2042 HOH HOH A . 
E 4 HOH 43  2043 2043 HOH HOH A . 
E 4 HOH 44  2044 2044 HOH HOH A . 
E 4 HOH 45  2045 2045 HOH HOH A . 
E 4 HOH 46  2046 2046 HOH HOH A . 
E 4 HOH 47  2047 2047 HOH HOH A . 
E 4 HOH 48  2048 2048 HOH HOH A . 
E 4 HOH 49  2049 2049 HOH HOH A . 
E 4 HOH 50  2050 2050 HOH HOH A . 
E 4 HOH 51  2051 2051 HOH HOH A . 
E 4 HOH 52  2052 2052 HOH HOH A . 
E 4 HOH 53  2053 2053 HOH HOH A . 
E 4 HOH 54  2054 2054 HOH HOH A . 
E 4 HOH 55  2055 2055 HOH HOH A . 
E 4 HOH 56  2056 2056 HOH HOH A . 
E 4 HOH 57  2057 2057 HOH HOH A . 
E 4 HOH 58  2058 2058 HOH HOH A . 
E 4 HOH 59  2059 2059 HOH HOH A . 
E 4 HOH 60  2060 2060 HOH HOH A . 
E 4 HOH 61  2061 2061 HOH HOH A . 
E 4 HOH 62  2062 2062 HOH HOH A . 
E 4 HOH 63  2063 2063 HOH HOH A . 
E 4 HOH 64  2064 2064 HOH HOH A . 
E 4 HOH 65  2065 2065 HOH HOH A . 
E 4 HOH 66  2066 2066 HOH HOH A . 
E 4 HOH 67  2067 2067 HOH HOH A . 
E 4 HOH 68  2068 2068 HOH HOH A . 
E 4 HOH 69  2069 2069 HOH HOH A . 
E 4 HOH 70  2070 2070 HOH HOH A . 
E 4 HOH 71  2071 2071 HOH HOH A . 
E 4 HOH 72  2072 2072 HOH HOH A . 
E 4 HOH 73  2073 2073 HOH HOH A . 
E 4 HOH 74  2074 2074 HOH HOH A . 
E 4 HOH 75  2075 2075 HOH HOH A . 
E 4 HOH 76  2076 2076 HOH HOH A . 
E 4 HOH 77  2077 2077 HOH HOH A . 
E 4 HOH 78  2078 2078 HOH HOH A . 
E 4 HOH 79  2079 2079 HOH HOH A . 
E 4 HOH 80  2080 2080 HOH HOH A . 
E 4 HOH 81  2081 2081 HOH HOH A . 
E 4 HOH 82  2082 2082 HOH HOH A . 
E 4 HOH 83  2083 2083 HOH HOH A . 
E 4 HOH 84  2084 2084 HOH HOH A . 
E 4 HOH 85  2085 2085 HOH HOH A . 
E 4 HOH 86  2086 2086 HOH HOH A . 
E 4 HOH 87  2087 2087 HOH HOH A . 
E 4 HOH 88  2088 2088 HOH HOH A . 
E 4 HOH 89  2089 2089 HOH HOH A . 
E 4 HOH 90  2090 2090 HOH HOH A . 
E 4 HOH 91  2091 2091 HOH HOH A . 
E 4 HOH 92  2092 2092 HOH HOH A . 
E 4 HOH 93  2093 2093 HOH HOH A . 
E 4 HOH 94  2094 2094 HOH HOH A . 
E 4 HOH 95  2095 2095 HOH HOH A . 
E 4 HOH 96  2096 2096 HOH HOH A . 
E 4 HOH 97  2097 2097 HOH HOH A . 
E 4 HOH 98  2098 2098 HOH HOH A . 
E 4 HOH 99  2099 2099 HOH HOH A . 
E 4 HOH 100 2100 2100 HOH HOH A . 
E 4 HOH 101 2101 2101 HOH HOH A . 
E 4 HOH 102 2102 2102 HOH HOH A . 
E 4 HOH 103 2103 2103 HOH HOH A . 
E 4 HOH 104 2104 2104 HOH HOH A . 
E 4 HOH 105 2105 2105 HOH HOH A . 
E 4 HOH 106 2106 2106 HOH HOH A . 
E 4 HOH 107 2107 2107 HOH HOH A . 
E 4 HOH 108 2108 2108 HOH HOH A . 
E 4 HOH 109 2109 2109 HOH HOH A . 
E 4 HOH 110 2110 2110 HOH HOH A . 
E 4 HOH 111 2111 2111 HOH HOH A . 
E 4 HOH 112 2112 2112 HOH HOH A . 
E 4 HOH 113 2113 2113 HOH HOH A . 
E 4 HOH 114 2114 2114 HOH HOH A . 
E 4 HOH 115 2115 2115 HOH HOH A . 
E 4 HOH 116 2116 2116 HOH HOH A . 
E 4 HOH 117 2117 2117 HOH HOH A . 
E 4 HOH 118 2118 2118 HOH HOH A . 
E 4 HOH 119 2119 2119 HOH HOH A . 
E 4 HOH 120 2120 2120 HOH HOH A . 
E 4 HOH 121 2121 2121 HOH HOH A . 
E 4 HOH 122 2122 2122 HOH HOH A . 
E 4 HOH 123 2123 2123 HOH HOH A . 
E 4 HOH 124 2124 2124 HOH HOH A . 
E 4 HOH 125 2125 2125 HOH HOH A . 
E 4 HOH 126 2126 2126 HOH HOH A . 
E 4 HOH 127 2127 2127 HOH HOH A . 
E 4 HOH 128 2128 2128 HOH HOH A . 
E 4 HOH 129 2129 2129 HOH HOH A . 
E 4 HOH 130 2130 2130 HOH HOH A . 
E 4 HOH 131 2131 2131 HOH HOH A . 
E 4 HOH 132 2132 2132 HOH HOH A . 
E 4 HOH 133 2133 2133 HOH HOH A . 
E 4 HOH 134 2134 2134 HOH HOH A . 
E 4 HOH 135 2135 2135 HOH HOH A . 
E 4 HOH 136 2136 2136 HOH HOH A . 
E 4 HOH 137 2137 2137 HOH HOH A . 
E 4 HOH 138 2138 2138 HOH HOH A . 
E 4 HOH 139 2139 2139 HOH HOH A . 
E 4 HOH 140 2140 2140 HOH HOH A . 
E 4 HOH 141 2141 2141 HOH HOH A . 
E 4 HOH 142 2142 2142 HOH HOH A . 
E 4 HOH 143 2143 2143 HOH HOH A . 
E 4 HOH 144 2144 2144 HOH HOH A . 
E 4 HOH 145 2145 2145 HOH HOH A . 
E 4 HOH 146 2146 2146 HOH HOH A . 
E 4 HOH 147 2147 2147 HOH HOH A . 
E 4 HOH 148 2148 2148 HOH HOH A . 
E 4 HOH 149 2149 2149 HOH HOH A . 
E 4 HOH 150 2150 2150 HOH HOH A . 
E 4 HOH 151 2151 2151 HOH HOH A . 
E 4 HOH 152 2152 2152 HOH HOH A . 
E 4 HOH 153 2153 2153 HOH HOH A . 
E 4 HOH 154 2154 2154 HOH HOH A . 
E 4 HOH 155 2155 2155 HOH HOH A . 
E 4 HOH 156 2156 2156 HOH HOH A . 
E 4 HOH 157 2157 2157 HOH HOH A . 
E 4 HOH 158 2158 2158 HOH HOH A . 
E 4 HOH 159 2159 2159 HOH HOH A . 
E 4 HOH 160 2160 2160 HOH HOH A . 
E 4 HOH 161 2161 2161 HOH HOH A . 
E 4 HOH 162 2162 2162 HOH HOH A . 
E 4 HOH 163 2163 2163 HOH HOH A . 
E 4 HOH 164 2164 2164 HOH HOH A . 
E 4 HOH 165 2165 2165 HOH HOH A . 
E 4 HOH 166 2166 2166 HOH HOH A . 
E 4 HOH 167 2167 2167 HOH HOH A . 
E 4 HOH 168 2168 2168 HOH HOH A . 
E 4 HOH 169 2169 2169 HOH HOH A . 
E 4 HOH 170 2170 2170 HOH HOH A . 
E 4 HOH 171 2171 2171 HOH HOH A . 
E 4 HOH 172 2172 2172 HOH HOH A . 
E 4 HOH 173 2173 2173 HOH HOH A . 
E 4 HOH 174 2174 2174 HOH HOH A . 
E 4 HOH 175 2175 2175 HOH HOH A . 
E 4 HOH 176 2176 2176 HOH HOH A . 
E 4 HOH 177 2177 2177 HOH HOH A . 
E 4 HOH 178 2178 2178 HOH HOH A . 
E 4 HOH 179 2179 2179 HOH HOH A . 
E 4 HOH 180 2180 2180 HOH HOH A . 
E 4 HOH 181 2181 2181 HOH HOH A . 
E 4 HOH 182 2182 2182 HOH HOH A . 
E 4 HOH 183 2183 2183 HOH HOH A . 
E 4 HOH 184 2184 2184 HOH HOH A . 
E 4 HOH 185 2185 2185 HOH HOH A . 
E 4 HOH 186 2186 2186 HOH HOH A . 
E 4 HOH 187 2187 2187 HOH HOH A . 
E 4 HOH 188 2188 2188 HOH HOH A . 
E 4 HOH 189 2189 2189 HOH HOH A . 
E 4 HOH 190 2190 2190 HOH HOH A . 
E 4 HOH 191 2191 2191 HOH HOH A . 
E 4 HOH 192 2192 2192 HOH HOH A . 
E 4 HOH 193 2193 2193 HOH HOH A . 
E 4 HOH 194 2194 2194 HOH HOH A . 
E 4 HOH 195 2195 2195 HOH HOH A . 
E 4 HOH 196 2196 2196 HOH HOH A . 
E 4 HOH 197 2197 2197 HOH HOH A . 
E 4 HOH 198 2198 2198 HOH HOH A . 
E 4 HOH 199 2199 2199 HOH HOH A . 
E 4 HOH 200 2200 2200 HOH HOH A . 
E 4 HOH 201 2201 2201 HOH HOH A . 
E 4 HOH 202 2202 2202 HOH HOH A . 
E 4 HOH 203 2203 2203 HOH HOH A . 
E 4 HOH 204 2204 2204 HOH HOH A . 
E 4 HOH 205 2205 2205 HOH HOH A . 
E 4 HOH 206 2206 2206 HOH HOH A . 
E 4 HOH 207 2207 2207 HOH HOH A . 
E 4 HOH 208 2208 2208 HOH HOH A . 
E 4 HOH 209 2209 2209 HOH HOH A . 
E 4 HOH 210 2210 2210 HOH HOH A . 
E 4 HOH 211 2211 2211 HOH HOH A . 
E 4 HOH 212 2212 2212 HOH HOH A . 
E 4 HOH 213 2213 2213 HOH HOH A . 
E 4 HOH 214 2214 2214 HOH HOH A . 
E 4 HOH 215 2215 2215 HOH HOH A . 
E 4 HOH 216 2216 2216 HOH HOH A . 
E 4 HOH 217 2217 2217 HOH HOH A . 
E 4 HOH 218 2218 2218 HOH HOH A . 
E 4 HOH 219 2219 2219 HOH HOH A . 
E 4 HOH 220 2220 2220 HOH HOH A . 
E 4 HOH 221 2221 2221 HOH HOH A . 
E 4 HOH 222 2222 2222 HOH HOH A . 
E 4 HOH 223 2223 2223 HOH HOH A . 
# 
loop_
_software.name 
_software.classification 
_software.version 
_software.citation_id 
_software.pdbx_ordinal 
REFMAC refinement       5.6.0116 ? 1 
XDS    'data reduction' .        ? 2 
XSCALE 'data scaling'   .        ? 3 
SHELX  phasing          .        ? 4 
# 
_cell.entry_id           4A2V 
_cell.length_a           54.320 
_cell.length_b           75.610 
_cell.length_c           38.610 
_cell.angle_alpha        90.00 
_cell.angle_beta         90.00 
_cell.angle_gamma        90.00 
_cell.Z_PDB              4 
_cell.pdbx_unique_axis   ? 
# 
_symmetry.entry_id                         4A2V 
_symmetry.space_group_name_H-M             'P 21 21 2' 
_symmetry.pdbx_full_space_group_name_H-M   ? 
_symmetry.cell_setting                     ? 
_symmetry.Int_Tables_number                18 
# 
_exptl.entry_id          4A2V 
_exptl.method            'X-RAY DIFFRACTION' 
_exptl.crystals_number   1 
# 
_exptl_crystal.id                    1 
_exptl_crystal.density_meas          ? 
_exptl_crystal.density_Matthews      2.61 
_exptl_crystal.density_percent_sol   53.8 
_exptl_crystal.description           'SAD USING STRUCTURAL ZINC ATOM' 
# 
_exptl_crystal_grow.crystal_id      1 
_exptl_crystal_grow.method          ? 
_exptl_crystal_grow.temp            ? 
_exptl_crystal_grow.temp_details    ? 
_exptl_crystal_grow.pH              ? 
_exptl_crystal_grow.pdbx_pH_range   ? 
_exptl_crystal_grow.pdbx_details    '25MG/ML WITH 0.1 M TRIS PH 8.6, 22% (W/V) PEG 6000' 
# 
_diffrn.id                     1 
_diffrn.ambient_temp           100 
_diffrn.ambient_temp_details   ? 
_diffrn.crystal_id             1 
# 
_diffrn_detector.diffrn_id              1 
_diffrn_detector.detector               CCD 
_diffrn_detector.type                   'ADSC QUANTUM 315' 
_diffrn_detector.pdbx_collection_date   2011-06-22 
_diffrn_detector.details                ? 
# 
_diffrn_radiation.diffrn_id                        1 
_diffrn_radiation.wavelength_id                    1 
_diffrn_radiation.pdbx_monochromatic_or_laue_m_l   M 
_diffrn_radiation.monochromator                    ? 
_diffrn_radiation.pdbx_diffrn_protocol             'SINGLE WAVELENGTH' 
_diffrn_radiation.pdbx_scattering_type             x-ray 
# 
_diffrn_radiation_wavelength.id           1 
_diffrn_radiation_wavelength.wavelength   0.939 
_diffrn_radiation_wavelength.wt           1.0 
# 
_diffrn_source.diffrn_id                   1 
_diffrn_source.source                      SYNCHROTRON 
_diffrn_source.type                        'ESRF BEAMLINE ID14-4' 
_diffrn_source.pdbx_synchrotron_site       ESRF 
_diffrn_source.pdbx_synchrotron_beamline   ID14-4 
_diffrn_source.pdbx_wavelength             0.939 
_diffrn_source.pdbx_wavelength_list        ? 
# 
_reflns.pdbx_diffrn_id               1 
_reflns.pdbx_ordinal                 1 
_reflns.entry_id                     4A2V 
_reflns.observed_criterion_sigma_I   0.0 
_reflns.observed_criterion_sigma_F   ? 
_reflns.d_resolution_low             50.00 
_reflns.d_resolution_high            1.45 
_reflns.number_obs                   29376 
_reflns.number_all                   ? 
_reflns.percent_possible_obs         97.5 
_reflns.pdbx_Rmerge_I_obs            0.04 
_reflns.pdbx_Rsym_value              ? 
_reflns.pdbx_netI_over_sigmaI        13.70 
_reflns.B_iso_Wilson_estimate        ? 
_reflns.pdbx_redundancy              4.13 
# 
_reflns_shell.pdbx_diffrn_id         1 
_reflns_shell.pdbx_ordinal           1 
_reflns_shell.d_res_high             1.45 
_reflns_shell.d_res_low              1.50 
_reflns_shell.percent_possible_all   88.1 
_reflns_shell.Rmerge_I_obs           0.23 
_reflns_shell.pdbx_Rsym_value        ? 
_reflns_shell.meanI_over_sigI_obs    3.20 
_reflns_shell.pdbx_redundancy        3.58 
# 
_refine.pdbx_refine_id                           'X-RAY DIFFRACTION' 
_refine.entry_id                                 4A2V 
_refine.pdbx_diffrn_id                           1 
_refine.pdbx_TLS_residual_ADP_flag               ? 
_refine.ls_number_reflns_obs                     27882 
_refine.ls_number_reflns_all                     ? 
_refine.pdbx_ls_sigma_I                          ? 
_refine.pdbx_ls_sigma_F                          . 
_refine.pdbx_data_cutoff_high_absF               ? 
_refine.pdbx_data_cutoff_low_absF                ? 
_refine.pdbx_data_cutoff_high_rms_absF           ? 
_refine.ls_d_res_low                             44.12 
_refine.ls_d_res_high                            1.44 
_refine.ls_percent_reflns_obs                    98.75 
_refine.ls_R_factor_obs                          0.17429 
_refine.ls_R_factor_all                          ? 
_refine.ls_R_factor_R_work                       0.17327 
_refine.ls_R_factor_R_free                       0.19352 
_refine.ls_R_factor_R_free_error                 ? 
_refine.ls_R_factor_R_free_error_details         ? 
_refine.ls_percent_reflns_R_free                 5.1 
_refine.ls_number_reflns_R_free                  1494 
_refine.ls_number_parameters                     ? 
_refine.ls_number_restraints                     ? 
_refine.occupancy_min                            ? 
_refine.occupancy_max                            ? 
_refine.correlation_coeff_Fo_to_Fc               0.960 
_refine.correlation_coeff_Fo_to_Fc_free          0.954 
_refine.B_iso_mean                               12.189 
_refine.aniso_B[1][1]                            0.00 
_refine.aniso_B[2][2]                            0.18 
_refine.aniso_B[3][3]                            -0.18 
_refine.aniso_B[1][2]                            0.00 
_refine.aniso_B[1][3]                            0.00 
_refine.aniso_B[2][3]                            0.00 
_refine.solvent_model_details                    MASK 
_refine.solvent_model_param_ksol                 ? 
_refine.solvent_model_param_bsol                 ? 
_refine.pdbx_solvent_vdw_probe_radii             1.20 
_refine.pdbx_solvent_ion_probe_radii             0.80 
_refine.pdbx_solvent_shrinkage_radii             0.80 
_refine.pdbx_ls_cross_valid_method               THROUGHOUT 
_refine.details                                  'HYDROGENS HAVE BEEN ADDED IN THE RIDING POSITIONS. U VALUES REFINED INDIVIDUALLY' 
_refine.pdbx_starting_model                      NONE 
_refine.pdbx_method_to_determine_struct          SAD 
_refine.pdbx_isotropic_thermal_model             ? 
_refine.pdbx_stereochemistry_target_values       'MAXIMUM LIKELIHOOD' 
_refine.pdbx_stereochem_target_val_spec_case     ? 
_refine.pdbx_R_Free_selection_details            RANDOM 
_refine.pdbx_overall_ESU_R                       0.062 
_refine.pdbx_overall_ESU_R_Free                  0.062 
_refine.overall_SU_ML                            0.035 
_refine.pdbx_overall_phase_error                 ? 
_refine.overall_SU_B                             0.868 
_refine.overall_SU_R_Cruickshank_DPI             ? 
_refine.pdbx_overall_SU_R_free_Cruickshank_DPI   ? 
_refine.pdbx_overall_SU_R_Blow_DPI               ? 
_refine.pdbx_overall_SU_R_free_Blow_DPI          ? 
# 
_refine_hist.pdbx_refine_id                   'X-RAY DIFFRACTION' 
_refine_hist.cycle_id                         LAST 
_refine_hist.pdbx_number_atoms_protein        1010 
_refine_hist.pdbx_number_atoms_nucleic_acid   0 
_refine_hist.pdbx_number_atoms_ligand         13 
_refine_hist.number_atoms_solvent             223 
_refine_hist.number_atoms_total               1246 
_refine_hist.d_res_high                       1.44 
_refine_hist.d_res_low                        44.12 
# 
loop_
_refine_ls_restr.type 
_refine_ls_restr.dev_ideal 
_refine_ls_restr.dev_ideal_target 
_refine_ls_restr.weight 
_refine_ls_restr.number 
_refine_ls_restr.pdbx_refine_id 
_refine_ls_restr.pdbx_restraint_function 
r_bond_refined_d             0.009  0.020  ? 1148 'X-RAY DIFFRACTION' ? 
r_bond_other_d               0.005  0.020  ? 841  'X-RAY DIFFRACTION' ? 
r_angle_refined_deg          1.388  1.955  ? 1550 'X-RAY DIFFRACTION' ? 
r_angle_other_deg            0.833  3.000  ? 2066 'X-RAY DIFFRACTION' ? 
r_dihedral_angle_1_deg       5.864  5.000  ? 145  'X-RAY DIFFRACTION' ? 
r_dihedral_angle_2_deg       39.100 24.444 ? 54   'X-RAY DIFFRACTION' ? 
r_dihedral_angle_3_deg       11.877 15.000 ? 235  'X-RAY DIFFRACTION' ? 
r_dihedral_angle_4_deg       24.526 15.000 ? 5    'X-RAY DIFFRACTION' ? 
r_chiral_restr               0.091  0.200  ? 160  'X-RAY DIFFRACTION' ? 
r_gen_planes_refined         0.006  0.020  ? 1259 'X-RAY DIFFRACTION' ? 
r_gen_planes_other           0.001  0.020  ? 238  'X-RAY DIFFRACTION' ? 
r_nbd_refined                ?      ?      ? ?    'X-RAY DIFFRACTION' ? 
r_nbd_other                  ?      ?      ? ?    'X-RAY DIFFRACTION' ? 
r_nbtor_refined              ?      ?      ? ?    'X-RAY DIFFRACTION' ? 
r_nbtor_other                ?      ?      ? ?    'X-RAY DIFFRACTION' ? 
r_xyhbond_nbd_refined        ?      ?      ? ?    'X-RAY DIFFRACTION' ? 
r_xyhbond_nbd_other          ?      ?      ? ?    'X-RAY DIFFRACTION' ? 
r_metal_ion_refined          ?      ?      ? ?    'X-RAY DIFFRACTION' ? 
r_metal_ion_other            ?      ?      ? ?    'X-RAY DIFFRACTION' ? 
r_symmetry_vdw_refined       ?      ?      ? ?    'X-RAY DIFFRACTION' ? 
r_symmetry_vdw_other         ?      ?      ? ?    'X-RAY DIFFRACTION' ? 
r_symmetry_hbond_refined     ?      ?      ? ?    'X-RAY DIFFRACTION' ? 
r_symmetry_hbond_other       ?      ?      ? ?    'X-RAY DIFFRACTION' ? 
r_symmetry_metal_ion_refined ?      ?      ? ?    'X-RAY DIFFRACTION' ? 
r_symmetry_metal_ion_other   ?      ?      ? ?    'X-RAY DIFFRACTION' ? 
r_mcbond_it                  ?      ?      ? ?    'X-RAY DIFFRACTION' ? 
r_mcbond_other               ?      ?      ? ?    'X-RAY DIFFRACTION' ? 
r_mcangle_it                 ?      ?      ? ?    'X-RAY DIFFRACTION' ? 
r_mcangle_other              ?      ?      ? ?    'X-RAY DIFFRACTION' ? 
r_scbond_it                  ?      ?      ? ?    'X-RAY DIFFRACTION' ? 
r_scbond_other               ?      ?      ? ?    'X-RAY DIFFRACTION' ? 
r_scangle_it                 ?      ?      ? ?    'X-RAY DIFFRACTION' ? 
r_scangle_other              ?      ?      ? ?    'X-RAY DIFFRACTION' ? 
r_long_range_B_refined       ?      ?      ? ?    'X-RAY DIFFRACTION' ? 
r_long_range_B_other         ?      ?      ? ?    'X-RAY DIFFRACTION' ? 
r_rigid_bond_restr           ?      ?      ? ?    'X-RAY DIFFRACTION' ? 
r_sphericity_free            ?      ?      ? ?    'X-RAY DIFFRACTION' ? 
r_sphericity_bonded          ?      ?      ? ?    'X-RAY DIFFRACTION' ? 
# 
_refine_ls_shell.pdbx_refine_id                   'X-RAY DIFFRACTION' 
_refine_ls_shell.pdbx_total_number_of_bins_used   20 
_refine_ls_shell.d_res_high                       1.436 
_refine_ls_shell.d_res_low                        1.473 
_refine_ls_shell.number_reflns_R_work             1703 
_refine_ls_shell.R_factor_R_work                  0.248 
_refine_ls_shell.percent_reflns_obs               88.40 
_refine_ls_shell.R_factor_R_free                  0.259 
_refine_ls_shell.R_factor_R_free_error            ? 
_refine_ls_shell.percent_reflns_R_free            ? 
_refine_ls_shell.number_reflns_R_free             80 
_refine_ls_shell.number_reflns_all                ? 
_refine_ls_shell.R_factor_all                     ? 
# 
_struct.entry_id                  4A2V 
_struct.title                     'Structure of duck RIG-I C-terminal domain (CTD)' 
_struct.pdbx_model_details        ? 
_struct.pdbx_CASP_flag            ? 
_struct.pdbx_model_type_details   ? 
# 
_struct_keywords.entry_id        4A2V 
_struct_keywords.pdbx_keywords   HYDROLASE 
_struct_keywords.text            'HYDROLASE, SUPERFAMILY 2 RNA HELICASE, ATP AND DSRNA BINDING, ANTIVIRAL SIGNALLING PATHWAY' 
# 
loop_
_struct_asym.id 
_struct_asym.pdbx_blank_PDB_chainid_flag 
_struct_asym.pdbx_modified 
_struct_asym.entity_id 
_struct_asym.details 
A N N 1 ? 
B N N 2 ? 
C N N 3 ? 
D N N 3 ? 
E N N 4 ? 
# 
_struct_ref.id                         1 
_struct_ref.db_name                    UNP 
_struct_ref.db_code                    D3TI84_ANAPL 
_struct_ref.entity_id                  1 
_struct_ref.pdbx_seq_one_letter_code   ? 
_struct_ref.pdbx_align_begin           ? 
_struct_ref.pdbx_db_accession          D3TI84 
_struct_ref.pdbx_db_isoform            ? 
# 
_struct_ref_seq.align_id                      1 
_struct_ref_seq.ref_id                        1 
_struct_ref_seq.pdbx_PDB_id_code              4A2V 
_struct_ref_seq.pdbx_strand_id                A 
_struct_ref_seq.seq_align_beg                 4 
_struct_ref_seq.pdbx_seq_align_beg_ins_code   ? 
_struct_ref_seq.seq_align_end                 131 
_struct_ref_seq.pdbx_seq_align_end_ins_code   ? 
_struct_ref_seq.pdbx_db_accession             D3TI84 
_struct_ref_seq.db_align_beg                  806 
_struct_ref_seq.pdbx_db_align_beg_ins_code    ? 
_struct_ref_seq.db_align_end                  933 
_struct_ref_seq.pdbx_db_align_end_ins_code    ? 
_struct_ref_seq.pdbx_auth_seq_align_beg       806 
_struct_ref_seq.pdbx_auth_seq_align_end       933 
# 
loop_
_struct_ref_seq_dif.align_id 
_struct_ref_seq_dif.pdbx_pdb_id_code 
_struct_ref_seq_dif.mon_id 
_struct_ref_seq_dif.pdbx_pdb_strand_id 
_struct_ref_seq_dif.seq_num 
_struct_ref_seq_dif.pdbx_pdb_ins_code 
_struct_ref_seq_dif.pdbx_seq_db_name 
_struct_ref_seq_dif.pdbx_seq_db_accession_code 
_struct_ref_seq_dif.db_mon_id 
_struct_ref_seq_dif.pdbx_seq_db_seq_num 
_struct_ref_seq_dif.details 
_struct_ref_seq_dif.pdbx_auth_seq_num 
_struct_ref_seq_dif.pdbx_ordinal 
1 4A2V GLY A 1 ? UNP D3TI84 ? ? 'expression tag' 803 1 
1 4A2V ALA A 2 ? UNP D3TI84 ? ? 'expression tag' 804 2 
1 4A2V MET A 3 ? UNP D3TI84 ? ? 'expression tag' 805 3 
# 
_pdbx_struct_assembly.id                   1 
_pdbx_struct_assembly.details              author_and_software_defined_assembly 
_pdbx_struct_assembly.method_details       PISA 
_pdbx_struct_assembly.oligomeric_details   monomeric 
_pdbx_struct_assembly.oligomeric_count     1 
# 
_pdbx_struct_assembly_gen.assembly_id       1 
_pdbx_struct_assembly_gen.oper_expression   1 
_pdbx_struct_assembly_gen.asym_id_list      A,B,C,D,E 
# 
_pdbx_struct_oper_list.id                   1 
_pdbx_struct_oper_list.type                 'identity operation' 
_pdbx_struct_oper_list.name                 1_555 
_pdbx_struct_oper_list.symmetry_operation   x,y,z 
_pdbx_struct_oper_list.matrix[1][1]         1.0000000000 
_pdbx_struct_oper_list.matrix[1][2]         0.0000000000 
_pdbx_struct_oper_list.matrix[1][3]         0.0000000000 
_pdbx_struct_oper_list.vector[1]            0.0000000000 
_pdbx_struct_oper_list.matrix[2][1]         0.0000000000 
_pdbx_struct_oper_list.matrix[2][2]         1.0000000000 
_pdbx_struct_oper_list.matrix[2][3]         0.0000000000 
_pdbx_struct_oper_list.vector[2]            0.0000000000 
_pdbx_struct_oper_list.matrix[3][1]         0.0000000000 
_pdbx_struct_oper_list.matrix[3][2]         0.0000000000 
_pdbx_struct_oper_list.matrix[3][3]         1.0000000000 
_pdbx_struct_oper_list.vector[3]            0.0000000000 
# 
_struct_biol.id   1 
# 
loop_
_struct_conf.conf_type_id 
_struct_conf.id 
_struct_conf.pdbx_PDB_helix_id 
_struct_conf.beg_label_comp_id 
_struct_conf.beg_label_asym_id 
_struct_conf.beg_label_seq_id 
_struct_conf.pdbx_beg_PDB_ins_code 
_struct_conf.end_label_comp_id 
_struct_conf.end_label_asym_id 
_struct_conf.end_label_seq_id 
_struct_conf.pdbx_end_PDB_ins_code 
_struct_conf.beg_auth_comp_id 
_struct_conf.beg_auth_asym_id 
_struct_conf.beg_auth_seq_id 
_struct_conf.end_auth_comp_id 
_struct_conf.end_auth_asym_id 
_struct_conf.end_auth_seq_id 
_struct_conf.pdbx_PDB_helix_class 
_struct_conf.details 
_struct_conf.pdbx_PDB_helix_length 
HELX_P HELX_P1 1 GLU A 36  ? GLU A 40  ? GLU A 838 GLU A 842 5 ? 5 
HELX_P HELX_P2 2 ASP A 105 ? ILE A 112 ? ASP A 907 ILE A 914 1 ? 8 
HELX_P HELX_P3 3 ASP A 120 ? TYR A 128 ? ASP A 922 TYR A 930 1 ? 9 
# 
_struct_conf_type.id          HELX_P 
_struct_conf_type.criteria    ? 
_struct_conf_type.reference   ? 
# 
loop_
_struct_conn.id 
_struct_conn.conn_type_id 
_struct_conn.pdbx_leaving_atom_flag 
_struct_conn.pdbx_PDB_id 
_struct_conn.ptnr1_label_asym_id 
_struct_conn.ptnr1_label_comp_id 
_struct_conn.ptnr1_label_seq_id 
_struct_conn.ptnr1_label_atom_id 
_struct_conn.pdbx_ptnr1_label_alt_id 
_struct_conn.pdbx_ptnr1_PDB_ins_code 
_struct_conn.pdbx_ptnr1_standard_comp_id 
_struct_conn.ptnr1_symmetry 
_struct_conn.ptnr2_label_asym_id 
_struct_conn.ptnr2_label_comp_id 
_struct_conn.ptnr2_label_seq_id 
_struct_conn.ptnr2_label_atom_id 
_struct_conn.pdbx_ptnr2_label_alt_id 
_struct_conn.pdbx_ptnr2_PDB_ins_code 
_struct_conn.ptnr1_auth_asym_id 
_struct_conn.ptnr1_auth_comp_id 
_struct_conn.ptnr1_auth_seq_id 
_struct_conn.ptnr2_auth_asym_id 
_struct_conn.ptnr2_auth_comp_id 
_struct_conn.ptnr2_auth_seq_id 
_struct_conn.ptnr2_symmetry 
_struct_conn.pdbx_ptnr3_label_atom_id 
_struct_conn.pdbx_ptnr3_label_seq_id 
_struct_conn.pdbx_ptnr3_label_comp_id 
_struct_conn.pdbx_ptnr3_label_asym_id 
_struct_conn.pdbx_ptnr3_label_alt_id 
_struct_conn.pdbx_ptnr3_PDB_ins_code 
_struct_conn.details 
_struct_conn.pdbx_dist_value 
_struct_conn.pdbx_value_order 
_struct_conn.pdbx_role 
metalc1 metalc ? ? A CYS 10 SG ? ? ? 1_555 B ZN . ZN ? ? A CYS 812 A ZN 1000 1_555 ? ? ? ? ? ? ? 2.364 ? ? 
metalc2 metalc ? ? A CYS 13 SG ? ? ? 1_555 B ZN . ZN ? ? A CYS 815 A ZN 1000 1_555 ? ? ? ? ? ? ? 2.320 ? ? 
metalc3 metalc ? ? A CYS 64 SG ? ? ? 1_555 B ZN . ZN ? ? A CYS 866 A ZN 1000 1_555 ? ? ? ? ? ? ? 2.359 ? ? 
metalc4 metalc ? ? A CYS 69 SG ? ? ? 1_555 B ZN . ZN ? ? A CYS 871 A ZN 1000 1_555 ? ? ? ? ? ? ? 2.329 ? ? 
# 
_struct_conn_type.id          metalc 
_struct_conn_type.criteria    ? 
_struct_conn_type.reference   ? 
# 
loop_
_pdbx_struct_conn_angle.id 
_pdbx_struct_conn_angle.ptnr1_label_atom_id 
_pdbx_struct_conn_angle.ptnr1_label_alt_id 
_pdbx_struct_conn_angle.ptnr1_label_asym_id 
_pdbx_struct_conn_angle.ptnr1_label_comp_id 
_pdbx_struct_conn_angle.ptnr1_label_seq_id 
_pdbx_struct_conn_angle.ptnr1_auth_atom_id 
_pdbx_struct_conn_angle.ptnr1_auth_asym_id 
_pdbx_struct_conn_angle.ptnr1_auth_comp_id 
_pdbx_struct_conn_angle.ptnr1_auth_seq_id 
_pdbx_struct_conn_angle.ptnr1_PDB_ins_code 
_pdbx_struct_conn_angle.ptnr1_symmetry 
_pdbx_struct_conn_angle.ptnr2_label_atom_id 
_pdbx_struct_conn_angle.ptnr2_label_alt_id 
_pdbx_struct_conn_angle.ptnr2_label_asym_id 
_pdbx_struct_conn_angle.ptnr2_label_comp_id 
_pdbx_struct_conn_angle.ptnr2_label_seq_id 
_pdbx_struct_conn_angle.ptnr2_auth_atom_id 
_pdbx_struct_conn_angle.ptnr2_auth_asym_id 
_pdbx_struct_conn_angle.ptnr2_auth_comp_id 
_pdbx_struct_conn_angle.ptnr2_auth_seq_id 
_pdbx_struct_conn_angle.ptnr2_PDB_ins_code 
_pdbx_struct_conn_angle.ptnr2_symmetry 
_pdbx_struct_conn_angle.ptnr3_label_atom_id 
_pdbx_struct_conn_angle.ptnr3_label_alt_id 
_pdbx_struct_conn_angle.ptnr3_label_asym_id 
_pdbx_struct_conn_angle.ptnr3_label_comp_id 
_pdbx_struct_conn_angle.ptnr3_label_seq_id 
_pdbx_struct_conn_angle.ptnr3_auth_atom_id 
_pdbx_struct_conn_angle.ptnr3_auth_asym_id 
_pdbx_struct_conn_angle.ptnr3_auth_comp_id 
_pdbx_struct_conn_angle.ptnr3_auth_seq_id 
_pdbx_struct_conn_angle.ptnr3_PDB_ins_code 
_pdbx_struct_conn_angle.ptnr3_symmetry 
_pdbx_struct_conn_angle.value 
_pdbx_struct_conn_angle.value_esd 
1 SG ? A CYS 10 ? A CYS 812 ? 1_555 ZN ? B ZN . ? A ZN 1000 ? 1_555 SG ? A CYS 13 ? A CYS 815 ? 1_555 110.5 ? 
2 SG ? A CYS 10 ? A CYS 812 ? 1_555 ZN ? B ZN . ? A ZN 1000 ? 1_555 SG ? A CYS 64 ? A CYS 866 ? 1_555 113.5 ? 
3 SG ? A CYS 13 ? A CYS 815 ? 1_555 ZN ? B ZN . ? A ZN 1000 ? 1_555 SG ? A CYS 64 ? A CYS 866 ? 1_555 107.1 ? 
4 SG ? A CYS 10 ? A CYS 812 ? 1_555 ZN ? B ZN . ? A ZN 1000 ? 1_555 SG ? A CYS 69 ? A CYS 871 ? 1_555 102.6 ? 
5 SG ? A CYS 13 ? A CYS 815 ? 1_555 ZN ? B ZN . ? A ZN 1000 ? 1_555 SG ? A CYS 69 ? A CYS 871 ? 1_555 109.7 ? 
6 SG ? A CYS 64 ? A CYS 866 ? 1_555 ZN ? B ZN . ? A ZN 1000 ? 1_555 SG ? A CYS 69 ? A CYS 871 ? 1_555 113.4 ? 
# 
loop_
_struct_sheet.id 
_struct_sheet.type 
_struct_sheet.number_strands 
_struct_sheet.details 
AA ? 3 ? 
AB ? 2 ? 
AC ? 4 ? 
# 
loop_
_struct_sheet_order.sheet_id 
_struct_sheet_order.range_id_1 
_struct_sheet_order.range_id_2 
_struct_sheet_order.offset 
_struct_sheet_order.sense 
AA 1 2 ? anti-parallel 
AA 2 3 ? anti-parallel 
AB 1 2 ? anti-parallel 
AC 1 2 ? anti-parallel 
AC 2 3 ? anti-parallel 
AC 3 4 ? anti-parallel 
# 
loop_
_struct_sheet_range.sheet_id 
_struct_sheet_range.id 
_struct_sheet_range.beg_label_comp_id 
_struct_sheet_range.beg_label_asym_id 
_struct_sheet_range.beg_label_seq_id 
_struct_sheet_range.pdbx_beg_PDB_ins_code 
_struct_sheet_range.end_label_comp_id 
_struct_sheet_range.end_label_asym_id 
_struct_sheet_range.end_label_seq_id 
_struct_sheet_range.pdbx_end_PDB_ins_code 
_struct_sheet_range.beg_auth_comp_id 
_struct_sheet_range.beg_auth_asym_id 
_struct_sheet_range.beg_auth_seq_id 
_struct_sheet_range.end_auth_comp_id 
_struct_sheet_range.end_auth_asym_id 
_struct_sheet_range.end_auth_seq_id 
AA 1 TYR A 16 ? SER A 19 ? TYR A 818 SER A 821 
AA 2 ASN A 7  ? CYS A 10 ? ASN A 809 CYS A 812 
AA 3 PHE A 93 ? MET A 95 ? PHE A 895 MET A 897 
AB 1 ILE A 23 ? ILE A 26 ? ILE A 825 ILE A 828 
AB 2 HIS A 30 ? VAL A 33 ? HIS A 832 VAL A 835 
AC 1 TYR A 42 ? PRO A 46 ? TYR A 844 PRO A 848 
AC 2 PHE A 56 ? CYS A 64 ? PHE A 858 CYS A 866 
AC 3 ASP A 72 ? TYR A 79 ? ASP A 874 TYR A 881 
AC 4 PHE A 82 ? ILE A 88 ? PHE A 884 ILE A 890 
# 
loop_
_pdbx_struct_sheet_hbond.sheet_id 
_pdbx_struct_sheet_hbond.range_id_1 
_pdbx_struct_sheet_hbond.range_id_2 
_pdbx_struct_sheet_hbond.range_1_label_atom_id 
_pdbx_struct_sheet_hbond.range_1_label_comp_id 
_pdbx_struct_sheet_hbond.range_1_label_asym_id 
_pdbx_struct_sheet_hbond.range_1_label_seq_id 
_pdbx_struct_sheet_hbond.range_1_PDB_ins_code 
_pdbx_struct_sheet_hbond.range_1_auth_atom_id 
_pdbx_struct_sheet_hbond.range_1_auth_comp_id 
_pdbx_struct_sheet_hbond.range_1_auth_asym_id 
_pdbx_struct_sheet_hbond.range_1_auth_seq_id 
_pdbx_struct_sheet_hbond.range_2_label_atom_id 
_pdbx_struct_sheet_hbond.range_2_label_comp_id 
_pdbx_struct_sheet_hbond.range_2_label_asym_id 
_pdbx_struct_sheet_hbond.range_2_label_seq_id 
_pdbx_struct_sheet_hbond.range_2_PDB_ins_code 
_pdbx_struct_sheet_hbond.range_2_auth_atom_id 
_pdbx_struct_sheet_hbond.range_2_auth_comp_id 
_pdbx_struct_sheet_hbond.range_2_auth_asym_id 
_pdbx_struct_sheet_hbond.range_2_auth_seq_id 
AA 1 2 N ALA A 17 ? N ALA A 819 O LEU A 8  ? O LEU A 810 
AA 2 3 N LEU A 9  ? N LEU A 811 O VAL A 94 ? O VAL A 896 
AB 1 2 N ILE A 26 ? N ILE A 828 O HIS A 30 ? O HIS A 832 
AC 1 2 N LYS A 45 ? N LYS A 847 O LYS A 61 ? O LYS A 863 
AC 2 3 O MET A 62 ? O MET A 864 N TRP A 73 ? N TRP A 875 
AC 3 4 N TYR A 79 ? N TYR A 881 O PHE A 82 ? O PHE A 884 
# 
loop_
_struct_site.id 
_struct_site.pdbx_evidence_code 
_struct_site.pdbx_auth_asym_id 
_struct_site.pdbx_auth_comp_id 
_struct_site.pdbx_auth_seq_id 
_struct_site.pdbx_auth_ins_code 
_struct_site.pdbx_num_residues 
_struct_site.details 
AC1 Software A ZN  1000 ? 4  'BINDING SITE FOR RESIDUE ZN A 1000'  
AC2 Software A GOL 1934 ? 10 'BINDING SITE FOR RESIDUE GOL A 1934' 
AC3 Software A GOL 1935 ? 7  'BINDING SITE FOR RESIDUE GOL A 1935' 
# 
loop_
_struct_site_gen.id 
_struct_site_gen.site_id 
_struct_site_gen.pdbx_num_res 
_struct_site_gen.label_comp_id 
_struct_site_gen.label_asym_id 
_struct_site_gen.label_seq_id 
_struct_site_gen.pdbx_auth_ins_code 
_struct_site_gen.auth_comp_id 
_struct_site_gen.auth_asym_id 
_struct_site_gen.auth_seq_id 
_struct_site_gen.label_atom_id 
_struct_site_gen.label_alt_id 
_struct_site_gen.symmetry 
_struct_site_gen.details 
1  AC1 4  CYS A 10 ? CYS A 812  . ? 1_555 ? 
2  AC1 4  CYS A 13 ? CYS A 815  . ? 1_555 ? 
3  AC1 4  CYS A 64 ? CYS A 866  . ? 1_555 ? 
4  AC1 4  CYS A 69 ? CYS A 871  . ? 1_555 ? 
5  AC2 10 LYS A 39 ? LYS A 841  . ? 1_555 ? 
6  AC2 10 PHE A 82 ? PHE A 884  . ? 1_555 ? 
7  AC2 10 ASP A 83 ? ASP A 885  . ? 1_555 ? 
8  AC2 10 ASN A 84 ? ASN A 886  . ? 1_555 ? 
9  AC2 10 LEU A 85 ? LEU A 887  . ? 1_555 ? 
10 AC2 10 PRO A 86 ? PRO A 888  . ? 1_555 ? 
11 AC2 10 HOH E .  ? HOH A 2077 . ? 1_555 ? 
12 AC2 10 HOH E .  ? HOH A 2083 . ? 1_555 ? 
13 AC2 10 HOH E .  ? HOH A 2149 . ? 1_555 ? 
14 AC2 10 HOH E .  ? HOH A 2220 . ? 1_555 ? 
15 AC3 7  SER A 29 ? SER A 831  . ? 1_555 ? 
16 AC3 7  HIS A 30 ? HIS A 832  . ? 1_555 ? 
17 AC3 7  GLU A 40 ? GLU A 842  . ? 4_457 ? 
18 AC3 7  VAL A 87 ? VAL A 889  . ? 1_555 ? 
19 AC3 7  HOH E .  ? HOH A 2075 . ? 1_555 ? 
20 AC3 7  HOH E .  ? HOH A 2222 . ? 1_555 ? 
21 AC3 7  HOH E .  ? HOH A 2223 . ? 1_555 ? 
# 
loop_
_pdbx_validate_close_contact.id 
_pdbx_validate_close_contact.PDB_model_num 
_pdbx_validate_close_contact.auth_atom_id_1 
_pdbx_validate_close_contact.auth_asym_id_1 
_pdbx_validate_close_contact.auth_comp_id_1 
_pdbx_validate_close_contact.auth_seq_id_1 
_pdbx_validate_close_contact.PDB_ins_code_1 
_pdbx_validate_close_contact.label_alt_id_1 
_pdbx_validate_close_contact.auth_atom_id_2 
_pdbx_validate_close_contact.auth_asym_id_2 
_pdbx_validate_close_contact.auth_comp_id_2 
_pdbx_validate_close_contact.auth_seq_id_2 
_pdbx_validate_close_contact.PDB_ins_code_2 
_pdbx_validate_close_contact.label_alt_id_2 
_pdbx_validate_close_contact.dist 
1 1 O  A HOH 2091 ? ? O A HOH 2092 ? ? 1.63 
2 1 NZ A LYS 860  ? B O A HOH 2119 ? ? 2.14 
3 1 O  A HOH 2069 ? ? O A HOH 2194 ? ? 2.15 
# 
loop_
_pdbx_validate_torsion.id 
_pdbx_validate_torsion.PDB_model_num 
_pdbx_validate_torsion.auth_comp_id 
_pdbx_validate_torsion.auth_asym_id 
_pdbx_validate_torsion.auth_seq_id 
_pdbx_validate_torsion.PDB_ins_code 
_pdbx_validate_torsion.label_alt_id 
_pdbx_validate_torsion.phi 
_pdbx_validate_torsion.psi 
1 1 ALA A 819 ? ? -103.31 -68.58  
2 1 SER A 831 ? ? -148.27 -57.70  
3 1 SER A 831 ? ? -148.77 -56.70  
4 1 HIS A 849 ? ? -157.34 79.60   
5 1 CYS A 871 ? ? -120.22 -67.45  
6 1 LEU A 882 ? ? 55.60   -128.94 
# 
_pdbx_entry_details.entry_id                 4A2V 
_pdbx_entry_details.compound_details         ? 
_pdbx_entry_details.source_details           ? 
_pdbx_entry_details.nonpolymer_details       
;GLYCEROL (GOL): FROM CRYOPROTECTANT
ZN (ZN): STRUCTURAL ZINC ATOM
;
_pdbx_entry_details.sequence_details         'ADDITIONAL GAM AT N-TERMINUS AFTER CLEAVAGE OF HIS-TAG' 
_pdbx_entry_details.has_ligand_of_interest   ? 
# 
loop_
_pdbx_unobs_or_zero_occ_residues.id 
_pdbx_unobs_or_zero_occ_residues.PDB_model_num 
_pdbx_unobs_or_zero_occ_residues.polymer_flag 
_pdbx_unobs_or_zero_occ_residues.occupancy_flag 
_pdbx_unobs_or_zero_occ_residues.auth_asym_id 
_pdbx_unobs_or_zero_occ_residues.auth_comp_id 
_pdbx_unobs_or_zero_occ_residues.auth_seq_id 
_pdbx_unobs_or_zero_occ_residues.PDB_ins_code 
_pdbx_unobs_or_zero_occ_residues.label_asym_id 
_pdbx_unobs_or_zero_occ_residues.label_comp_id 
_pdbx_unobs_or_zero_occ_residues.label_seq_id 
1 1 Y 1 A GLY 803 ? A GLY 1   
2 1 Y 1 A ALA 804 ? A ALA 2   
3 1 Y 1 A MET 805 ? A MET 3   
4 1 Y 1 A GLY 806 ? A GLY 4   
5 1 Y 1 A THR 900 ? A THR 98  
6 1 Y 1 A ALA 901 ? A ALA 99  
7 1 Y 1 A THR 902 ? A THR 100 
8 1 Y 1 A GLY 903 ? A GLY 101 
9 1 Y 1 A THR 904 ? A THR 102 
# 
loop_
_chem_comp_atom.comp_id 
_chem_comp_atom.atom_id 
_chem_comp_atom.type_symbol 
_chem_comp_atom.pdbx_aromatic_flag 
_chem_comp_atom.pdbx_stereo_config 
_chem_comp_atom.pdbx_ordinal 
ALA N    N  N N 1   
ALA CA   C  N S 2   
ALA C    C  N N 3   
ALA O    O  N N 4   
ALA CB   C  N N 5   
ALA OXT  O  N N 6   
ALA H    H  N N 7   
ALA H2   H  N N 8   
ALA HA   H  N N 9   
ALA HB1  H  N N 10  
ALA HB2  H  N N 11  
ALA HB3  H  N N 12  
ALA HXT  H  N N 13  
ARG N    N  N N 14  
ARG CA   C  N S 15  
ARG C    C  N N 16  
ARG O    O  N N 17  
ARG CB   C  N N 18  
ARG CG   C  N N 19  
ARG CD   C  N N 20  
ARG NE   N  N N 21  
ARG CZ   C  N N 22  
ARG NH1  N  N N 23  
ARG NH2  N  N N 24  
ARG OXT  O  N N 25  
ARG H    H  N N 26  
ARG H2   H  N N 27  
ARG HA   H  N N 28  
ARG HB2  H  N N 29  
ARG HB3  H  N N 30  
ARG HG2  H  N N 31  
ARG HG3  H  N N 32  
ARG HD2  H  N N 33  
ARG HD3  H  N N 34  
ARG HE   H  N N 35  
ARG HH11 H  N N 36  
ARG HH12 H  N N 37  
ARG HH21 H  N N 38  
ARG HH22 H  N N 39  
ARG HXT  H  N N 40  
ASN N    N  N N 41  
ASN CA   C  N S 42  
ASN C    C  N N 43  
ASN O    O  N N 44  
ASN CB   C  N N 45  
ASN CG   C  N N 46  
ASN OD1  O  N N 47  
ASN ND2  N  N N 48  
ASN OXT  O  N N 49  
ASN H    H  N N 50  
ASN H2   H  N N 51  
ASN HA   H  N N 52  
ASN HB2  H  N N 53  
ASN HB3  H  N N 54  
ASN HD21 H  N N 55  
ASN HD22 H  N N 56  
ASN HXT  H  N N 57  
ASP N    N  N N 58  
ASP CA   C  N S 59  
ASP C    C  N N 60  
ASP O    O  N N 61  
ASP CB   C  N N 62  
ASP CG   C  N N 63  
ASP OD1  O  N N 64  
ASP OD2  O  N N 65  
ASP OXT  O  N N 66  
ASP H    H  N N 67  
ASP H2   H  N N 68  
ASP HA   H  N N 69  
ASP HB2  H  N N 70  
ASP HB3  H  N N 71  
ASP HD2  H  N N 72  
ASP HXT  H  N N 73  
CYS N    N  N N 74  
CYS CA   C  N R 75  
CYS C    C  N N 76  
CYS O    O  N N 77  
CYS CB   C  N N 78  
CYS SG   S  N N 79  
CYS OXT  O  N N 80  
CYS H    H  N N 81  
CYS H2   H  N N 82  
CYS HA   H  N N 83  
CYS HB2  H  N N 84  
CYS HB3  H  N N 85  
CYS HG   H  N N 86  
CYS HXT  H  N N 87  
GLN N    N  N N 88  
GLN CA   C  N S 89  
GLN C    C  N N 90  
GLN O    O  N N 91  
GLN CB   C  N N 92  
GLN CG   C  N N 93  
GLN CD   C  N N 94  
GLN OE1  O  N N 95  
GLN NE2  N  N N 96  
GLN OXT  O  N N 97  
GLN H    H  N N 98  
GLN H2   H  N N 99  
GLN HA   H  N N 100 
GLN HB2  H  N N 101 
GLN HB3  H  N N 102 
GLN HG2  H  N N 103 
GLN HG3  H  N N 104 
GLN HE21 H  N N 105 
GLN HE22 H  N N 106 
GLN HXT  H  N N 107 
GLU N    N  N N 108 
GLU CA   C  N S 109 
GLU C    C  N N 110 
GLU O    O  N N 111 
GLU CB   C  N N 112 
GLU CG   C  N N 113 
GLU CD   C  N N 114 
GLU OE1  O  N N 115 
GLU OE2  O  N N 116 
GLU OXT  O  N N 117 
GLU H    H  N N 118 
GLU H2   H  N N 119 
GLU HA   H  N N 120 
GLU HB2  H  N N 121 
GLU HB3  H  N N 122 
GLU HG2  H  N N 123 
GLU HG3  H  N N 124 
GLU HE2  H  N N 125 
GLU HXT  H  N N 126 
GLY N    N  N N 127 
GLY CA   C  N N 128 
GLY C    C  N N 129 
GLY O    O  N N 130 
GLY OXT  O  N N 131 
GLY H    H  N N 132 
GLY H2   H  N N 133 
GLY HA2  H  N N 134 
GLY HA3  H  N N 135 
GLY HXT  H  N N 136 
GOL C1   C  N N 137 
GOL O1   O  N N 138 
GOL C2   C  N N 139 
GOL O2   O  N N 140 
GOL C3   C  N N 141 
GOL O3   O  N N 142 
GOL H11  H  N N 143 
GOL H12  H  N N 144 
GOL HO1  H  N N 145 
GOL H2   H  N N 146 
GOL HO2  H  N N 147 
GOL H31  H  N N 148 
GOL H32  H  N N 149 
GOL HO3  H  N N 150 
HIS N    N  N N 151 
HIS CA   C  N S 152 
HIS C    C  N N 153 
HIS O    O  N N 154 
HIS CB   C  N N 155 
HIS CG   C  Y N 156 
HIS ND1  N  Y N 157 
HIS CD2  C  Y N 158 
HIS CE1  C  Y N 159 
HIS NE2  N  Y N 160 
HIS OXT  O  N N 161 
HIS H    H  N N 162 
HIS H2   H  N N 163 
HIS HA   H  N N 164 
HIS HB2  H  N N 165 
HIS HB3  H  N N 166 
HIS HD1  H  N N 167 
HIS HD2  H  N N 168 
HIS HE1  H  N N 169 
HIS HE2  H  N N 170 
HIS HXT  H  N N 171 
HOH O    O  N N 172 
HOH H1   H  N N 173 
HOH H2   H  N N 174 
ILE N    N  N N 175 
ILE CA   C  N S 176 
ILE C    C  N N 177 
ILE O    O  N N 178 
ILE CB   C  N S 179 
ILE CG1  C  N N 180 
ILE CG2  C  N N 181 
ILE CD1  C  N N 182 
ILE OXT  O  N N 183 
ILE H    H  N N 184 
ILE H2   H  N N 185 
ILE HA   H  N N 186 
ILE HB   H  N N 187 
ILE HG12 H  N N 188 
ILE HG13 H  N N 189 
ILE HG21 H  N N 190 
ILE HG22 H  N N 191 
ILE HG23 H  N N 192 
ILE HD11 H  N N 193 
ILE HD12 H  N N 194 
ILE HD13 H  N N 195 
ILE HXT  H  N N 196 
LEU N    N  N N 197 
LEU CA   C  N S 198 
LEU C    C  N N 199 
LEU O    O  N N 200 
LEU CB   C  N N 201 
LEU CG   C  N N 202 
LEU CD1  C  N N 203 
LEU CD2  C  N N 204 
LEU OXT  O  N N 205 
LEU H    H  N N 206 
LEU H2   H  N N 207 
LEU HA   H  N N 208 
LEU HB2  H  N N 209 
LEU HB3  H  N N 210 
LEU HG   H  N N 211 
LEU HD11 H  N N 212 
LEU HD12 H  N N 213 
LEU HD13 H  N N 214 
LEU HD21 H  N N 215 
LEU HD22 H  N N 216 
LEU HD23 H  N N 217 
LEU HXT  H  N N 218 
LYS N    N  N N 219 
LYS CA   C  N S 220 
LYS C    C  N N 221 
LYS O    O  N N 222 
LYS CB   C  N N 223 
LYS CG   C  N N 224 
LYS CD   C  N N 225 
LYS CE   C  N N 226 
LYS NZ   N  N N 227 
LYS OXT  O  N N 228 
LYS H    H  N N 229 
LYS H2   H  N N 230 
LYS HA   H  N N 231 
LYS HB2  H  N N 232 
LYS HB3  H  N N 233 
LYS HG2  H  N N 234 
LYS HG3  H  N N 235 
LYS HD2  H  N N 236 
LYS HD3  H  N N 237 
LYS HE2  H  N N 238 
LYS HE3  H  N N 239 
LYS HZ1  H  N N 240 
LYS HZ2  H  N N 241 
LYS HZ3  H  N N 242 
LYS HXT  H  N N 243 
MET N    N  N N 244 
MET CA   C  N S 245 
MET C    C  N N 246 
MET O    O  N N 247 
MET CB   C  N N 248 
MET CG   C  N N 249 
MET SD   S  N N 250 
MET CE   C  N N 251 
MET OXT  O  N N 252 
MET H    H  N N 253 
MET H2   H  N N 254 
MET HA   H  N N 255 
MET HB2  H  N N 256 
MET HB3  H  N N 257 
MET HG2  H  N N 258 
MET HG3  H  N N 259 
MET HE1  H  N N 260 
MET HE2  H  N N 261 
MET HE3  H  N N 262 
MET HXT  H  N N 263 
PHE N    N  N N 264 
PHE CA   C  N S 265 
PHE C    C  N N 266 
PHE O    O  N N 267 
PHE CB   C  N N 268 
PHE CG   C  Y N 269 
PHE CD1  C  Y N 270 
PHE CD2  C  Y N 271 
PHE CE1  C  Y N 272 
PHE CE2  C  Y N 273 
PHE CZ   C  Y N 274 
PHE OXT  O  N N 275 
PHE H    H  N N 276 
PHE H2   H  N N 277 
PHE HA   H  N N 278 
PHE HB2  H  N N 279 
PHE HB3  H  N N 280 
PHE HD1  H  N N 281 
PHE HD2  H  N N 282 
PHE HE1  H  N N 283 
PHE HE2  H  N N 284 
PHE HZ   H  N N 285 
PHE HXT  H  N N 286 
PRO N    N  N N 287 
PRO CA   C  N S 288 
PRO C    C  N N 289 
PRO O    O  N N 290 
PRO CB   C  N N 291 
PRO CG   C  N N 292 
PRO CD   C  N N 293 
PRO OXT  O  N N 294 
PRO H    H  N N 295 
PRO HA   H  N N 296 
PRO HB2  H  N N 297 
PRO HB3  H  N N 298 
PRO HG2  H  N N 299 
PRO HG3  H  N N 300 
PRO HD2  H  N N 301 
PRO HD3  H  N N 302 
PRO HXT  H  N N 303 
SER N    N  N N 304 
SER CA   C  N S 305 
SER C    C  N N 306 
SER O    O  N N 307 
SER CB   C  N N 308 
SER OG   O  N N 309 
SER OXT  O  N N 310 
SER H    H  N N 311 
SER H2   H  N N 312 
SER HA   H  N N 313 
SER HB2  H  N N 314 
SER HB3  H  N N 315 
SER HG   H  N N 316 
SER HXT  H  N N 317 
THR N    N  N N 318 
THR CA   C  N S 319 
THR C    C  N N 320 
THR O    O  N N 321 
THR CB   C  N R 322 
THR OG1  O  N N 323 
THR CG2  C  N N 324 
THR OXT  O  N N 325 
THR H    H  N N 326 
THR H2   H  N N 327 
THR HA   H  N N 328 
THR HB   H  N N 329 
THR HG1  H  N N 330 
THR HG21 H  N N 331 
THR HG22 H  N N 332 
THR HG23 H  N N 333 
THR HXT  H  N N 334 
TRP N    N  N N 335 
TRP CA   C  N S 336 
TRP C    C  N N 337 
TRP O    O  N N 338 
TRP CB   C  N N 339 
TRP CG   C  Y N 340 
TRP CD1  C  Y N 341 
TRP CD2  C  Y N 342 
TRP NE1  N  Y N 343 
TRP CE2  C  Y N 344 
TRP CE3  C  Y N 345 
TRP CZ2  C  Y N 346 
TRP CZ3  C  Y N 347 
TRP CH2  C  Y N 348 
TRP OXT  O  N N 349 
TRP H    H  N N 350 
TRP H2   H  N N 351 
TRP HA   H  N N 352 
TRP HB2  H  N N 353 
TRP HB3  H  N N 354 
TRP HD1  H  N N 355 
TRP HE1  H  N N 356 
TRP HE3  H  N N 357 
TRP HZ2  H  N N 358 
TRP HZ3  H  N N 359 
TRP HH2  H  N N 360 
TRP HXT  H  N N 361 
TYR N    N  N N 362 
TYR CA   C  N S 363 
TYR C    C  N N 364 
TYR O    O  N N 365 
TYR CB   C  N N 366 
TYR CG   C  Y N 367 
TYR CD1  C  Y N 368 
TYR CD2  C  Y N 369 
TYR CE1  C  Y N 370 
TYR CE2  C  Y N 371 
TYR CZ   C  Y N 372 
TYR OH   O  N N 373 
TYR OXT  O  N N 374 
TYR H    H  N N 375 
TYR H2   H  N N 376 
TYR HA   H  N N 377 
TYR HB2  H  N N 378 
TYR HB3  H  N N 379 
TYR HD1  H  N N 380 
TYR HD2  H  N N 381 
TYR HE1  H  N N 382 
TYR HE2  H  N N 383 
TYR HH   H  N N 384 
TYR HXT  H  N N 385 
VAL N    N  N N 386 
VAL CA   C  N S 387 
VAL C    C  N N 388 
VAL O    O  N N 389 
VAL CB   C  N N 390 
VAL CG1  C  N N 391 
VAL CG2  C  N N 392 
VAL OXT  O  N N 393 
VAL H    H  N N 394 
VAL H2   H  N N 395 
VAL HA   H  N N 396 
VAL HB   H  N N 397 
VAL HG11 H  N N 398 
VAL HG12 H  N N 399 
VAL HG13 H  N N 400 
VAL HG21 H  N N 401 
VAL HG22 H  N N 402 
VAL HG23 H  N N 403 
VAL HXT  H  N N 404 
ZN  ZN   ZN N N 405 
# 
loop_
_chem_comp_bond.comp_id 
_chem_comp_bond.atom_id_1 
_chem_comp_bond.atom_id_2 
_chem_comp_bond.value_order 
_chem_comp_bond.pdbx_aromatic_flag 
_chem_comp_bond.pdbx_stereo_config 
_chem_comp_bond.pdbx_ordinal 
ALA N   CA   sing N N 1   
ALA N   H    sing N N 2   
ALA N   H2   sing N N 3   
ALA CA  C    sing N N 4   
ALA CA  CB   sing N N 5   
ALA CA  HA   sing N N 6   
ALA C   O    doub N N 7   
ALA C   OXT  sing N N 8   
ALA CB  HB1  sing N N 9   
ALA CB  HB2  sing N N 10  
ALA CB  HB3  sing N N 11  
ALA OXT HXT  sing N N 12  
ARG N   CA   sing N N 13  
ARG N   H    sing N N 14  
ARG N   H2   sing N N 15  
ARG CA  C    sing N N 16  
ARG CA  CB   sing N N 17  
ARG CA  HA   sing N N 18  
ARG C   O    doub N N 19  
ARG C   OXT  sing N N 20  
ARG CB  CG   sing N N 21  
ARG CB  HB2  sing N N 22  
ARG CB  HB3  sing N N 23  
ARG CG  CD   sing N N 24  
ARG CG  HG2  sing N N 25  
ARG CG  HG3  sing N N 26  
ARG CD  NE   sing N N 27  
ARG CD  HD2  sing N N 28  
ARG CD  HD3  sing N N 29  
ARG NE  CZ   sing N N 30  
ARG NE  HE   sing N N 31  
ARG CZ  NH1  sing N N 32  
ARG CZ  NH2  doub N N 33  
ARG NH1 HH11 sing N N 34  
ARG NH1 HH12 sing N N 35  
ARG NH2 HH21 sing N N 36  
ARG NH2 HH22 sing N N 37  
ARG OXT HXT  sing N N 38  
ASN N   CA   sing N N 39  
ASN N   H    sing N N 40  
ASN N   H2   sing N N 41  
ASN CA  C    sing N N 42  
ASN CA  CB   sing N N 43  
ASN CA  HA   sing N N 44  
ASN C   O    doub N N 45  
ASN C   OXT  sing N N 46  
ASN CB  CG   sing N N 47  
ASN CB  HB2  sing N N 48  
ASN CB  HB3  sing N N 49  
ASN CG  OD1  doub N N 50  
ASN CG  ND2  sing N N 51  
ASN ND2 HD21 sing N N 52  
ASN ND2 HD22 sing N N 53  
ASN OXT HXT  sing N N 54  
ASP N   CA   sing N N 55  
ASP N   H    sing N N 56  
ASP N   H2   sing N N 57  
ASP CA  C    sing N N 58  
ASP CA  CB   sing N N 59  
ASP CA  HA   sing N N 60  
ASP C   O    doub N N 61  
ASP C   OXT  sing N N 62  
ASP CB  CG   sing N N 63  
ASP CB  HB2  sing N N 64  
ASP CB  HB3  sing N N 65  
ASP CG  OD1  doub N N 66  
ASP CG  OD2  sing N N 67  
ASP OD2 HD2  sing N N 68  
ASP OXT HXT  sing N N 69  
CYS N   CA   sing N N 70  
CYS N   H    sing N N 71  
CYS N   H2   sing N N 72  
CYS CA  C    sing N N 73  
CYS CA  CB   sing N N 74  
CYS CA  HA   sing N N 75  
CYS C   O    doub N N 76  
CYS C   OXT  sing N N 77  
CYS CB  SG   sing N N 78  
CYS CB  HB2  sing N N 79  
CYS CB  HB3  sing N N 80  
CYS SG  HG   sing N N 81  
CYS OXT HXT  sing N N 82  
GLN N   CA   sing N N 83  
GLN N   H    sing N N 84  
GLN N   H2   sing N N 85  
GLN CA  C    sing N N 86  
GLN CA  CB   sing N N 87  
GLN CA  HA   sing N N 88  
GLN C   O    doub N N 89  
GLN C   OXT  sing N N 90  
GLN CB  CG   sing N N 91  
GLN CB  HB2  sing N N 92  
GLN CB  HB3  sing N N 93  
GLN CG  CD   sing N N 94  
GLN CG  HG2  sing N N 95  
GLN CG  HG3  sing N N 96  
GLN CD  OE1  doub N N 97  
GLN CD  NE2  sing N N 98  
GLN NE2 HE21 sing N N 99  
GLN NE2 HE22 sing N N 100 
GLN OXT HXT  sing N N 101 
GLU N   CA   sing N N 102 
GLU N   H    sing N N 103 
GLU N   H2   sing N N 104 
GLU CA  C    sing N N 105 
GLU CA  CB   sing N N 106 
GLU CA  HA   sing N N 107 
GLU C   O    doub N N 108 
GLU C   OXT  sing N N 109 
GLU CB  CG   sing N N 110 
GLU CB  HB2  sing N N 111 
GLU CB  HB3  sing N N 112 
GLU CG  CD   sing N N 113 
GLU CG  HG2  sing N N 114 
GLU CG  HG3  sing N N 115 
GLU CD  OE1  doub N N 116 
GLU CD  OE2  sing N N 117 
GLU OE2 HE2  sing N N 118 
GLU OXT HXT  sing N N 119 
GLY N   CA   sing N N 120 
GLY N   H    sing N N 121 
GLY N   H2   sing N N 122 
GLY CA  C    sing N N 123 
GLY CA  HA2  sing N N 124 
GLY CA  HA3  sing N N 125 
GLY C   O    doub N N 126 
GLY C   OXT  sing N N 127 
GLY OXT HXT  sing N N 128 
GOL C1  O1   sing N N 129 
GOL C1  C2   sing N N 130 
GOL C1  H11  sing N N 131 
GOL C1  H12  sing N N 132 
GOL O1  HO1  sing N N 133 
GOL C2  O2   sing N N 134 
GOL C2  C3   sing N N 135 
GOL C2  H2   sing N N 136 
GOL O2  HO2  sing N N 137 
GOL C3  O3   sing N N 138 
GOL C3  H31  sing N N 139 
GOL C3  H32  sing N N 140 
GOL O3  HO3  sing N N 141 
HIS N   CA   sing N N 142 
HIS N   H    sing N N 143 
HIS N   H2   sing N N 144 
HIS CA  C    sing N N 145 
HIS CA  CB   sing N N 146 
HIS CA  HA   sing N N 147 
HIS C   O    doub N N 148 
HIS C   OXT  sing N N 149 
HIS CB  CG   sing N N 150 
HIS CB  HB2  sing N N 151 
HIS CB  HB3  sing N N 152 
HIS CG  ND1  sing Y N 153 
HIS CG  CD2  doub Y N 154 
HIS ND1 CE1  doub Y N 155 
HIS ND1 HD1  sing N N 156 
HIS CD2 NE2  sing Y N 157 
HIS CD2 HD2  sing N N 158 
HIS CE1 NE2  sing Y N 159 
HIS CE1 HE1  sing N N 160 
HIS NE2 HE2  sing N N 161 
HIS OXT HXT  sing N N 162 
HOH O   H1   sing N N 163 
HOH O   H2   sing N N 164 
ILE N   CA   sing N N 165 
ILE N   H    sing N N 166 
ILE N   H2   sing N N 167 
ILE CA  C    sing N N 168 
ILE CA  CB   sing N N 169 
ILE CA  HA   sing N N 170 
ILE C   O    doub N N 171 
ILE C   OXT  sing N N 172 
ILE CB  CG1  sing N N 173 
ILE CB  CG2  sing N N 174 
ILE CB  HB   sing N N 175 
ILE CG1 CD1  sing N N 176 
ILE CG1 HG12 sing N N 177 
ILE CG1 HG13 sing N N 178 
ILE CG2 HG21 sing N N 179 
ILE CG2 HG22 sing N N 180 
ILE CG2 HG23 sing N N 181 
ILE CD1 HD11 sing N N 182 
ILE CD1 HD12 sing N N 183 
ILE CD1 HD13 sing N N 184 
ILE OXT HXT  sing N N 185 
LEU N   CA   sing N N 186 
LEU N   H    sing N N 187 
LEU N   H2   sing N N 188 
LEU CA  C    sing N N 189 
LEU CA  CB   sing N N 190 
LEU CA  HA   sing N N 191 
LEU C   O    doub N N 192 
LEU C   OXT  sing N N 193 
LEU CB  CG   sing N N 194 
LEU CB  HB2  sing N N 195 
LEU CB  HB3  sing N N 196 
LEU CG  CD1  sing N N 197 
LEU CG  CD2  sing N N 198 
LEU CG  HG   sing N N 199 
LEU CD1 HD11 sing N N 200 
LEU CD1 HD12 sing N N 201 
LEU CD1 HD13 sing N N 202 
LEU CD2 HD21 sing N N 203 
LEU CD2 HD22 sing N N 204 
LEU CD2 HD23 sing N N 205 
LEU OXT HXT  sing N N 206 
LYS N   CA   sing N N 207 
LYS N   H    sing N N 208 
LYS N   H2   sing N N 209 
LYS CA  C    sing N N 210 
LYS CA  CB   sing N N 211 
LYS CA  HA   sing N N 212 
LYS C   O    doub N N 213 
LYS C   OXT  sing N N 214 
LYS CB  CG   sing N N 215 
LYS CB  HB2  sing N N 216 
LYS CB  HB3  sing N N 217 
LYS CG  CD   sing N N 218 
LYS CG  HG2  sing N N 219 
LYS CG  HG3  sing N N 220 
LYS CD  CE   sing N N 221 
LYS CD  HD2  sing N N 222 
LYS CD  HD3  sing N N 223 
LYS CE  NZ   sing N N 224 
LYS CE  HE2  sing N N 225 
LYS CE  HE3  sing N N 226 
LYS NZ  HZ1  sing N N 227 
LYS NZ  HZ2  sing N N 228 
LYS NZ  HZ3  sing N N 229 
LYS OXT HXT  sing N N 230 
MET N   CA   sing N N 231 
MET N   H    sing N N 232 
MET N   H2   sing N N 233 
MET CA  C    sing N N 234 
MET CA  CB   sing N N 235 
MET CA  HA   sing N N 236 
MET C   O    doub N N 237 
MET C   OXT  sing N N 238 
MET CB  CG   sing N N 239 
MET CB  HB2  sing N N 240 
MET CB  HB3  sing N N 241 
MET CG  SD   sing N N 242 
MET CG  HG2  sing N N 243 
MET CG  HG3  sing N N 244 
MET SD  CE   sing N N 245 
MET CE  HE1  sing N N 246 
MET CE  HE2  sing N N 247 
MET CE  HE3  sing N N 248 
MET OXT HXT  sing N N 249 
PHE N   CA   sing N N 250 
PHE N   H    sing N N 251 
PHE N   H2   sing N N 252 
PHE CA  C    sing N N 253 
PHE CA  CB   sing N N 254 
PHE CA  HA   sing N N 255 
PHE C   O    doub N N 256 
PHE C   OXT  sing N N 257 
PHE CB  CG   sing N N 258 
PHE CB  HB2  sing N N 259 
PHE CB  HB3  sing N N 260 
PHE CG  CD1  doub Y N 261 
PHE CG  CD2  sing Y N 262 
PHE CD1 CE1  sing Y N 263 
PHE CD1 HD1  sing N N 264 
PHE CD2 CE2  doub Y N 265 
PHE CD2 HD2  sing N N 266 
PHE CE1 CZ   doub Y N 267 
PHE CE1 HE1  sing N N 268 
PHE CE2 CZ   sing Y N 269 
PHE CE2 HE2  sing N N 270 
PHE CZ  HZ   sing N N 271 
PHE OXT HXT  sing N N 272 
PRO N   CA   sing N N 273 
PRO N   CD   sing N N 274 
PRO N   H    sing N N 275 
PRO CA  C    sing N N 276 
PRO CA  CB   sing N N 277 
PRO CA  HA   sing N N 278 
PRO C   O    doub N N 279 
PRO C   OXT  sing N N 280 
PRO CB  CG   sing N N 281 
PRO CB  HB2  sing N N 282 
PRO CB  HB3  sing N N 283 
PRO CG  CD   sing N N 284 
PRO CG  HG2  sing N N 285 
PRO CG  HG3  sing N N 286 
PRO CD  HD2  sing N N 287 
PRO CD  HD3  sing N N 288 
PRO OXT HXT  sing N N 289 
SER N   CA   sing N N 290 
SER N   H    sing N N 291 
SER N   H2   sing N N 292 
SER CA  C    sing N N 293 
SER CA  CB   sing N N 294 
SER CA  HA   sing N N 295 
SER C   O    doub N N 296 
SER C   OXT  sing N N 297 
SER CB  OG   sing N N 298 
SER CB  HB2  sing N N 299 
SER CB  HB3  sing N N 300 
SER OG  HG   sing N N 301 
SER OXT HXT  sing N N 302 
THR N   CA   sing N N 303 
THR N   H    sing N N 304 
THR N   H2   sing N N 305 
THR CA  C    sing N N 306 
THR CA  CB   sing N N 307 
THR CA  HA   sing N N 308 
THR C   O    doub N N 309 
THR C   OXT  sing N N 310 
THR CB  OG1  sing N N 311 
THR CB  CG2  sing N N 312 
THR CB  HB   sing N N 313 
THR OG1 HG1  sing N N 314 
THR CG2 HG21 sing N N 315 
THR CG2 HG22 sing N N 316 
THR CG2 HG23 sing N N 317 
THR OXT HXT  sing N N 318 
TRP N   CA   sing N N 319 
TRP N   H    sing N N 320 
TRP N   H2   sing N N 321 
TRP CA  C    sing N N 322 
TRP CA  CB   sing N N 323 
TRP CA  HA   sing N N 324 
TRP C   O    doub N N 325 
TRP C   OXT  sing N N 326 
TRP CB  CG   sing N N 327 
TRP CB  HB2  sing N N 328 
TRP CB  HB3  sing N N 329 
TRP CG  CD1  doub Y N 330 
TRP CG  CD2  sing Y N 331 
TRP CD1 NE1  sing Y N 332 
TRP CD1 HD1  sing N N 333 
TRP CD2 CE2  doub Y N 334 
TRP CD2 CE3  sing Y N 335 
TRP NE1 CE2  sing Y N 336 
TRP NE1 HE1  sing N N 337 
TRP CE2 CZ2  sing Y N 338 
TRP CE3 CZ3  doub Y N 339 
TRP CE3 HE3  sing N N 340 
TRP CZ2 CH2  doub Y N 341 
TRP CZ2 HZ2  sing N N 342 
TRP CZ3 CH2  sing Y N 343 
TRP CZ3 HZ3  sing N N 344 
TRP CH2 HH2  sing N N 345 
TRP OXT HXT  sing N N 346 
TYR N   CA   sing N N 347 
TYR N   H    sing N N 348 
TYR N   H2   sing N N 349 
TYR CA  C    sing N N 350 
TYR CA  CB   sing N N 351 
TYR CA  HA   sing N N 352 
TYR C   O    doub N N 353 
TYR C   OXT  sing N N 354 
TYR CB  CG   sing N N 355 
TYR CB  HB2  sing N N 356 
TYR CB  HB3  sing N N 357 
TYR CG  CD1  doub Y N 358 
TYR CG  CD2  sing Y N 359 
TYR CD1 CE1  sing Y N 360 
TYR CD1 HD1  sing N N 361 
TYR CD2 CE2  doub Y N 362 
TYR CD2 HD2  sing N N 363 
TYR CE1 CZ   doub Y N 364 
TYR CE1 HE1  sing N N 365 
TYR CE2 CZ   sing Y N 366 
TYR CE2 HE2  sing N N 367 
TYR CZ  OH   sing N N 368 
TYR OH  HH   sing N N 369 
TYR OXT HXT  sing N N 370 
VAL N   CA   sing N N 371 
VAL N   H    sing N N 372 
VAL N   H2   sing N N 373 
VAL CA  C    sing N N 374 
VAL CA  CB   sing N N 375 
VAL CA  HA   sing N N 376 
VAL C   O    doub N N 377 
VAL C   OXT  sing N N 378 
VAL CB  CG1  sing N N 379 
VAL CB  CG2  sing N N 380 
VAL CB  HB   sing N N 381 
VAL CG1 HG11 sing N N 382 
VAL CG1 HG12 sing N N 383 
VAL CG1 HG13 sing N N 384 
VAL CG2 HG21 sing N N 385 
VAL CG2 HG22 sing N N 386 
VAL CG2 HG23 sing N N 387 
VAL OXT HXT  sing N N 388 
# 
_atom_sites.entry_id                    4A2V 
_atom_sites.fract_transf_matrix[1][1]   0.01430414 
_atom_sites.fract_transf_matrix[1][2]   0.01071823 
_atom_sites.fract_transf_matrix[1][3]   0.00440481 
_atom_sites.fract_transf_matrix[2][1]   0.00789453 
_atom_sites.fract_transf_matrix[2][2]   -0.00741694 
_atom_sites.fract_transf_matrix[2][3]   -0.00758897 
_atom_sites.fract_transf_matrix[3][1]   -0.00517731 
_atom_sites.fract_transf_matrix[3][2]   0.01524653 
_atom_sites.fract_transf_matrix[3][3]   -0.02028667 
_atom_sites.fract_transf_vector[1]      0.557817 
_atom_sites.fract_transf_vector[2]      0.235390 
_atom_sites.fract_transf_vector[3]      0.903189 
# 
loop_
_atom_type.symbol 
C  
N  
O  
S  
ZN 
# 
loop_
_atom_site.group_PDB 
_atom_site.id 
_atom_site.type_symbol 
_atom_site.label_atom_id 
_atom_site.label_alt_id 
_atom_site.label_comp_id 
_atom_site.label_asym_id 
_atom_site.label_entity_id 
_atom_site.label_seq_id 
_atom_site.pdbx_PDB_ins_code 
_atom_site.Cartn_x 
_atom_site.Cartn_y 
_atom_site.Cartn_z 
_atom_site.occupancy 
_atom_site.B_iso_or_equiv 
_atom_site.pdbx_formal_charge 
_atom_site.auth_seq_id 
_atom_site.auth_comp_id 
_atom_site.auth_asym_id 
_atom_site.auth_atom_id 
_atom_site.pdbx_PDB_model_num 
ATOM   1    N  N   . GLN A 1 5   ? 9.779   -2.014  11.581  1.00 27.29 ? 807  GLN A N   1 
ATOM   2    C  CA  . GLN A 1 5   ? 10.616  -3.182  11.963  1.00 26.02 ? 807  GLN A CA  1 
ATOM   3    C  C   . GLN A 1 5   ? 11.324  -3.815  10.755  1.00 22.20 ? 807  GLN A C   1 
ATOM   4    O  O   . GLN A 1 5   ? 12.533  -3.968  10.797  1.00 22.54 ? 807  GLN A O   1 
ATOM   5    C  CB  . GLN A 1 5   ? 9.787   -4.224  12.729  1.00 29.86 ? 807  GLN A CB  1 
ATOM   6    C  CG  . GLN A 1 5   ? 10.472  -5.575  12.992  1.00 31.30 ? 807  GLN A CG  1 
ATOM   7    C  CD  . GLN A 1 5   ? 9.479   -6.718  13.243  1.00 35.17 ? 807  GLN A CD  1 
ATOM   8    O  OE1 . GLN A 1 5   ? 9.875   -7.850  13.543  1.00 37.07 ? 807  GLN A OE1 1 
ATOM   9    N  NE2 . GLN A 1 5   ? 8.178   -6.418  13.131  1.00 41.56 ? 807  GLN A NE2 1 
ATOM   10   N  N   . LYS A 1 6   ? 10.603  -4.184  9.682   1.00 17.36 ? 808  LYS A N   1 
ATOM   11   C  CA  . LYS A 1 6   ? 11.261  -4.810  8.514   1.00 15.47 ? 808  LYS A CA  1 
ATOM   12   C  C   . LYS A 1 6   ? 10.891  -4.138  7.204   1.00 13.29 ? 808  LYS A C   1 
ATOM   13   O  O   . LYS A 1 6   ? 9.823   -3.560  7.079   1.00 12.87 ? 808  LYS A O   1 
ATOM   14   C  CB  . LYS A 1 6   ? 10.907  -6.291  8.394   1.00 16.42 ? 808  LYS A CB  1 
ATOM   15   C  CG  . LYS A 1 6   ? 11.252  -7.127  9.613   1.00 18.10 ? 808  LYS A CG  1 
ATOM   16   C  CD  . LYS A 1 6   ? 12.750  -7.177  9.886   1.00 19.73 ? 808  LYS A CD  1 
ATOM   17   C  CE  . LYS A 1 6   ? 13.037  -8.092  11.076  1.00 21.22 ? 808  LYS A CE  1 
ATOM   18   N  NZ  . LYS A 1 6   ? 14.426  -7.951  11.576  1.00 23.15 ? 808  LYS A NZ  1 
ATOM   19   N  N   . ASN A 1 7   ? 11.768  -4.277  6.218   1.00 11.60 ? 809  ASN A N   1 
ATOM   20   C  CA  . ASN A 1 7   ? 11.589  -3.642  4.919   1.00 10.55 ? 809  ASN A CA  1 
ATOM   21   C  C   . ASN A 1 7   ? 11.043  -4.592  3.874   1.00 9.73  ? 809  ASN A C   1 
ATOM   22   O  O   . ASN A 1 7   ? 11.524  -5.705  3.744   1.00 9.64  ? 809  ASN A O   1 
ATOM   23   C  CB  . ASN A 1 7   ? 12.914  -3.043  4.455   1.00 10.77 ? 809  ASN A CB  1 
ATOM   24   C  CG  . ASN A 1 7   ? 13.382  -1.941  5.378   1.00 10.92 ? 809  ASN A CG  1 
ATOM   25   O  OD1 . ASN A 1 7   ? 12.593  -1.098  5.774   1.00 11.97 ? 809  ASN A OD1 1 
ATOM   26   N  ND2 . ASN A 1 7   ? 14.658  -1.965  5.738   1.00 12.12 ? 809  ASN A ND2 1 
ATOM   27   N  N   . LEU A 1 8   ? 10.037  -4.115  3.139   1.00 8.98  ? 810  LEU A N   1 
ATOM   28   C  CA  . LEU A 1 8   ? 9.527   -4.782  1.940   1.00 8.58  ? 810  LEU A CA  1 
ATOM   29   C  C   . LEU A 1 8   ? 10.265  -4.269  0.707   1.00 8.26  ? 810  LEU A C   1 
ATOM   30   O  O   . LEU A 1 8   ? 10.582  -3.059  0.608   1.00 8.09  ? 810  LEU A O   1 
ATOM   31   C  CB  . LEU A 1 8   ? 8.046   -4.489  1.724   1.00 8.61  ? 810  LEU A CB  1 
ATOM   32   C  CG  . LEU A 1 8   ? 7.028   -5.216  2.614   1.00 8.56  ? 810  LEU A CG  1 
ATOM   33   C  CD1 . LEU A 1 8   ? 7.134   -4.826  4.088   1.00 9.28  ? 810  LEU A CD1 1 
ATOM   34   C  CD2 . LEU A 1 8   ? 5.634   -4.939  2.076   1.00 8.59  ? 810  LEU A CD2 1 
ATOM   35   N  N   . LEU A 1 9   ? 10.551  -5.192  -0.197  1.00 7.84  ? 811  LEU A N   1 
ATOM   36   C  CA  . LEU A 1 9   ? 11.137  -4.900  -1.501  1.00 7.92  ? 811  LEU A CA  1 
ATOM   37   C  C   . LEU A 1 9   ? 10.183  -5.334  -2.604  1.00 7.69  ? 811  LEU A C   1 
ATOM   38   O  O   . LEU A 1 9   ? 9.402   -6.269  -2.436  1.00 7.40  ? 811  LEU A O   1 
ATOM   39   C  CB  . LEU A 1 9   ? 12.450  -5.662  -1.695  1.00 7.97  ? 811  LEU A CB  1 
ATOM   40   C  CG  . LEU A 1 9   ? 13.486  -5.653  -0.584  1.00 8.07  ? 811  LEU A CG  1 
ATOM   41   C  CD1 . LEU A 1 9   ? 14.717  -6.442  -1.010  1.00 8.60  ? 811  LEU A CD1 1 
ATOM   42   C  CD2 . LEU A 1 9   ? 13.895  -4.234  -0.197  1.00 8.30  ? 811  LEU A CD2 1 
ATOM   43   N  N   . CYS A 1 10  ? 10.247  -4.680  -3.756  1.00 7.37  ? 812  CYS A N   1 
ATOM   44   C  CA  . CYS A 1 10  ? 9.533   -5.161  -4.918  1.00 7.36  ? 812  CYS A CA  1 
ATOM   45   C  C   . CYS A 1 10  ? 9.874   -6.618  -5.191  1.00 7.84  ? 812  CYS A C   1 
ATOM   46   O  O   . CYS A 1 10  ? 11.050  -6.977  -5.299  1.00 8.45  ? 812  CYS A O   1 
ATOM   47   C  CB  . CYS A 1 10  ? 9.964   -4.337  -6.133  1.00 7.02  ? 812  CYS A CB  1 
ATOM   48   S  SG  . CYS A 1 10  ? 9.132   -4.816  -7.673  1.00 7.36  ? 812  CYS A SG  1 
ATOM   49   N  N   . GLY A 1 11  ? 8.869   -7.466  -5.335  1.00 8.15  ? 813  GLY A N   1 
ATOM   50   C  CA  . GLY A 1 11  ? 9.144   -8.889  -5.534  1.00 8.79  ? 813  GLY A CA  1 
ATOM   51   C  C   . GLY A 1 11  ? 9.806   -9.194  -6.859  1.00 9.50  ? 813  GLY A C   1 
ATOM   52   O  O   . GLY A 1 11  ? 10.506  -10.209 -6.979  1.00 10.97 ? 813  GLY A O   1 
ATOM   53   N  N   . LYS A 1 12  ? 9.621   -8.337  -7.858  1.00 9.66  ? 814  LYS A N   1 
ATOM   54   C  CA  . LYS A 1 12  ? 10.215  -8.556  -9.179  1.00 10.06 ? 814  LYS A CA  1 
ATOM   55   C  C   . LYS A 1 12  ? 11.649  -8.030  -9.231  1.00 10.39 ? 814  LYS A C   1 
ATOM   56   O  O   . LYS A 1 12  ? 12.554  -8.804  -9.543  1.00 12.47 ? 814  LYS A O   1 
ATOM   57   C  CB  . LYS A 1 12  ? 9.331   -7.953  -10.257 1.00 11.32 ? 814  LYS A CB  1 
ATOM   58   C  CG  . LYS A 1 12  ? 9.845   -8.150  -11.676 1.00 12.69 ? 814  LYS A CG  1 
ATOM   59   C  CD  . LYS A 1 12  ? 8.810   -7.664  -12.673 1.00 14.23 ? 814  LYS A CD  1 
ATOM   60   C  CE  . LYS A 1 12  ? 9.300   -7.606  -14.114 1.00 16.07 ? 814  LYS A CE  1 
ATOM   61   N  NZ  . LYS A 1 12  ? 8.222   -7.042  -14.996 1.00 17.35 ? 814  LYS A NZ  1 
ATOM   62   N  N   . CYS A 1 13  ? 11.889  -6.762  -8.921  1.00 9.44  ? 815  CYS A N   1 
ATOM   63   C  CA  . CYS A 1 13  ? 13.229  -6.173  -9.105  1.00 9.23  ? 815  CYS A CA  1 
ATOM   64   C  C   . CYS A 1 13  ? 14.012  -5.976  -7.812  1.00 9.07  ? 815  CYS A C   1 
ATOM   65   O  O   . CYS A 1 13  ? 15.186  -5.657  -7.884  1.00 9.68  ? 815  CYS A O   1 
ATOM   66   C  CB  . CYS A 1 13  ? 13.141  -4.847  -9.859  1.00 8.76  ? 815  CYS A CB  1 
ATOM   67   S  SG  . CYS A 1 13  ? 12.546  -3.475  -8.840  1.00 8.38  ? 815  CYS A SG  1 
ATOM   68   N  N   . LYS A 1 14  ? 13.370  -6.132  -6.654  1.00 8.79  ? 816  LYS A N   1 
ATOM   69   C  CA  A LYS A 1 14  ? 14.011  -5.980  -5.338  0.60 9.01  ? 816  LYS A CA  1 
ATOM   70   C  CA  B LYS A 1 14  ? 14.018  -5.979  -5.339  0.40 8.86  ? 816  LYS A CA  1 
ATOM   71   C  C   . LYS A 1 14  ? 14.332  -4.529  -4.913  1.00 8.69  ? 816  LYS A C   1 
ATOM   72   O  O   . LYS A 1 14  ? 14.997  -4.325  -3.905  1.00 8.91  ? 816  LYS A O   1 
ATOM   73   C  CB  A LYS A 1 14  ? 15.254  -6.876  -5.194  0.60 9.48  ? 816  LYS A CB  1 
ATOM   74   C  CB  B LYS A 1 14  ? 15.276  -6.855  -5.207  0.40 9.09  ? 816  LYS A CB  1 
ATOM   75   C  CG  A LYS A 1 14  ? 15.089  -8.297  -5.711  0.60 10.25 ? 816  LYS A CG  1 
ATOM   76   C  CG  B LYS A 1 14  ? 15.056  -8.321  -5.527  0.40 9.47  ? 816  LYS A CG  1 
ATOM   77   C  CD  A LYS A 1 14  ? 13.904  -9.018  -5.094  0.60 10.63 ? 816  LYS A CD  1 
ATOM   78   C  CD  B LYS A 1 14  ? 14.017  -8.948  -4.617  0.40 9.65  ? 816  LYS A CD  1 
ATOM   79   C  CE  A LYS A 1 14  ? 13.763  -10.439 -5.614  0.60 11.24 ? 816  LYS A CE  1 
ATOM   80   C  CE  B LYS A 1 14  ? 13.623  -10.343 -5.081  0.40 9.89  ? 816  LYS A CE  1 
ATOM   81   N  NZ  A LYS A 1 14  ? 13.465  -10.478 -7.068  0.60 12.23 ? 816  LYS A NZ  1 
ATOM   82   N  NZ  B LYS A 1 14  ? 14.749  -11.320 -5.075  0.40 10.17 ? 816  LYS A NZ  1 
ATOM   83   N  N   . ALA A 1 15  ? 13.812  -3.527  -5.626  1.00 8.34  ? 817  ALA A N   1 
ATOM   84   C  CA  . ALA A 1 15  ? 13.919  -2.133  -5.163  1.00 8.14  ? 817  ALA A CA  1 
ATOM   85   C  C   . ALA A 1 15  ? 13.137  -1.955  -3.860  1.00 7.98  ? 817  ALA A C   1 
ATOM   86   O  O   . ALA A 1 15  ? 12.074  -2.550  -3.685  1.00 8.20  ? 817  ALA A O   1 
ATOM   87   C  CB  . ALA A 1 15  ? 13.375  -1.155  -6.198  1.00 8.10  ? 817  ALA A CB  1 
ATOM   88   N  N   . TYR A 1 16  ? 13.636  -1.107  -2.961  1.00 8.07  ? 818  TYR A N   1 
ATOM   89   C  CA  . TYR A 1 16  ? 12.972  -0.826  -1.710  1.00 8.26  ? 818  TYR A CA  1 
ATOM   90   C  C   . TYR A 1 16  ? 11.558  -0.309  -1.935  1.00 8.14  ? 818  TYR A C   1 
ATOM   91   O  O   . TYR A 1 16  ? 11.341  0.606   -2.718  1.00 8.17  ? 818  TYR A O   1 
ATOM   92   C  CB  . TYR A 1 16  ? 13.790  0.221   -0.933  1.00 8.98  ? 818  TYR A CB  1 
ATOM   93   C  CG  . TYR A 1 16  ? 13.102  0.705   0.338   1.00 9.57  ? 818  TYR A CG  1 
ATOM   94   C  CD1 . TYR A 1 16  ? 12.633  -0.210  1.283   1.00 9.77  ? 818  TYR A CD1 1 
ATOM   95   C  CD2 . TYR A 1 16  ? 12.893  2.055   0.575   1.00 10.17 ? 818  TYR A CD2 1 
ATOM   96   C  CE1 . TYR A 1 16  ? 11.995  0.213   2.437   1.00 10.48 ? 818  TYR A CE1 1 
ATOM   97   C  CE2 . TYR A 1 16  ? 12.245  2.497   1.723   1.00 10.70 ? 818  TYR A CE2 1 
ATOM   98   C  CZ  . TYR A 1 16  ? 11.790  1.567   2.641   1.00 10.46 ? 818  TYR A CZ  1 
ATOM   99   O  OH  . TYR A 1 16  ? 11.136  1.999   3.795   1.00 11.79 ? 818  TYR A OH  1 
ATOM   100  N  N   . ALA A 1 17  ? 10.598  -0.897  -1.237  1.00 8.09  ? 819  ALA A N   1 
ATOM   101  C  CA  . ALA A 1 17  ? 9.208   -0.466  -1.307  1.00 8.25  ? 819  ALA A CA  1 
ATOM   102  C  C   . ALA A 1 17  ? 8.800   0.351   -0.074  1.00 8.63  ? 819  ALA A C   1 
ATOM   103  O  O   . ALA A 1 17  ? 8.558   1.529   -0.173  1.00 8.81  ? 819  ALA A O   1 
ATOM   104  C  CB  . ALA A 1 17  ? 8.306   -1.679  -1.512  1.00 8.46  ? 819  ALA A CB  1 
ATOM   105  N  N   . CYS A 1 18  ? 8.721   -0.284  1.094   1.00 8.71  ? 820  CYS A N   1 
ATOM   106  C  CA  . CYS A 1 18  ? 8.317   0.410   2.313   1.00 9.48  ? 820  CYS A CA  1 
ATOM   107  C  C   . CYS A 1 18  ? 8.669   -0.422  3.540   1.00 10.16 ? 820  CYS A C   1 
ATOM   108  O  O   . CYS A 1 18  ? 9.125   -1.550  3.418   1.00 10.27 ? 820  CYS A O   1 
ATOM   109  C  CB  . CYS A 1 18  ? 6.808   0.713   2.305   1.00 9.71  ? 820  CYS A CB  1 
ATOM   110  S  SG  . CYS A 1 18  ? 5.736   -0.728  2.422   1.00 10.53 ? 820  CYS A SG  1 
ATOM   111  N  N   . SER A 1 19  ? 8.442   0.148   4.718   1.00 11.34 ? 821  SER A N   1 
ATOM   112  C  CA  . SER A 1 19  ? 8.645   -0.553  5.983   1.00 12.25 ? 821  SER A CA  1 
ATOM   113  C  C   . SER A 1 19  ? 7.340   -1.057  6.536   1.00 11.76 ? 821  SER A C   1 
ATOM   114  O  O   . SER A 1 19  ? 6.300   -0.451  6.321   1.00 10.63 ? 821  SER A O   1 
ATOM   115  C  CB  . SER A 1 19  ? 9.265   0.402   6.994   1.00 13.97 ? 821  SER A CB  1 
ATOM   116  O  OG  . SER A 1 19  ? 9.220   -0.119  8.318   1.00 16.34 ? 821  SER A OG  1 
ATOM   117  N  N   . THR A 1 20  ? 7.403   -2.137  7.295   1.00 11.44 ? 822  THR A N   1 
ATOM   118  C  CA  . THR A 1 20  ? 6.207   -2.678  7.945   1.00 12.10 ? 822  THR A CA  1 
ATOM   119  C  C   . THR A 1 20  ? 5.566   -1.652  8.900   1.00 12.47 ? 822  THR A C   1 
ATOM   120  O  O   . THR A 1 20  ? 4.347   -1.668  9.094   1.00 12.37 ? 822  THR A O   1 
ATOM   121  C  CB  . THR A 1 20  ? 6.511   -3.988  8.706   1.00 11.91 ? 822  THR A CB  1 
ATOM   122  O  OG1 . THR A 1 20  ? 7.607   -3.784  9.610   1.00 11.70 ? 822  THR A OG1 1 
ATOM   123  C  CG2 . THR A 1 20  ? 6.848   -5.111  7.735   1.00 12.22 ? 822  THR A CG2 1 
ATOM   124  N  N   . ASP A 1 21  ? 6.375   -0.778  9.501   1.00 13.62 ? 823  ASP A N   1 
ATOM   125  C  CA  . ASP A 1 21  ? 5.866   0.325   10.334  1.00 16.34 ? 823  ASP A CA  1 
ATOM   126  C  C   . ASP A 1 21  ? 5.012   1.338   9.569   1.00 14.73 ? 823  ASP A C   1 
ATOM   127  O  O   . ASP A 1 21  ? 4.274   2.112   10.184  1.00 15.52 ? 823  ASP A O   1 
ATOM   128  C  CB  . ASP A 1 21  ? 7.028   1.135   10.962  1.00 19.53 ? 823  ASP A CB  1 
ATOM   129  C  CG  . ASP A 1 21  ? 7.694   0.444   12.130  1.00 24.01 ? 823  ASP A CG  1 
ATOM   130  O  OD1 . ASP A 1 21  ? 7.218   -0.614  12.602  1.00 28.57 ? 823  ASP A OD1 1 
ATOM   131  O  OD2 . ASP A 1 21  ? 8.727   0.988   12.582  1.00 27.85 ? 823  ASP A OD2 1 
ATOM   132  N  N   . ASP A 1 22  ? 5.177   1.370   8.244   1.00 13.64 ? 824  ASP A N   1 
ATOM   133  C  CA  . ASP A 1 22  ? 4.458   2.286   7.349   1.00 13.25 ? 824  ASP A CA  1 
ATOM   134  C  C   . ASP A 1 22  ? 3.056   1.743   7.020   1.00 11.44 ? 824  ASP A C   1 
ATOM   135  O  O   . ASP A 1 22  ? 2.223   2.470   6.487   1.00 10.96 ? 824  ASP A O   1 
ATOM   136  C  CB  . ASP A 1 22  ? 5.199   2.473   5.995   1.00 14.52 ? 824  ASP A CB  1 
ATOM   137  C  CG  . ASP A 1 22  ? 6.615   3.069   6.115   1.00 15.76 ? 824  ASP A CG  1 
ATOM   138  O  OD1 . ASP A 1 22  ? 6.880   3.846   7.075   1.00 16.71 ? 824  ASP A OD1 1 
ATOM   139  O  OD2 . ASP A 1 22  ? 7.446   2.794   5.189   1.00 17.09 ? 824  ASP A OD2 1 
ATOM   140  N  N   . ILE A 1 23  ? 2.820   0.456   7.293   1.00 10.24 ? 825  ILE A N   1 
ATOM   141  C  CA  . ILE A 1 23  ? 1.608   -0.220  6.832   1.00 10.10 ? 825  ILE A CA  1 
ATOM   142  C  C   . ILE A 1 23  ? 0.480   -0.152  7.869   1.00 10.10 ? 825  ILE A C   1 
ATOM   143  O  O   . ILE A 1 23  ? 0.715   -0.344  9.070   1.00 10.28 ? 825  ILE A O   1 
ATOM   144  C  CB  . ILE A 1 23  ? 1.910   -1.691  6.458   1.00 9.78  ? 825  ILE A CB  1 
ATOM   145  C  CG1 . ILE A 1 23  ? 2.951   -1.747  5.329   1.00 9.90  ? 825  ILE A CG1 1 
ATOM   146  C  CG2 . ILE A 1 23  ? 0.638   -2.438  6.064   1.00 9.40  ? 825  ILE A CG2 1 
ATOM   147  C  CD1 . ILE A 1 23  ? 3.420   -3.140  4.962   1.00 10.24 ? 825  ILE A CD1 1 
ATOM   148  N  N   . ARG A 1 24  ? -0.741  0.135   7.421   1.00 9.37  ? 826  ARG A N   1 
ATOM   149  C  CA  . ARG A 1 24  ? -1.942  0.016   8.272   1.00 9.81  ? 826  ARG A CA  1 
ATOM   150  C  C   . ARG A 1 24  ? -2.972  -0.875  7.608   1.00 9.79  ? 826  ARG A C   1 
ATOM   151  O  O   . ARG A 1 24  ? -3.108  -0.885  6.382   1.00 9.99  ? 826  ARG A O   1 
ATOM   152  C  CB  . ARG A 1 24  ? -2.560  1.388   8.578   1.00 10.40 ? 826  ARG A CB  1 
ATOM   153  C  CG  . ARG A 1 24  ? -1.636  2.352   9.303   1.00 10.80 ? 826  ARG A CG  1 
ATOM   154  C  CD  . ARG A 1 24  ? -1.367  1.930   10.739  1.00 11.30 ? 826  ARG A CD  1 
ATOM   155  N  NE  . ARG A 1 24  ? -0.490  2.886   11.402  1.00 11.94 ? 826  ARG A NE  1 
ATOM   156  C  CZ  . ARG A 1 24  ? 0.839   2.901   11.313  1.00 12.86 ? 826  ARG A CZ  1 
ATOM   157  N  NH1 . ARG A 1 24  ? 1.514   1.978   10.622  1.00 12.90 ? 826  ARG A NH1 1 
ATOM   158  N  NH2 . ARG A 1 24  ? 1.505   3.857   11.943  1.00 13.16 ? 826  ARG A NH2 1 
ATOM   159  N  N   . ILE A 1 25  ? -3.707  -1.622  8.418   1.00 10.13 ? 827  ILE A N   1 
ATOM   160  C  CA  . ILE A 1 25  ? -4.701  -2.538  7.917   1.00 10.40 ? 827  ILE A CA  1 
ATOM   161  C  C   . ILE A 1 25  ? -6.084  -1.933  8.080   1.00 10.51 ? 827  ILE A C   1 
ATOM   162  O  O   . ILE A 1 25  ? -6.502  -1.585  9.184   1.00 10.27 ? 827  ILE A O   1 
ATOM   163  C  CB  . ILE A 1 25  ? -4.674  -3.892  8.652   1.00 11.23 ? 827  ILE A CB  1 
ATOM   164  C  CG1 . ILE A 1 25  ? -3.253  -4.465  8.685   1.00 12.16 ? 827  ILE A CG1 1 
ATOM   165  C  CG2 . ILE A 1 25  ? -5.650  -4.855  7.984   1.00 11.63 ? 827  ILE A CG2 1 
ATOM   166  C  CD1 . ILE A 1 25  ? -2.666  -4.721  7.333   1.00 12.80 ? 827  ILE A CD1 1 
ATOM   167  N  N   . ILE A 1 26  ? -6.810  -1.830  6.973   1.00 10.05 ? 828  ILE A N   1 
ATOM   168  C  CA  . ILE A 1 26  ? -8.208  -1.397  6.988   1.00 10.28 ? 828  ILE A CA  1 
ATOM   169  C  C   . ILE A 1 26  ? -9.111  -2.603  6.812   1.00 11.02 ? 828  ILE A C   1 
ATOM   170  O  O   . ILE A 1 26  ? -8.917  -3.394  5.893   1.00 10.69 ? 828  ILE A O   1 
ATOM   171  C  CB  . ILE A 1 26  ? -8.494  -0.395  5.859   1.00 10.12 ? 828  ILE A CB  1 
ATOM   172  C  CG1 . ILE A 1 26  ? -7.707  0.897   6.062   1.00 9.73  ? 828  ILE A CG1 1 
ATOM   173  C  CG2 . ILE A 1 26  ? -9.996  -0.161  5.702   1.00 10.74 ? 828  ILE A CG2 1 
ATOM   174  C  CD1 . ILE A 1 26  ? -7.818  1.910   4.922   1.00 10.47 ? 828  ILE A CD1 1 
ATOM   175  N  N   . LYS A 1 27  ? -10.077 -2.748  7.727   1.00 12.20 ? 829  LYS A N   1 
ATOM   176  C  CA  . LYS A 1 27  ? -11.079 -3.806  7.682   1.00 13.91 ? 829  LYS A CA  1 
ATOM   177  C  C   . LYS A 1 27  ? -10.472 -5.205  7.574   1.00 14.58 ? 829  LYS A C   1 
ATOM   178  O  O   . LYS A 1 27  ? -10.978 -6.054  6.858   1.00 16.37 ? 829  LYS A O   1 
ATOM   179  C  CB  . LYS A 1 27  ? -12.108 -3.509  6.574   1.00 14.73 ? 829  LYS A CB  1 
ATOM   180  C  CG  . LYS A 1 27  ? -12.888 -2.238  6.878   1.00 15.76 ? 829  LYS A CG  1 
ATOM   181  C  CD  . LYS A 1 27  ? -13.833 -1.791  5.771   1.00 17.03 ? 829  LYS A CD  1 
ATOM   182  C  CE  . LYS A 1 27  ? -14.489 -0.469  6.151   1.00 17.64 ? 829  LYS A CE  1 
ATOM   183  N  NZ  . LYS A 1 27  ? -15.743 -0.134  5.429   1.00 18.61 ? 829  LYS A NZ  1 
ATOM   184  N  N   . ASP A 1 28  ? -9.385  -5.426  8.317   1.00 15.71 ? 830  ASP A N   1 
ATOM   185  C  CA  . ASP A 1 28  ? -8.686  -6.712  8.377   1.00 17.27 ? 830  ASP A CA  1 
ATOM   186  C  C   . ASP A 1 28  ? -8.400  -7.309  6.998   1.00 17.32 ? 830  ASP A C   1 
ATOM   187  O  O   . ASP A 1 28  ? -8.382  -8.529  6.830   1.00 19.30 ? 830  ASP A O   1 
ATOM   188  C  CB  . ASP A 1 28  ? -9.475  -7.705  9.254   1.00 20.01 ? 830  ASP A CB  1 
ATOM   189  C  CG  . ASP A 1 28  ? -9.598  -7.240  10.695  1.00 22.77 ? 830  ASP A CG  1 
ATOM   190  O  OD1 . ASP A 1 28  ? -8.587  -6.774  11.285  1.00 24.44 ? 830  ASP A OD1 1 
ATOM   191  O  OD2 . ASP A 1 28  ? -10.723 -7.358  11.239  1.00 26.57 ? 830  ASP A OD2 1 
ATOM   192  N  N   . SER A 1 29  ? -8.139  -6.441  6.019   1.00 15.83 ? 831  SER A N   1 
ATOM   193  C  CA  A SER A 1 29  ? -7.963  -6.868  4.629   0.60 15.36 ? 831  SER A CA  1 
ATOM   194  C  CA  B SER A 1 29  ? -7.953  -6.874  4.637   0.40 15.29 ? 831  SER A CA  1 
ATOM   195  C  C   . SER A 1 29  ? -6.977  -5.992  3.846   1.00 14.41 ? 831  SER A C   1 
ATOM   196  O  O   . SER A 1 29  ? -5.977  -6.461  3.293   1.00 14.89 ? 831  SER A O   1 
ATOM   197  C  CB  A SER A 1 29  ? -9.326  -6.867  3.902   0.60 15.63 ? 831  SER A CB  1 
ATOM   198  C  CB  B SER A 1 29  ? -9.313  -6.863  3.936   0.40 15.51 ? 831  SER A CB  1 
ATOM   199  O  OG  A SER A 1 29  ? -9.991  -5.605  3.938   0.60 16.33 ? 831  SER A OG  1 
ATOM   200  O  OG  B SER A 1 29  ? -9.227  -7.437  2.648   0.40 16.19 ? 831  SER A OG  1 
ATOM   201  N  N   . HIS A 1 30  ? -7.265  -4.710  3.787   1.00 12.71 ? 832  HIS A N   1 
ATOM   202  C  CA  . HIS A 1 30  ? -6.506  -3.811  2.938   1.00 11.13 ? 832  HIS A CA  1 
ATOM   203  C  C   . HIS A 1 30  ? -5.278  -3.300  3.624   1.00 10.26 ? 832  HIS A C   1 
ATOM   204  O  O   . HIS A 1 30  ? -5.358  -2.813  4.754   1.00 11.02 ? 832  HIS A O   1 
ATOM   205  C  CB  . HIS A 1 30  ? -7.368  -2.629  2.553   1.00 11.14 ? 832  HIS A CB  1 
ATOM   206  C  CG  . HIS A 1 30  ? -8.606  -2.999  1.798   1.00 11.84 ? 832  HIS A CG  1 
ATOM   207  N  ND1 . HIS A 1 30  ? -8.562  -3.598  0.590   1.00 12.58 ? 832  HIS A ND1 1 
ATOM   208  C  CD2 . HIS A 1 30  ? -9.954  -2.781  2.089   1.00 12.14 ? 832  HIS A CD2 1 
ATOM   209  C  CE1 . HIS A 1 30  ? -9.824  -3.769  0.135   1.00 12.48 ? 832  HIS A CE1 1 
ATOM   210  N  NE2 . HIS A 1 30  ? -10.675 -3.276  1.050   1.00 12.58 ? 832  HIS A NE2 1 
ATOM   211  N  N   . HIS A 1 31  ? -4.137  -3.383  2.946   1.00 9.14  ? 833  HIS A N   1 
ATOM   212  C  CA  . HIS A 1 31  ? -2.864  -2.911  3.456   1.00 8.85  ? 833  HIS A CA  1 
ATOM   213  C  C   . HIS A 1 31  ? -2.543  -1.604  2.813   1.00 8.40  ? 833  HIS A C   1 
ATOM   214  O  O   . HIS A 1 31  ? -2.213  -1.559  1.634   1.00 8.46  ? 833  HIS A O   1 
ATOM   215  C  CB  . HIS A 1 31  ? -1.769  -3.923  3.119   1.00 8.61  ? 833  HIS A CB  1 
ATOM   216  C  CG  . HIS A 1 31  ? -1.892  -5.223  3.872   1.00 9.45  ? 833  HIS A CG  1 
ATOM   217  N  ND1 . HIS A 1 31  ? -2.953  -6.031  3.738   1.00 10.63 ? 833  HIS A ND1 1 
ATOM   218  C  CD2 . HIS A 1 31  ? -1.012  -5.866  4.732   1.00 10.20 ? 833  HIS A CD2 1 
ATOM   219  C  CE1 . HIS A 1 31  ? -2.788  -7.123  4.514   1.00 10.92 ? 833  HIS A CE1 1 
ATOM   220  N  NE2 . HIS A 1 31  ? -1.599  -7.025  5.120   1.00 10.35 ? 833  HIS A NE2 1 
ATOM   221  N  N   . ILE A 1 32  ? -2.655  -0.520  3.558   1.00 8.26  ? 834  ILE A N   1 
ATOM   222  C  CA  . ILE A 1 32  ? -2.335  0.812   3.051   1.00 8.64  ? 834  ILE A CA  1 
ATOM   223  C  C   . ILE A 1 32  ? -0.983  1.270   3.579   1.00 8.89  ? 834  ILE A C   1 
ATOM   224  O  O   . ILE A 1 32  ? -0.511  0.769   4.592   1.00 8.45  ? 834  ILE A O   1 
ATOM   225  C  CB  . ILE A 1 32  ? -3.485  1.846   3.297   1.00 9.05  ? 834  ILE A CB  1 
ATOM   226  C  CG1 . ILE A 1 32  ? -3.668  2.243   4.767   1.00 9.80  ? 834  ILE A CG1 1 
ATOM   227  C  CG2 . ILE A 1 32  ? -4.800  1.278   2.777   1.00 9.45  ? 834  ILE A CG2 1 
ATOM   228  C  CD1 . ILE A 1 32  ? -2.660  3.230   5.282   1.00 10.46 ? 834  ILE A CD1 1 
ATOM   229  N  N   . VAL A 1 33  ? -0.332  2.166   2.849   1.00 9.22  ? 835  VAL A N   1 
ATOM   230  C  CA  . VAL A 1 33  ? 0.999   2.626   3.190   1.00 9.68  ? 835  VAL A CA  1 
ATOM   231  C  C   . VAL A 1 33  ? 0.977   4.114   3.500   1.00 10.52 ? 835  VAL A C   1 
ATOM   232  O  O   . VAL A 1 33  ? 0.521   4.913   2.680   1.00 10.55 ? 835  VAL A O   1 
ATOM   233  C  CB  . VAL A 1 33  ? 2.006   2.311   2.070   1.00 9.72  ? 835  VAL A CB  1 
ATOM   234  C  CG1 . VAL A 1 33  ? 3.398   2.775   2.485   1.00 10.32 ? 835  VAL A CG1 1 
ATOM   235  C  CG2 . VAL A 1 33  ? 2.001   0.831   1.738   1.00 9.81  ? 835  VAL A CG2 1 
ATOM   236  N  N   . LEU A 1 34  ? 1.433   4.463   4.702   1.00 11.02 ? 836  LEU A N   1 
ATOM   237  C  CA  . LEU A 1 34  ? 1.542   5.865   5.134   1.00 11.93 ? 836  LEU A CA  1 
ATOM   238  C  C   . LEU A 1 34  ? 2.795   6.535   4.614   1.00 13.00 ? 836  LEU A C   1 
ATOM   239  O  O   . LEU A 1 34  ? 3.833   5.900   4.455   1.00 13.67 ? 836  LEU A O   1 
ATOM   240  C  CB  . LEU A 1 34  ? 1.566   5.944   6.653   1.00 12.29 ? 836  LEU A CB  1 
ATOM   241  C  CG  . LEU A 1 34  ? 0.415   5.344   7.459   1.00 12.98 ? 836  LEU A CG  1 
ATOM   242  C  CD1 . LEU A 1 34  ? 0.707   5.451   8.956   1.00 13.74 ? 836  LEU A CD1 1 
ATOM   243  C  CD2 . LEU A 1 34  ? -0.905  6.014   7.099   1.00 14.15 ? 836  LEU A CD2 1 
ATOM   244  N  N   . GLY A 1 35  ? 2.684   7.839   4.395   1.00 14.33 ? 837  GLY A N   1 
ATOM   245  C  CA  . GLY A 1 35  ? 3.850   8.680   4.152   1.00 14.92 ? 837  GLY A CA  1 
ATOM   246  C  C   . GLY A 1 35  ? 4.046   9.043   2.707   1.00 16.52 ? 837  GLY A C   1 
ATOM   247  O  O   . GLY A 1 35  ? 3.873   8.229   1.808   1.00 17.08 ? 837  GLY A O   1 
ATOM   248  N  N   . GLU A 1 36  ? 4.447   10.283  2.467   1.00 17.15 ? 838  GLU A N   1 
ATOM   249  C  CA  . GLU A 1 36  ? 4.559   10.757  1.102   1.00 17.56 ? 838  GLU A CA  1 
ATOM   250  C  C   . GLU A 1 36  ? 5.808   10.254  0.406   1.00 15.92 ? 838  GLU A C   1 
ATOM   251  O  O   . GLU A 1 36  ? 5.843   10.203  -0.817  1.00 15.58 ? 838  GLU A O   1 
ATOM   252  C  CB  . GLU A 1 36  ? 4.422   12.283  1.021   1.00 20.03 ? 838  GLU A CB  1 
ATOM   253  C  CG  . GLU A 1 36  ? 3.013   12.788  1.349   1.00 21.31 ? 838  GLU A CG  1 
ATOM   254  C  CD  . GLU A 1 36  ? 1.902   12.073  0.591   1.00 22.70 ? 838  GLU A CD  1 
ATOM   255  O  OE1 . GLU A 1 36  ? 1.635   12.478  -0.551  1.00 23.51 ? 838  GLU A OE1 1 
ATOM   256  O  OE2 . GLU A 1 36  ? 1.291   11.113  1.144   1.00 24.29 ? 838  GLU A OE2 1 
ATOM   257  N  N   . ALA A 1 37  ? 6.826   9.823   1.146   1.00 14.85 ? 839  ALA A N   1 
ATOM   258  C  CA  . ALA A 1 37  ? 8.040   9.301   0.508   1.00 14.80 ? 839  ALA A CA  1 
ATOM   259  C  C   . ALA A 1 37  ? 7.736   8.092   -0.404  1.00 13.24 ? 839  ALA A C   1 
ATOM   260  O  O   . ALA A 1 37  ? 8.299   7.962   -1.546  1.00 14.07 ? 839  ALA A O   1 
ATOM   261  C  CB  . ALA A 1 37  ? 9.090   8.930   1.556   1.00 16.34 ? 839  ALA A CB  1 
ATOM   262  N  N   . PHE A 1 38  ? 6.833   7.229   0.070   1.00 11.86 ? 840  PHE A N   1 
ATOM   263  C  CA  . PHE A 1 38  ? 6.458   6.013   -0.645  1.00 10.78 ? 840  PHE A CA  1 
ATOM   264  C  C   . PHE A 1 38  ? 5.951   6.344   -2.058  1.00 11.10 ? 840  PHE A C   1 
ATOM   265  O  O   . PHE A 1 38  ? 6.183   5.588   -2.962  1.00 9.13  ? 840  PHE A O   1 
ATOM   266  C  CB  . PHE A 1 38  ? 5.371   5.267   0.136   1.00 10.41 ? 840  PHE A CB  1 
ATOM   267  C  CG  . PHE A 1 38  ? 4.906   3.991   -0.518  1.00 9.58  ? 840  PHE A CG  1 
ATOM   268  C  CD1 . PHE A 1 38  ? 5.793   2.963   -0.773  1.00 9.56  ? 840  PHE A CD1 1 
ATOM   269  C  CD2 . PHE A 1 38  ? 3.575   3.810   -0.860  1.00 9.99  ? 840  PHE A CD2 1 
ATOM   270  C  CE1 . PHE A 1 38  ? 5.375   1.786   -1.353  1.00 9.46  ? 840  PHE A CE1 1 
ATOM   271  C  CE2 . PHE A 1 38  ? 3.144   2.633   -1.447  1.00 9.62  ? 840  PHE A CE2 1 
ATOM   272  C  CZ  . PHE A 1 38  ? 4.047   1.616   -1.709  1.00 9.44  ? 840  PHE A CZ  1 
ATOM   273  N  N   . LYS A 1 39  ? 5.241   7.449   -2.180  1.00 10.43 ? 841  LYS A N   1 
ATOM   274  C  CA  . LYS A 1 39  ? 4.707   7.864   -3.444  1.00 10.73 ? 841  LYS A CA  1 
ATOM   275  C  C   . LYS A 1 39  ? 5.781   8.218   -4.476  1.00 10.49 ? 841  LYS A C   1 
ATOM   276  O  O   . LYS A 1 39  ? 5.514   8.249   -5.652  1.00 10.84 ? 841  LYS A O   1 
ATOM   277  C  CB  . LYS A 1 39  ? 3.696   8.998   -3.233  1.00 12.25 ? 841  LYS A CB  1 
ATOM   278  C  CG  . LYS A 1 39  ? 2.565   8.592   -2.279  1.00 13.48 ? 841  LYS A CG  1 
ATOM   279  C  CD  . LYS A 1 39  ? 1.401   9.556   -2.367  1.00 14.61 ? 841  LYS A CD  1 
ATOM   280  C  CE  . LYS A 1 39  ? 0.156   8.996   -1.684  1.00 15.00 ? 841  LYS A CE  1 
ATOM   281  N  NZ  . LYS A 1 39  ? 0.308   8.743   -0.226  1.00 15.70 ? 841  LYS A NZ  1 
ATOM   282  N  N   . GLU A 1 40  ? 7.026   8.393   -4.040  1.00 9.97  ? 842  GLU A N   1 
ATOM   283  C  CA  . GLU A 1 40  ? 8.118   8.578   -4.978  1.00 10.15 ? 842  GLU A CA  1 
ATOM   284  C  C   . GLU A 1 40  ? 8.555   7.291   -5.653  1.00 9.42  ? 842  GLU A C   1 
ATOM   285  O  O   . GLU A 1 40  ? 9.277   7.325   -6.629  1.00 9.75  ? 842  GLU A O   1 
ATOM   286  C  CB  . GLU A 1 40  ? 9.342   9.167   -4.242  1.00 10.78 ? 842  GLU A CB  1 
ATOM   287  C  CG  . GLU A 1 40  ? 9.112   10.547  -3.642  1.00 11.75 ? 842  GLU A CG  1 
ATOM   288  C  CD  . GLU A 1 40  ? 10.213  11.013  -2.714  1.00 13.17 ? 842  GLU A CD  1 
ATOM   289  O  OE1 . GLU A 1 40  ? 11.203  10.277  -2.459  1.00 14.01 ? 842  GLU A OE1 1 
ATOM   290  O  OE2 . GLU A 1 40  ? 10.064  12.168  -2.239  1.00 15.83 ? 842  GLU A OE2 1 
ATOM   291  N  N   . ARG A 1 41  ? 8.098   6.152   -5.149  1.00 8.50  ? 843  ARG A N   1 
ATOM   292  C  CA  A ARG A 1 41  ? 8.642   4.857   -5.543  0.60 8.11  ? 843  ARG A CA  1 
ATOM   293  C  CA  B ARG A 1 41  ? 8.636   4.842   -5.534  0.40 8.45  ? 843  ARG A CA  1 
ATOM   294  C  C   . ARG A 1 41  ? 7.702   4.043   -6.451  1.00 7.92  ? 843  ARG A C   1 
ATOM   295  O  O   . ARG A 1 41  ? 8.037   2.933   -6.860  1.00 7.60  ? 843  ARG A O   1 
ATOM   296  C  CB  A ARG A 1 41  ? 9.032   4.081   -4.278  0.60 8.01  ? 843  ARG A CB  1 
ATOM   297  C  CB  B ARG A 1 41  ? 8.967   4.021   -4.279  0.40 8.72  ? 843  ARG A CB  1 
ATOM   298  C  CG  A ARG A 1 41  ? 10.003  4.888   -3.432  0.60 8.03  ? 843  ARG A CG  1 
ATOM   299  C  CG  B ARG A 1 41  ? 10.118  4.591   -3.471  0.40 9.14  ? 843  ARG A CG  1 
ATOM   300  C  CD  A ARG A 1 41  ? 10.716  4.094   -2.354  0.60 8.09  ? 843  ARG A CD  1 
ATOM   301  C  CD  B ARG A 1 41  ? 10.362  3.826   -2.175  0.40 9.65  ? 843  ARG A CD  1 
ATOM   302  N  NE  A ARG A 1 41  ? 9.875   3.800   -1.186  0.60 7.90  ? 843  ARG A NE  1 
ATOM   303  N  NE  B ARG A 1 41  ? 10.872  4.726   -1.148  0.40 10.08 ? 843  ARG A NE  1 
ATOM   304  C  CZ  A ARG A 1 41  ? 9.750   4.582   -0.113  0.60 8.15  ? 843  ARG A CZ  1 
ATOM   305  C  CZ  B ARG A 1 41  ? 10.445  4.768   0.114   0.40 10.07 ? 843  ARG A CZ  1 
ATOM   306  N  NH1 A ARG A 1 41  ? 10.312  5.784   -0.057  0.60 8.23  ? 843  ARG A NH1 1 
ATOM   307  N  NH1 B ARG A 1 41  ? 9.521   3.925   0.564   0.40 10.25 ? 843  ARG A NH1 1 
ATOM   308  N  NH2 A ARG A 1 41  ? 8.985   4.184   0.909   0.60 8.12  ? 843  ARG A NH2 1 
ATOM   309  N  NH2 B ARG A 1 41  ? 10.973  5.653   0.947   0.40 10.54 ? 843  ARG A NH2 1 
ATOM   310  N  N   . TYR A 1 42  ? 6.547   4.621   -6.792  1.00 8.01  ? 844  TYR A N   1 
ATOM   311  C  CA  . TYR A 1 42  ? 5.628   4.003   -7.744  1.00 8.37  ? 844  TYR A CA  1 
ATOM   312  C  C   . TYR A 1 42  ? 5.064   5.045   -8.682  1.00 8.45  ? 844  TYR A C   1 
ATOM   313  O  O   . TYR A 1 42  ? 5.089   6.232   -8.374  1.00 8.90  ? 844  TYR A O   1 
ATOM   314  C  CB  . TYR A 1 42  ? 4.498   3.240   -7.027  1.00 8.33  ? 844  TYR A CB  1 
ATOM   315  C  CG  . TYR A 1 42  ? 3.521   4.066   -6.212  1.00 8.59  ? 844  TYR A CG  1 
ATOM   316  C  CD1 . TYR A 1 42  ? 2.388   4.624   -6.809  1.00 9.34  ? 844  TYR A CD1 1 
ATOM   317  C  CD2 . TYR A 1 42  ? 3.674   4.254   -4.835  1.00 8.71  ? 844  TYR A CD2 1 
ATOM   318  C  CE1 . TYR A 1 42  ? 1.467   5.344   -6.064  1.00 9.41  ? 844  TYR A CE1 1 
ATOM   319  C  CE2 . TYR A 1 42  ? 2.764   4.988   -4.104  1.00 9.24  ? 844  TYR A CE2 1 
ATOM   320  C  CZ  . TYR A 1 42  ? 1.659   5.523   -4.708  1.00 9.51  ? 844  TYR A CZ  1 
ATOM   321  O  OH  . TYR A 1 42  ? 0.744   6.263   -3.995  1.00 11.16 ? 844  TYR A OH  1 
ATOM   322  N  N   . THR A 1 43  ? 4.592   4.571   -9.836  1.00 8.72  ? 845  THR A N   1 
ATOM   323  C  CA  . THR A 1 43  ? 3.849   5.398   -10.762 1.00 9.15  ? 845  THR A CA  1 
ATOM   324  C  C   . THR A 1 43  ? 2.440   4.855   -10.819 1.00 9.26  ? 845  THR A C   1 
ATOM   325  O  O   . THR A 1 43  ? 2.152   3.790   -10.259 1.00 8.95  ? 845  THR A O   1 
ATOM   326  C  CB  . THR A 1 43  ? 4.442   5.363   -12.175 1.00 9.43  ? 845  THR A CB  1 
ATOM   327  O  OG1 . THR A 1 43  ? 4.376   4.037   -12.698 1.00 10.45 ? 845  THR A OG1 1 
ATOM   328  C  CG2 . THR A 1 43  ? 5.894   5.892   -12.176 1.00 10.46 ? 845  THR A CG2 1 
ATOM   329  N  N   . THR A 1 44  ? 1.530   5.625   -11.395 1.00 9.31  ? 846  THR A N   1 
ATOM   330  C  CA  . THR A 1 44  ? 0.142   5.201   -11.508 1.00 9.87  ? 846  THR A CA  1 
ATOM   331  C  C   . THR A 1 44  ? -0.417  5.437   -12.885 1.00 9.86  ? 846  THR A C   1 
ATOM   332  O  O   . THR A 1 44  ? 0.091   6.271   -13.639 1.00 10.82 ? 846  THR A O   1 
ATOM   333  C  CB  . THR A 1 44  ? -0.778  5.923   -10.490 1.00 10.45 ? 846  THR A CB  1 
ATOM   334  O  OG1 . THR A 1 44  ? -0.885  7.318   -10.805 1.00 12.09 ? 846  THR A OG1 1 
ATOM   335  C  CG2 . THR A 1 44  ? -0.281  5.758   -9.034  1.00 10.98 ? 846  THR A CG2 1 
ATOM   336  N  N   . LYS A 1 45  ? -1.452  4.674   -13.196 1.00 9.97  ? 847  LYS A N   1 
ATOM   337  C  CA  . LYS A 1 45  ? -2.267  4.891   -14.396 1.00 10.73 ? 847  LYS A CA  1 
ATOM   338  C  C   . LYS A 1 45  ? -3.710  4.904   -13.930 1.00 10.38 ? 847  LYS A C   1 
ATOM   339  O  O   . LYS A 1 45  ? -4.074  4.074   -13.078 1.00 9.52  ? 847  LYS A O   1 
ATOM   340  C  CB  . LYS A 1 45  ? -2.042  3.775   -15.412 1.00 11.68 ? 847  LYS A CB  1 
ATOM   341  C  CG  . LYS A 1 45  ? -0.638  3.790   -16.023 1.00 13.02 ? 847  LYS A CG  1 
ATOM   342  C  CD  . LYS A 1 45  ? -0.478  2.733   -17.093 1.00 14.45 ? 847  LYS A CD  1 
ATOM   343  C  CE  . LYS A 1 45  ? 0.906   2.787   -17.694 1.00 15.58 ? 847  LYS A CE  1 
ATOM   344  N  NZ  . LYS A 1 45  ? 1.854   2.143   -16.739 1.00 18.14 ? 847  LYS A NZ  1 
ATOM   345  N  N   . PRO A 1 46  ? -4.530  5.818   -14.473 1.00 10.34 ? 848  PRO A N   1 
ATOM   346  C  CA  . PRO A 1 46  ? -5.901  5.984   -13.976 1.00 10.86 ? 848  PRO A CA  1 
ATOM   347  C  C   . PRO A 1 46  ? -6.789  4.789   -14.227 1.00 10.78 ? 848  PRO A C   1 
ATOM   348  O  O   . PRO A 1 46  ? -6.730  4.159   -15.272 1.00 11.94 ? 848  PRO A O   1 
ATOM   349  C  CB  . PRO A 1 46  ? -6.431  7.208   -14.746 1.00 11.30 ? 848  PRO A CB  1 
ATOM   350  C  CG  . PRO A 1 46  ? -5.494  7.380   -15.911 1.00 11.80 ? 848  PRO A CG  1 
ATOM   351  C  CD  . PRO A 1 46  ? -4.179  6.841   -15.485 1.00 11.13 ? 848  PRO A CD  1 
ATOM   352  N  N   . HIS A 1 47  ? -7.592  4.466   -13.223 1.00 10.90 ? 849  HIS A N   1 
ATOM   353  C  CA  . HIS A 1 47  ? -8.594  3.429   -13.327 1.00 12.64 ? 849  HIS A CA  1 
ATOM   354  C  C   . HIS A 1 47  ? -9.636  3.712   -12.277 1.00 12.24 ? 849  HIS A C   1 
ATOM   355  O  O   . HIS A 1 47  ? -9.621  3.147   -11.174 1.00 12.06 ? 849  HIS A O   1 
ATOM   356  C  CB  . HIS A 1 47  ? -7.973  2.058   -13.176 1.00 14.48 ? 849  HIS A CB  1 
ATOM   357  C  CG  . HIS A 1 47  ? -8.868  0.952   -13.642 1.00 17.22 ? 849  HIS A CG  1 
ATOM   358  N  ND1 . HIS A 1 47  ? -9.072  -0.160  -12.931 1.00 19.81 ? 849  HIS A ND1 1 
ATOM   359  C  CD2 . HIS A 1 47  ? -9.654  0.838   -14.794 1.00 19.55 ? 849  HIS A CD2 1 
ATOM   360  C  CE1 . HIS A 1 47  ? -9.928  -0.961  -13.593 1.00 20.28 ? 849  HIS A CE1 1 
ATOM   361  N  NE2 . HIS A 1 47  ? -10.292 -0.337  -14.728 1.00 20.61 ? 849  HIS A NE2 1 
ATOM   362  N  N   . LYS A 1 48  ? -10.514 4.648   -12.591 1.00 12.37 ? 850  LYS A N   1 
ATOM   363  C  CA  . LYS A 1 48  ? -11.501 5.155   -11.639 1.00 12.85 ? 850  LYS A CA  1 
ATOM   364  C  C   . LYS A 1 48  ? -12.746 4.281   -11.637 1.00 12.36 ? 850  LYS A C   1 
ATOM   365  O  O   . LYS A 1 48  ? -13.259 3.942   -12.687 1.00 13.32 ? 850  LYS A O   1 
ATOM   366  C  CB  . LYS A 1 48  ? -11.888 6.604   -11.957 1.00 14.86 ? 850  LYS A CB  1 
ATOM   367  C  CG  . LYS A 1 48  ? -10.743 7.589   -11.784 1.00 16.88 ? 850  LYS A CG  1 
ATOM   368  C  CD  . LYS A 1 48  ? -11.101 9.022   -12.172 1.00 19.23 ? 850  LYS A CD  1 
ATOM   369  C  CE  . LYS A 1 48  ? -12.108 9.650   -11.221 1.00 21.21 ? 850  LYS A CE  1 
ATOM   370  N  NZ  . LYS A 1 48  ? -12.020 11.143  -11.218 1.00 23.47 ? 850  LYS A NZ  1 
ATOM   371  N  N   . LYS A 1 49  ? -13.233 3.947   -10.445 1.00 11.56 ? 851  LYS A N   1 
ATOM   372  C  CA  . LYS A 1 49  ? -14.494 3.209   -10.296 1.00 11.24 ? 851  LYS A CA  1 
ATOM   373  C  C   . LYS A 1 49  ? -15.287 3.819   -9.169  1.00 10.73 ? 851  LYS A C   1 
ATOM   374  O  O   . LYS A 1 49  ? -14.718 4.410   -8.238  1.00 10.62 ? 851  LYS A O   1 
ATOM   375  C  CB  . LYS A 1 49  ? -14.232 1.745   -9.977  1.00 11.87 ? 851  LYS A CB  1 
ATOM   376  C  CG  . LYS A 1 49  ? -13.471 1.015   -11.072 1.00 13.02 ? 851  LYS A CG  1 
ATOM   377  C  CD  . LYS A 1 49  ? -14.329 0.970   -12.326 1.00 14.25 ? 851  LYS A CD  1 
ATOM   378  C  CE  . LYS A 1 49  ? -13.657 0.260   -13.479 1.00 15.88 ? 851  LYS A CE  1 
ATOM   379  N  NZ  . LYS A 1 49  ? -14.512 0.369   -14.694 1.00 17.48 ? 851  LYS A NZ  1 
ATOM   380  N  N   . PRO A 1 50  ? -16.626 3.689   -9.233  1.00 9.75  ? 852  PRO A N   1 
ATOM   381  C  CA  . PRO A 1 50  ? -17.436 4.135   -8.124  1.00 9.39  ? 852  PRO A CA  1 
ATOM   382  C  C   . PRO A 1 50  ? -17.231 3.239   -6.907  1.00 8.84  ? 852  PRO A C   1 
ATOM   383  O  O   . PRO A 1 50  ? -16.685 2.137   -6.988  1.00 8.07  ? 852  PRO A O   1 
ATOM   384  C  CB  . PRO A 1 50  ? -18.875 4.052   -8.657  1.00 9.97  ? 852  PRO A CB  1 
ATOM   385  C  CG  . PRO A 1 50  ? -18.813 3.033   -9.689  1.00 9.97  ? 852  PRO A CG  1 
ATOM   386  C  CD  . PRO A 1 50  ? -17.436 3.082   -10.304 1.00 10.08 ? 852  PRO A CD  1 
ATOM   387  N  N   . MET A 1 51  ? -17.683 3.767   -5.788  1.00 8.77  ? 853  MET A N   1 
ATOM   388  C  CA  A MET A 1 51  ? -17.539 3.145   -4.470  0.80 8.76  ? 853  MET A CA  1 
ATOM   389  C  CA  B MET A 1 51  ? -17.486 3.129   -4.507  0.20 8.91  ? 853  MET A CA  1 
ATOM   390  C  C   . MET A 1 51  ? -17.970 1.680   -4.460  1.00 8.54  ? 853  MET A C   1 
ATOM   391  O  O   . MET A 1 51  ? -19.093 1.352   -4.885  1.00 8.12  ? 853  MET A O   1 
ATOM   392  C  CB  A MET A 1 51  ? -18.421 3.875   -3.449  0.80 9.22  ? 853  MET A CB  1 
ATOM   393  C  CB  B MET A 1 51  ? -18.196 3.916   -3.433  0.20 9.42  ? 853  MET A CB  1 
ATOM   394  C  CG  A MET A 1 51  ? -17.806 5.110   -2.838  0.80 9.62  ? 853  MET A CG  1 
ATOM   395  C  CG  B MET A 1 51  ? -17.852 3.432   -2.053  0.20 9.81  ? 853  MET A CG  1 
ATOM   396  S  SD  A MET A 1 51  ? -16.503 4.723   -1.667  0.80 9.55  ? 853  MET A SD  1 
ATOM   397  S  SD  B MET A 1 51  ? -18.204 4.773   -0.945  0.20 10.82 ? 853  MET A SD  1 
ATOM   398  C  CE  A MET A 1 51  ? -15.962 6.385   -1.244  0.80 9.73  ? 853  MET A CE  1 
ATOM   399  C  CE  B MET A 1 51  ? -17.364 6.104   -1.793  0.20 10.27 ? 853  MET A CE  1 
ATOM   400  N  N   . GLN A 1 52  ? -17.110 0.809   -3.944  1.00 8.22  ? 854  GLN A N   1 
ATOM   401  C  CA  . GLN A 1 52  ? -17.475 -0.570  -3.701  1.00 8.57  ? 854  GLN A CA  1 
ATOM   402  C  C   . GLN A 1 52  ? -17.971 -0.704  -2.258  1.00 8.36  ? 854  GLN A C   1 
ATOM   403  O  O   . GLN A 1 52  ? -17.979 0.256   -1.493  1.00 8.11  ? 854  GLN A O   1 
ATOM   404  C  CB  . GLN A 1 52  ? -16.321 -1.525  -4.051  1.00 9.03  ? 854  GLN A CB  1 
ATOM   405  C  CG  . GLN A 1 52  ? -15.110 -1.407  -3.152  1.00 9.61  ? 854  GLN A CG  1 
ATOM   406  C  CD  . GLN A 1 52  ? -14.133 -2.526  -3.381  1.00 10.31 ? 854  GLN A CD  1 
ATOM   407  O  OE1 . GLN A 1 52  ? -14.036 -3.044  -4.500  1.00 11.22 ? 854  GLN A OE1 1 
ATOM   408  N  NE2 . GLN A 1 52  ? -13.388 -2.881  -2.355  1.00 10.84 ? 854  GLN A NE2 1 
ATOM   409  N  N   . PHE A 1 53  ? -18.414 -1.912  -1.932  1.00 8.48  ? 855  PHE A N   1 
ATOM   410  C  CA  . PHE A 1 53  ? -19.169 -2.190  -0.696  1.00 8.89  ? 855  PHE A CA  1 
ATOM   411  C  C   . PHE A 1 53  ? -18.463 -1.722  0.573   1.00 9.10  ? 855  PHE A C   1 
ATOM   412  O  O   . PHE A 1 53  ? -19.146 -1.330  1.512   1.00 9.55  ? 855  PHE A O   1 
ATOM   413  C  CB  . PHE A 1 53  ? -19.463 -3.692  -0.569  1.00 9.58  ? 855  PHE A CB  1 
ATOM   414  C  CG  . PHE A 1 53  ? -18.249 -4.504  -0.240  1.00 10.03 ? 855  PHE A CG  1 
ATOM   415  C  CD1 . PHE A 1 53  ? -17.323 -4.815  -1.231  1.00 10.73 ? 855  PHE A CD1 1 
ATOM   416  C  CD2 . PHE A 1 53  ? -17.973 -4.907  1.079   1.00 10.66 ? 855  PHE A CD2 1 
ATOM   417  C  CE1 . PHE A 1 53  ? -16.171 -5.517  -0.948  1.00 11.59 ? 855  PHE A CE1 1 
ATOM   418  C  CE2 . PHE A 1 53  ? -16.811 -5.605  1.357   1.00 11.48 ? 855  PHE A CE2 1 
ATOM   419  C  CZ  . PHE A 1 53  ? -15.911 -5.900  0.364   1.00 11.66 ? 855  PHE A CZ  1 
ATOM   420  N  N   . ASP A 1 54  ? -17.130 -1.761  0.615   1.00 8.86  ? 856  ASP A N   1 
ATOM   421  C  CA  . ASP A 1 54  ? -16.390 -1.406  1.838   1.00 9.51  ? 856  ASP A CA  1 
ATOM   422  C  C   . ASP A 1 54  ? -15.926 0.060   1.873   1.00 9.07  ? 856  ASP A C   1 
ATOM   423  O  O   . ASP A 1 54  ? -15.082 0.434   2.705   1.00 9.43  ? 856  ASP A O   1 
ATOM   424  C  CB  . ASP A 1 54  ? -15.213 -2.347  2.046   1.00 10.23 ? 856  ASP A CB  1 
ATOM   425  C  CG  . ASP A 1 54  ? -14.258 -2.372  0.891   1.00 10.73 ? 856  ASP A CG  1 
ATOM   426  O  OD1 . ASP A 1 54  ? -14.412 -1.558  -0.056  1.00 10.91 ? 856  ASP A OD1 1 
ATOM   427  O  OD2 . ASP A 1 54  ? -13.350 -3.244  0.967   1.00 12.55 ? 856  ASP A OD2 1 
ATOM   428  N  N   . GLY A 1 55  ? -16.445 0.882   0.970   1.00 8.58  ? 857  GLY A N   1 
ATOM   429  C  CA  . GLY A 1 55  ? -16.138 2.316   0.994   1.00 8.76  ? 857  GLY A CA  1 
ATOM   430  C  C   . GLY A 1 55  ? -14.882 2.733   0.258   1.00 8.72  ? 857  GLY A C   1 
ATOM   431  O  O   . GLY A 1 55  ? -14.421 3.844   0.420   1.00 9.35  ? 857  GLY A O   1 
ATOM   432  N  N   . PHE A 1 56  ? -14.309 1.847   -0.535  1.00 8.46  ? 858  PHE A N   1 
ATOM   433  C  CA  A PHE A 1 56  ? -13.159 2.186   -1.381  0.70 8.32  ? 858  PHE A CA  1 
ATOM   434  C  CA  B PHE A 1 56  ? -13.168 2.202   -1.364  0.30 8.43  ? 858  PHE A CA  1 
ATOM   435  C  C   . PHE A 1 56  ? -13.642 2.620   -2.755  1.00 8.46  ? 858  PHE A C   1 
ATOM   436  O  O   . PHE A 1 56  ? -14.407 1.898   -3.392  1.00 8.06  ? 858  PHE A O   1 
ATOM   437  C  CB  A PHE A 1 56  ? -12.217 0.980   -1.557  0.70 8.55  ? 858  PHE A CB  1 
ATOM   438  C  CB  B PHE A 1 56  ? -12.184 1.030   -1.444  0.30 8.56  ? 858  PHE A CB  1 
ATOM   439  C  CG  A PHE A 1 56  ? -11.153 0.817   -0.489  0.70 8.67  ? 858  PHE A CG  1 
ATOM   440  C  CG  B PHE A 1 56  ? -11.367 0.834   -0.192  0.30 8.68  ? 858  PHE A CG  1 
ATOM   441  C  CD1 A PHE A 1 56  ? -11.189 1.517   0.711   0.70 8.83  ? 858  PHE A CD1 1 
ATOM   442  C  CD1 B PHE A 1 56  ? -11.942 0.925   1.072   0.30 8.70  ? 858  PHE A CD1 1 
ATOM   443  C  CD2 A PHE A 1 56  ? -10.113 -0.091  -0.703  0.70 9.05  ? 858  PHE A CD2 1 
ATOM   444  C  CD2 B PHE A 1 56  ? -10.025 0.549   -0.282  0.30 8.90  ? 858  PHE A CD2 1 
ATOM   445  C  CE1 A PHE A 1 56  ? -10.194 1.343   1.664   0.70 8.88  ? 858  PHE A CE1 1 
ATOM   446  C  CE1 B PHE A 1 56  ? -11.180 0.752   2.212   0.30 8.86  ? 858  PHE A CE1 1 
ATOM   447  C  CE2 A PHE A 1 56  ? -9.123  -0.260  0.245   0.70 9.21  ? 858  PHE A CE2 1 
ATOM   448  C  CE2 B PHE A 1 56  ? -9.260  0.368   0.852   0.30 8.90  ? 858  PHE A CE2 1 
ATOM   449  C  CZ  A PHE A 1 56  ? -9.168  0.468   1.427   0.70 9.01  ? 858  PHE A CZ  1 
ATOM   450  C  CZ  B PHE A 1 56  ? -9.836  0.476   2.097   0.30 8.93  ? 858  PHE A CZ  1 
ATOM   451  N  N   . GLU A 1 57  ? -13.186 3.781   -3.205  1.00 8.34  ? 859  GLU A N   1 
ATOM   452  C  CA  . GLU A 1 57  ? -13.444 4.300   -4.540  1.00 9.16  ? 859  GLU A CA  1 
ATOM   453  C  C   . GLU A 1 57  ? -12.098 4.192   -5.268  1.00 9.00  ? 859  GLU A C   1 
ATOM   454  O  O   . GLU A 1 57  ? -11.183 4.956   -4.985  1.00 8.94  ? 859  GLU A O   1 
ATOM   455  C  CB  . GLU A 1 57  ? -13.883 5.752   -4.408  1.00 10.65 ? 859  GLU A CB  1 
ATOM   456  C  CG  . GLU A 1 57  ? -14.521 6.427   -5.601  1.00 12.36 ? 859  GLU A CG  1 
ATOM   457  C  CD  . GLU A 1 57  ? -15.166 7.730   -5.162  1.00 13.66 ? 859  GLU A CD  1 
ATOM   458  O  OE1 . GLU A 1 57  ? -16.337 7.726   -4.721  1.00 14.45 ? 859  GLU A OE1 1 
ATOM   459  O  OE2 . GLU A 1 57  ? -14.454 8.755   -5.165  1.00 16.21 ? 859  GLU A OE2 1 
ATOM   460  N  N   A LYS A 1 58  ? -11.974 3.238   -6.181  0.60 8.43  ? 860  LYS A N   1 
ATOM   461  N  N   B LYS A 1 58  ? -11.963 3.234   -6.178  0.40 8.90  ? 860  LYS A N   1 
ATOM   462  C  CA  A LYS A 1 58  ? -10.724 3.029   -6.912  0.60 8.69  ? 860  LYS A CA  1 
ATOM   463  C  CA  B LYS A 1 58  ? -10.693 3.026   -6.881  0.40 9.26  ? 860  LYS A CA  1 
ATOM   464  C  C   A LYS A 1 58  ? -10.372 4.235   -7.769  0.60 8.49  ? 860  LYS A C   1 
ATOM   465  C  C   B LYS A 1 58  ? -10.361 4.202   -7.780  0.40 8.81  ? 860  LYS A C   1 
ATOM   466  O  O   A LYS A 1 58  ? -11.249 4.844   -8.399  0.60 8.44  ? 860  LYS A O   1 
ATOM   467  O  O   B LYS A 1 58  ? -11.241 4.760   -8.441  0.40 8.75  ? 860  LYS A O   1 
ATOM   468  C  CB  A LYS A 1 58  ? -10.821 1.793   -7.802  0.60 9.05  ? 860  LYS A CB  1 
ATOM   469  C  CB  B LYS A 1 58  ? -10.735 1.738   -7.696  0.40 10.03 ? 860  LYS A CB  1 
ATOM   470  C  CG  A LYS A 1 58  ? -9.489  1.419   -8.411  0.60 9.55  ? 860  LYS A CG  1 
ATOM   471  C  CG  B LYS A 1 58  ? -10.918 0.522   -6.815  0.40 10.88 ? 860  LYS A CG  1 
ATOM   472  C  CD  A LYS A 1 58  ? -9.548  0.111   -9.179  0.60 10.05 ? 860  LYS A CD  1 
ATOM   473  C  CD  B LYS A 1 58  ? -10.647 -0.775  -7.537  0.40 11.82 ? 860  LYS A CD  1 
ATOM   474  C  CE  A LYS A 1 58  ? -8.184  -0.181  -9.766  0.60 10.86 ? 860  LYS A CE  1 
ATOM   475  C  CE  B LYS A 1 58  ? -10.612 -1.936  -6.544  0.40 12.16 ? 860  LYS A CE  1 
ATOM   476  N  NZ  A LYS A 1 58  ? -8.110  -1.442  -10.541 0.60 11.26 ? 860  LYS A NZ  1 
ATOM   477  N  NZ  B LYS A 1 58  ? -10.815 -3.230  -7.241  0.40 12.93 ? 860  LYS A NZ  1 
ATOM   478  N  N   . LYS A 1 59  ? -9.084  4.581   -7.774  1.00 8.35  ? 861  LYS A N   1 
ATOM   479  C  CA  . LYS A 1 59  ? -8.599  5.703   -8.555  1.00 8.47  ? 861  LYS A CA  1 
ATOM   480  C  C   . LYS A 1 59  ? -7.581  5.307   -9.595  1.00 7.93  ? 861  LYS A C   1 
ATOM   481  O  O   . LYS A 1 59  ? -7.585  5.858   -10.708 1.00 8.04  ? 861  LYS A O   1 
ATOM   482  C  CB  . LYS A 1 59  ? -7.986  6.742   -7.629  1.00 9.13  ? 861  LYS A CB  1 
ATOM   483  C  CG  . LYS A 1 59  ? -8.985  7.282   -6.626  1.00 9.55  ? 861  LYS A CG  1 
ATOM   484  C  CD  . LYS A 1 59  ? -10.165 7.985   -7.272  1.00 10.08 ? 861  LYS A CD  1 
ATOM   485  C  CE  . LYS A 1 59  ? -11.161 8.481   -6.240  1.00 10.73 ? 861  LYS A CE  1 
ATOM   486  N  NZ  . LYS A 1 59  ? -12.337 9.118   -6.883  1.00 12.51 ? 861  LYS A NZ  1 
ATOM   487  N  N   . SER A 1 60  ? -6.674  4.389   -9.260  1.00 7.60  ? 862  SER A N   1 
ATOM   488  C  CA  . SER A 1 60  ? -5.544  4.080   -10.158 1.00 7.85  ? 862  SER A CA  1 
ATOM   489  C  C   . SER A 1 60  ? -4.932  2.735   -9.863  1.00 7.63  ? 862  SER A C   1 
ATOM   490  O  O   . SER A 1 60  ? -5.211  2.144   -8.829  1.00 7.52  ? 862  SER A O   1 
ATOM   491  C  CB  . SER A 1 60  ? -4.458  5.138   -10.029 1.00 8.46  ? 862  SER A CB  1 
ATOM   492  O  OG  . SER A 1 60  ? -3.633  4.908   -8.901  1.00 9.30  ? 862  SER A OG  1 
ATOM   493  N  N   . LYS A 1 61  ? -4.113  2.257   -10.790 1.00 7.69  ? 863  LYS A N   1 
ATOM   494  C  CA  . LYS A 1 61  ? -3.239  1.113   -10.607 1.00 8.34  ? 863  LYS A CA  1 
ATOM   495  C  C   . LYS A 1 61  ? -1.819  1.611   -10.371 1.00 7.86  ? 863  LYS A C   1 
ATOM   496  O  O   . LYS A 1 61  ? -1.411  2.571   -10.996 1.00 8.01  ? 863  LYS A O   1 
ATOM   497  C  CB  . LYS A 1 61  ? -3.290  0.240   -11.851 1.00 9.92  ? 863  LYS A CB  1 
ATOM   498  C  CG  . LYS A 1 61  ? -4.660  -0.361  -12.076 1.00 12.29 ? 863  LYS A CG  1 
ATOM   499  C  CD  . LYS A 1 61  ? -4.639  -1.335  -13.246 1.00 14.80 ? 863  LYS A CD  1 
ATOM   500  C  CE  . LYS A 1 61  ? -6.040  -1.736  -13.690 1.00 16.89 ? 863  LYS A CE  1 
ATOM   501  N  NZ  . LYS A 1 61  ? -5.972  -2.942  -14.571 1.00 20.78 ? 863  LYS A NZ  1 
ATOM   502  N  N   . MET A 1 62  ? -1.129  0.956   -9.431  1.00 7.51  ? 864  MET A N   1 
ATOM   503  C  CA  A MET A 1 62  ? 0.243   1.293   -9.017  0.50 7.26  ? 864  MET A CA  1 
ATOM   504  C  CA  B MET A 1 62  ? 0.244   1.296   -9.020  0.50 8.20  ? 864  MET A CA  1 
ATOM   505  C  C   . MET A 1 62  ? 1.259   0.368   -9.667  1.00 7.59  ? 864  MET A C   1 
ATOM   506  O  O   . MET A 1 62  ? 1.042   -0.835  -9.708  1.00 7.66  ? 864  MET A O   1 
ATOM   507  C  CB  A MET A 1 62  ? 0.395   1.089   -7.512  0.50 6.79  ? 864  MET A CB  1 
ATOM   508  C  CB  B MET A 1 62  ? 0.407   1.121   -7.511  0.50 9.11  ? 864  MET A CB  1 
ATOM   509  C  CG  A MET A 1 62  ? -0.611  1.828   -6.653  0.50 6.28  ? 864  MET A CG  1 
ATOM   510  C  CG  B MET A 1 62  ? -0.118  2.258   -6.656  0.50 9.87  ? 864  MET A CG  1 
ATOM   511  S  SD  A MET A 1 62  ? -0.525  1.359   -4.909  0.50 5.73  ? 864  MET A SD  1 
ATOM   512  S  SD  B MET A 1 62  ? 0.574   2.191   -4.981  0.50 11.75 ? 864  MET A SD  1 
ATOM   513  C  CE  A MET A 1 62  ? 1.252   1.462   -4.653  0.50 5.36  ? 864  MET A CE  1 
ATOM   514  C  CE  B MET A 1 62  ? -0.054  0.587   -4.503  0.50 10.21 ? 864  MET A CE  1 
ATOM   515  N  N   . TYR A 1 63  ? 2.383   0.935   -10.109 1.00 7.94  ? 865  TYR A N   1 
ATOM   516  C  CA  . TYR A 1 63  ? 3.479   0.197   -10.743 1.00 8.52  ? 865  TYR A CA  1 
ATOM   517  C  C   . TYR A 1 63  ? 4.824   0.600   -10.127 1.00 7.94  ? 865  TYR A C   1 
ATOM   518  O  O   . TYR A 1 63  ? 5.069   1.791   -9.908  1.00 8.55  ? 865  TYR A O   1 
ATOM   519  C  CB  . TYR A 1 63  ? 3.525   0.510   -12.237 1.00 9.65  ? 865  TYR A CB  1 
ATOM   520  C  CG  . TYR A 1 63  ? 2.233   0.203   -12.939 1.00 10.97 ? 865  TYR A CG  1 
ATOM   521  C  CD1 . TYR A 1 63  ? 1.989   -1.055  -13.442 1.00 12.23 ? 865  TYR A CD1 1 
ATOM   522  C  CD2 . TYR A 1 63  ? 1.254   1.182   -13.083 1.00 12.24 ? 865  TYR A CD2 1 
ATOM   523  C  CE1 . TYR A 1 63  ? 0.786   -1.340  -14.084 1.00 14.09 ? 865  TYR A CE1 1 
ATOM   524  C  CE2 . TYR A 1 63  ? 0.067   0.913   -13.737 1.00 13.78 ? 865  TYR A CE2 1 
ATOM   525  C  CZ  . TYR A 1 63  ? -0.156  -0.333  -14.224 1.00 14.40 ? 865  TYR A CZ  1 
ATOM   526  O  OH  . TYR A 1 63  ? -1.363  -0.589  -14.872 1.00 18.04 ? 865  TYR A OH  1 
ATOM   527  N  N   . CYS A 1 64  ? 5.687   -0.376  -9.871  1.00 8.09  ? 866  CYS A N   1 
ATOM   528  C  CA  . CYS A 1 64  ? 7.054   -0.083  -9.466  1.00 8.13  ? 866  CYS A CA  1 
ATOM   529  C  C   . CYS A 1 64  ? 7.658   0.966   -10.398 1.00 8.81  ? 866  CYS A C   1 
ATOM   530  O  O   . CYS A 1 64  ? 7.563   0.840   -11.628 1.00 8.57  ? 866  CYS A O   1 
ATOM   531  C  CB  . CYS A 1 64  ? 7.886   -1.357  -9.555  1.00 7.74  ? 866  CYS A CB  1 
ATOM   532  S  SG  . CYS A 1 64  ? 9.602   -1.140  -9.042  1.00 7.22  ? 866  CYS A SG  1 
ATOM   533  N  N   A ARG A 1 65  ? 8.303   1.981   -9.835  0.60 9.17  ? 867  ARG A N   1 
ATOM   534  N  N   B ARG A 1 65  ? 8.302   1.983   -9.823  0.40 9.32  ? 867  ARG A N   1 
ATOM   535  C  CA  A ARG A 1 65  ? 8.830   3.077   -10.660 0.60 9.99  ? 867  ARG A CA  1 
ATOM   536  C  CA  B ARG A 1 65  ? 8.853   3.105   -10.608 0.40 10.12 ? 867  ARG A CA  1 
ATOM   537  C  C   A ARG A 1 65  ? 10.066  2.684   -11.450 0.60 10.23 ? 867  ARG A C   1 
ATOM   538  C  C   B ARG A 1 65  ? 10.145  2.754   -11.346 0.40 10.25 ? 867  ARG A C   1 
ATOM   539  O  O   A ARG A 1 65  ? 10.426  3.381   -12.397 0.60 10.40 ? 867  ARG A O   1 
ATOM   540  O  O   B ARG A 1 65  ? 10.642  3.573   -12.121 0.40 10.40 ? 867  ARG A O   1 
ATOM   541  C  CB  A ARG A 1 65  ? 9.115   4.301   -9.800  0.60 10.73 ? 867  ARG A CB  1 
ATOM   542  C  CB  B ARG A 1 65  ? 9.071   4.332   -9.708  0.40 10.90 ? 867  ARG A CB  1 
ATOM   543  C  CG  A ARG A 1 65  ? 9.338   5.574   -10.617 0.60 11.61 ? 867  ARG A CG  1 
ATOM   544  C  CG  B ARG A 1 65  ? 9.203   5.657   -10.470 0.40 11.80 ? 867  ARG A CG  1 
ATOM   545  C  CD  A ARG A 1 65  ? 9.168   6.800   -9.747  0.60 12.50 ? 867  ARG A CD  1 
ATOM   546  C  CD  B ARG A 1 65  ? 8.626   6.830   -9.684  0.40 12.75 ? 867  ARG A CD  1 
ATOM   547  N  NE  A ARG A 1 65  ? 9.635   8.013   -10.401 0.60 13.59 ? 867  ARG A NE  1 
ATOM   548  N  NE  B ARG A 1 65  ? 7.840   7.715   -10.540 0.40 13.67 ? 867  ARG A NE  1 
ATOM   549  C  CZ  A ARG A 1 65  ? 9.904   9.172   -9.792  0.60 14.29 ? 867  ARG A CZ  1 
ATOM   550  C  CZ  B ARG A 1 65  ? 6.840   8.497   -10.136 0.40 14.13 ? 867  ARG A CZ  1 
ATOM   551  N  NH1 A ARG A 1 65  ? 9.787   9.336   -8.463  0.60 14.34 ? 867  ARG A NH1 1 
ATOM   552  N  NH1 B ARG A 1 65  ? 6.487   8.558   -8.860  0.40 14.38 ? 867  ARG A NH1 1 
ATOM   553  N  NH2 A ARG A 1 65  ? 10.348  10.186  -10.530 0.60 15.37 ? 867  ARG A NH2 1 
ATOM   554  N  NH2 B ARG A 1 65  ? 6.204   9.244   -11.027 0.40 14.94 ? 867  ARG A NH2 1 
ATOM   555  N  N   . ASN A 1 66  ? 10.689  1.559   -11.106 1.00 10.18 ? 868  ASN A N   1 
ATOM   556  C  CA  . ASN A 1 66  ? 11.818  1.058   -11.882 1.00 10.84 ? 868  ASN A CA  1 
ATOM   557  C  C   . ASN A 1 66  ? 11.276  0.754   -13.273 1.00 11.31 ? 868  ASN A C   1 
ATOM   558  O  O   . ASN A 1 66  ? 10.411  -0.110  -13.456 1.00 10.96 ? 868  ASN A O   1 
ATOM   559  C  CB  . ASN A 1 66  ? 12.382  -0.169  -11.180 1.00 10.78 ? 868  ASN A CB  1 
ATOM   560  C  CG  . ASN A 1 66  ? 13.453  -0.906  -11.971 1.00 11.65 ? 868  ASN A CG  1 
ATOM   561  O  OD1 . ASN A 1 66  ? 13.678  -0.650  -13.174 1.00 12.75 ? 868  ASN A OD1 1 
ATOM   562  N  ND2 . ASN A 1 66  ? 14.048  -1.889  -11.326 1.00 11.98 ? 868  ASN A ND2 1 
ATOM   563  N  N   . ASN A 1 67  ? 11.746  1.522   -14.258 1.00 13.21 ? 869  ASN A N   1 
ATOM   564  C  CA  . ASN A 1 67  ? 11.178  1.413   -15.591 1.00 14.83 ? 869  ASN A CA  1 
ATOM   565  C  C   . ASN A 1 67  ? 11.469  0.076   -16.274 1.00 14.51 ? 869  ASN A C   1 
ATOM   566  O  O   . ASN A 1 67  ? 10.737  -0.318  -17.178 1.00 14.31 ? 869  ASN A O   1 
ATOM   567  C  CB  . ASN A 1 67  ? 11.627  2.584   -16.464 1.00 16.86 ? 869  ASN A CB  1 
ATOM   568  C  CG  . ASN A 1 67  ? 10.793  2.706   -17.731 1.00 19.14 ? 869  ASN A CG  1 
ATOM   569  O  OD1 . ASN A 1 67  ? 9.595   3.016   -17.687 1.00 22.94 ? 869  ASN A OD1 1 
ATOM   570  N  ND2 . ASN A 1 67  ? 11.419  2.433   -18.862 1.00 22.81 ? 869  ASN A ND2 1 
ATOM   571  N  N   . ASN A 1 68  ? 12.505  -0.635  -15.825 1.00 14.46 ? 870  ASN A N   1 
ATOM   572  C  CA  . ASN A 1 68  ? 12.804  -1.987  -16.306 1.00 15.93 ? 870  ASN A CA  1 
ATOM   573  C  C   . ASN A 1 68  ? 11.957  -3.066  -15.618 1.00 14.27 ? 870  ASN A C   1 
ATOM   574  O  O   . ASN A 1 68  ? 12.064  -4.256  -15.928 1.00 15.81 ? 870  ASN A O   1 
ATOM   575  C  CB  . ASN A 1 68  ? 14.291  -2.313  -16.094 1.00 18.06 ? 870  ASN A CB  1 
ATOM   576  C  CG  . ASN A 1 68  ? 15.207  -1.261  -16.676 1.00 21.20 ? 870  ASN A CG  1 
ATOM   577  O  OD1 . ASN A 1 68  ? 16.057  -0.707  -15.976 1.00 25.80 ? 870  ASN A OD1 1 
ATOM   578  N  ND2 . ASN A 1 68  ? 15.002  -0.943  -17.941 1.00 22.24 ? 870  ASN A ND2 1 
ATOM   579  N  N   . CYS A 1 69  ? 11.111  -2.644  -14.670 1.00 12.03 ? 871  CYS A N   1 
ATOM   580  C  CA  . CYS A 1 69  ? 10.332  -3.569  -13.862 1.00 10.57 ? 871  CYS A CA  1 
ATOM   581  C  C   . CYS A 1 69  ? 8.823   -3.348  -14.016 1.00 10.12 ? 871  CYS A C   1 
ATOM   582  O  O   . CYS A 1 69  ? 8.137   -4.202  -14.562 1.00 10.51 ? 871  CYS A O   1 
ATOM   583  C  CB  . CYS A 1 69  ? 10.734  -3.398  -12.410 1.00 9.85  ? 871  CYS A CB  1 
ATOM   584  S  SG  . CYS A 1 69  ? 9.749   -4.368  -11.256 1.00 8.75  ? 871  CYS A SG  1 
ATOM   585  N  N   . GLN A 1 70  ? 8.331   -2.202  -13.533 1.00 10.25 ? 872  GLN A N   1 
ATOM   586  C  CA  . GLN A 1 70  ? 6.913   -1.823  -13.620 1.00 10.53 ? 872  GLN A CA  1 
ATOM   587  C  C   . GLN A 1 70  ? 5.975   -2.887  -13.052 1.00 9.82  ? 872  GLN A C   1 
ATOM   588  O  O   . GLN A 1 70  ? 4.844   -3.028  -13.502 1.00 9.90  ? 872  GLN A O   1 
ATOM   589  C  CB  . GLN A 1 70  ? 6.531   -1.489  -15.076 1.00 11.68 ? 872  GLN A CB  1 
ATOM   590  C  CG  . GLN A 1 70  ? 7.371   -0.364  -15.657 1.00 13.13 ? 872  GLN A CG  1 
ATOM   591  C  CD  . GLN A 1 70  ? 6.932   0.065   -17.040 1.00 14.97 ? 872  GLN A CD  1 
ATOM   592  O  OE1 . GLN A 1 70  ? 5.746   0.263   -17.290 1.00 16.66 ? 872  GLN A OE1 1 
ATOM   593  N  NE2 . GLN A 1 70  ? 7.895   0.255   -17.928 1.00 17.19 ? 872  GLN A NE2 1 
ATOM   594  N  N   . HIS A 1 71  ? 6.424   -3.620  -12.038 1.00 9.00  ? 873  HIS A N   1 
ATOM   595  C  CA  . HIS A 1 71  ? 5.614   -4.631  -11.357 1.00 8.89  ? 873  HIS A CA  1 
ATOM   596  C  C   . HIS A 1 71  ? 4.372   -4.005  -10.789 1.00 9.00  ? 873  HIS A C   1 
ATOM   597  O  O   . HIS A 1 71  ? 4.393   -2.890  -10.297 1.00 8.94  ? 873  HIS A O   1 
ATOM   598  C  CB  . HIS A 1 71  ? 6.455   -5.190  -10.223 1.00 9.08  ? 873  HIS A CB  1 
ATOM   599  C  CG  . HIS A 1 71  ? 5.974   -6.482  -9.631  1.00 9.26  ? 873  HIS A CG  1 
ATOM   600  N  ND1 . HIS A 1 71  ? 5.446   -7.492  -10.364 1.00 10.37 ? 873  HIS A ND1 1 
ATOM   601  C  CD2 . HIS A 1 71  ? 6.090   -6.963  -8.326  1.00 9.29  ? 873  HIS A CD2 1 
ATOM   602  C  CE1 . HIS A 1 71  ? 5.191   -8.537  -9.546  1.00 10.09 ? 873  HIS A CE1 1 
ATOM   603  N  NE2 . HIS A 1 71  ? 5.585   -8.207  -8.302  1.00 10.20 ? 873  HIS A NE2 1 
ATOM   604  N  N   . ASP A 1 72  ? 3.276   -4.749  -10.844 1.00 9.51  ? 874  ASP A N   1 
ATOM   605  C  CA  . ASP A 1 72  ? 1.983   -4.360  -10.275 1.00 9.66  ? 874  ASP A CA  1 
ATOM   606  C  C   . ASP A 1 72  ? 2.126   -4.329  -8.759  1.00 8.96  ? 874  ASP A C   1 
ATOM   607  O  O   . ASP A 1 72  ? 2.303   -5.363  -8.152  1.00 10.00 ? 874  ASP A O   1 
ATOM   608  C  CB  . ASP A 1 72  ? 0.951   -5.417  -10.702 1.00 10.68 ? 874  ASP A CB  1 
ATOM   609  C  CG  . ASP A 1 72  ? -0.416  -5.234  -10.078 1.00 12.26 ? 874  ASP A CG  1 
ATOM   610  O  OD1 . ASP A 1 72  ? -0.679  -4.221  -9.417  1.00 11.95 ? 874  ASP A OD1 1 
ATOM   611  O  OD2 . ASP A 1 72  ? -1.248  -6.166  -10.282 1.00 14.93 ? 874  ASP A OD2 1 
ATOM   612  N  N   . TRP A 1 73  ? 2.033   -3.150  -8.160  1.00 7.62  ? 875  TRP A N   1 
ATOM   613  C  CA  . TRP A 1 73  ? 2.165   -2.998  -6.692  1.00 7.18  ? 875  TRP A CA  1 
ATOM   614  C  C   . TRP A 1 73  ? 0.847   -2.884  -5.986  1.00 7.21  ? 875  TRP A C   1 
ATOM   615  O  O   . TRP A 1 73  ? 0.838   -2.936  -4.763  1.00 7.41  ? 875  TRP A O   1 
ATOM   616  C  CB  . TRP A 1 73  ? 2.980   -1.760  -6.383  1.00 6.92  ? 875  TRP A CB  1 
ATOM   617  C  CG  . TRP A 1 73  ? 4.471   -1.971  -6.390  1.00 6.75  ? 875  TRP A CG  1 
ATOM   618  C  CD1 . TRP A 1 73  ? 5.214   -3.003  -6.951  1.00 6.64  ? 875  TRP A CD1 1 
ATOM   619  C  CD2 . TRP A 1 73  ? 5.440   -1.057  -5.824  1.00 6.66  ? 875  TRP A CD2 1 
ATOM   620  N  NE1 . TRP A 1 73  ? 6.558   -2.814  -6.710  1.00 6.59  ? 875  TRP A NE1 1 
ATOM   621  C  CE2 . TRP A 1 73  ? 6.744   -1.648  -6.036  1.00 6.70  ? 875  TRP A CE2 1 
ATOM   622  C  CE3 . TRP A 1 73  ? 5.340   0.118   -5.101  1.00 6.75  ? 875  TRP A CE3 1 
ATOM   623  C  CZ2 . TRP A 1 73  ? 7.894   -1.029  -5.599  1.00 6.73  ? 875  TRP A CZ2 1 
ATOM   624  C  CZ3 . TRP A 1 73  ? 6.505   0.738   -4.667  1.00 6.84  ? 875  TRP A CZ3 1 
ATOM   625  C  CH2 . TRP A 1 73  ? 7.758   0.160   -4.900  1.00 6.71  ? 875  TRP A CH2 1 
ATOM   626  N  N   . GLY A 1 74  ? -0.255  -2.689  -6.706  1.00 6.83  ? 876  GLY A N   1 
ATOM   627  C  CA  . GLY A 1 74  ? -1.553  -2.475  -6.081  1.00 6.75  ? 876  GLY A CA  1 
ATOM   628  C  C   . GLY A 1 74  ? -2.358  -1.403  -6.758  1.00 6.69  ? 876  GLY A C   1 
ATOM   629  O  O   . GLY A 1 74  ? -2.246  -1.223  -7.982  1.00 6.65  ? 876  GLY A O   1 
ATOM   630  N  N   . ILE A 1 75  ? -3.189  -0.709  -5.990  1.00 6.57  ? 877  ILE A N   1 
ATOM   631  C  CA  . ILE A 1 75  ? -4.095  0.312   -6.502  1.00 6.74  ? 877  ILE A CA  1 
ATOM   632  C  C   . ILE A 1 75  ? -4.052  1.507   -5.589  1.00 6.74  ? 877  ILE A C   1 
ATOM   633  O  O   . ILE A 1 75  ? -3.608  1.387   -4.452  1.00 7.20  ? 877  ILE A O   1 
ATOM   634  C  CB  . ILE A 1 75  ? -5.549  -0.208  -6.623  1.00 6.85  ? 877  ILE A CB  1 
ATOM   635  C  CG1 . ILE A 1 75  ? -6.114  -0.633  -5.268  1.00 6.89  ? 877  ILE A CG1 1 
ATOM   636  C  CG2 . ILE A 1 75  ? -5.618  -1.383  -7.600  1.00 7.27  ? 877  ILE A CG2 1 
ATOM   637  C  CD1 . ILE A 1 75  ? -7.593  -0.978  -5.332  1.00 7.33  ? 877  ILE A CD1 1 
ATOM   638  N  N   . THR A 1 76  ? -4.486  2.665   -6.052  1.00 6.46  ? 878  THR A N   1 
ATOM   639  C  CA  . THR A 1 76  ? -4.807  3.742   -5.119  1.00 6.65  ? 878  THR A CA  1 
ATOM   640  C  C   . THR A 1 76  ? -6.307  3.952   -5.127  1.00 6.73  ? 878  THR A C   1 
ATOM   641  O  O   . THR A 1 76  ? -6.999  3.665   -6.117  1.00 6.60  ? 878  THR A O   1 
ATOM   642  C  CB  . THR A 1 76  ? -4.102  5.080   -5.415  1.00 6.80  ? 878  THR A CB  1 
ATOM   643  O  OG1 . THR A 1 76  ? -4.682  5.669   -6.578  1.00 7.39  ? 878  THR A OG1 1 
ATOM   644  C  CG2 . THR A 1 76  ? -2.609  4.910   -5.624  1.00 7.03  ? 878  THR A CG2 1 
ATOM   645  N  N   . VAL A 1 77  ? -6.804  4.414   -3.988  1.00 6.61  ? 879  VAL A N   1 
ATOM   646  C  CA  . VAL A 1 77  ? -8.233  4.586   -3.744  1.00 6.95  ? 879  VAL A CA  1 
ATOM   647  C  C   . VAL A 1 77  ? -8.510  5.882   -2.986  1.00 7.12  ? 879  VAL A C   1 
ATOM   648  O  O   . VAL A 1 77  ? -7.597  6.505   -2.461  1.00 7.53  ? 879  VAL A O   1 
ATOM   649  C  CB  . VAL A 1 77  ? -8.800  3.412   -2.896  1.00 6.93  ? 879  VAL A CB  1 
ATOM   650  C  CG1 . VAL A 1 77  ? -8.498  2.057   -3.537  1.00 7.20  ? 879  VAL A CG1 1 
ATOM   651  C  CG2 . VAL A 1 77  ? -8.286  3.468   -1.449  1.00 7.11  ? 879  VAL A CG2 1 
ATOM   652  N  N   . LYS A 1 78  ? -9.778  6.276   -2.913  1.00 7.72  ? 880  LYS A N   1 
ATOM   653  C  CA  . LYS A 1 78  ? -10.211 7.183   -1.882  1.00 8.35  ? 880  LYS A CA  1 
ATOM   654  C  C   . LYS A 1 78  ? -11.003 6.369   -0.867  1.00 8.12  ? 880  LYS A C   1 
ATOM   655  O  O   . LYS A 1 78  ? -11.858 5.545   -1.234  1.00 8.02  ? 880  LYS A O   1 
ATOM   656  C  CB  . LYS A 1 78  ? -11.055 8.316   -2.436  1.00 9.20  ? 880  LYS A CB  1 
ATOM   657  C  CG  . LYS A 1 78  ? -11.500 9.335   -1.389  1.00 10.37 ? 880  LYS A CG  1 
ATOM   658  C  CD  . LYS A 1 78  ? -12.213 10.507  -2.045  1.00 12.04 ? 880  LYS A CD  1 
ATOM   659  C  CE  . LYS A 1 78  ? -12.481 11.618  -1.045  1.00 13.92 ? 880  LYS A CE  1 
ATOM   660  N  NZ  . LYS A 1 78  ? -13.401 12.635  -1.616  1.00 17.13 ? 880  LYS A NZ  1 
ATOM   661  N  N   . TYR A 1 79  ? -10.703 6.594   0.399   1.00 8.25  ? 881  TYR A N   1 
ATOM   662  C  CA  . TYR A 1 79  ? -11.438 6.008   1.513   1.00 8.71  ? 881  TYR A CA  1 
ATOM   663  C  C   . TYR A 1 79  ? -11.672 7.148   2.475   1.00 8.78  ? 881  TYR A C   1 
ATOM   664  O  O   . TYR A 1 79  ? -10.740 7.850   2.852   1.00 8.83  ? 881  TYR A O   1 
ATOM   665  C  CB  . TYR A 1 79  ? -10.621 4.911   2.185   1.00 9.15  ? 881  TYR A CB  1 
ATOM   666  C  CG  . TYR A 1 79  ? -11.246 4.351   3.434   1.00 9.62  ? 881  TYR A CG  1 
ATOM   667  C  CD1 . TYR A 1 79  ? -12.499 3.761   3.396   1.00 10.22 ? 881  TYR A CD1 1 
ATOM   668  C  CD2 . TYR A 1 79  ? -10.588 4.421   4.658   1.00 9.88  ? 881  TYR A CD2 1 
ATOM   669  C  CE1 . TYR A 1 79  ? -13.075 3.245   4.532   1.00 10.67 ? 881  TYR A CE1 1 
ATOM   670  C  CE2 . TYR A 1 79  ? -11.155 3.901   5.802   1.00 10.58 ? 881  TYR A CE2 1 
ATOM   671  C  CZ  . TYR A 1 79  ? -12.395 3.333   5.740   1.00 11.00 ? 881  TYR A CZ  1 
ATOM   672  O  OH  . TYR A 1 79  ? -12.991 2.831   6.892   1.00 13.25 ? 881  TYR A OH  1 
ATOM   673  N  N   . LEU A 1 80  ? -12.924 7.344   2.865   1.00 9.02  ? 882  LEU A N   1 
ATOM   674  C  CA  . LEU A 1 80  ? -13.321 8.491   3.693   1.00 9.77  ? 882  LEU A CA  1 
ATOM   675  C  C   . LEU A 1 80  ? -12.871 9.752   2.963   1.00 9.70  ? 882  LEU A C   1 
ATOM   676  O  O   . LEU A 1 80  ? -13.146 9.885   1.787   1.00 10.41 ? 882  LEU A O   1 
ATOM   677  C  CB  . LEU A 1 80  ? -12.801 8.338   5.132   1.00 10.51 ? 882  LEU A CB  1 
ATOM   678  C  CG  . LEU A 1 80  ? -13.252 7.075   5.866   1.00 11.33 ? 882  LEU A CG  1 
ATOM   679  C  CD1 . LEU A 1 80  ? -12.548 6.909   7.203   1.00 11.45 ? 882  LEU A CD1 1 
ATOM   680  C  CD2 . LEU A 1 80  ? -14.773 7.071   6.036   1.00 12.25 ? 882  LEU A CD2 1 
ATOM   681  N  N   . THR A 1 81  ? -12.162 10.655  3.624   1.00 9.97  ? 883  THR A N   1 
ATOM   682  C  CA  . THR A 1 81  ? -11.641 11.838  2.965   1.00 10.69 ? 883  THR A CA  1 
ATOM   683  C  C   . THR A 1 81  ? -10.215 11.669  2.445   1.00 10.56 ? 883  THR A C   1 
ATOM   684  O  O   . THR A 1 81  ? -9.617  12.626  1.977   1.00 12.12 ? 883  THR A O   1 
ATOM   685  C  CB  . THR A 1 81  ? -11.627 12.992  3.959   1.00 11.43 ? 883  THR A CB  1 
ATOM   686  O  OG1 . THR A 1 81  ? -10.961 12.530  5.128   1.00 12.89 ? 883  THR A OG1 1 
ATOM   687  C  CG2 . THR A 1 81  ? -13.075 13.467  4.279   1.00 11.82 ? 883  THR A CG2 1 
ATOM   688  N  N   . PHE A 1 82  ? -9.666  10.459  2.544   1.00 9.59  ? 884  PHE A N   1 
ATOM   689  C  CA  . PHE A 1 82  ? -8.273  10.213  2.165   1.00 9.71  ? 884  PHE A CA  1 
ATOM   690  C  C   . PHE A 1 82  ? -8.174  9.704   0.730   1.00 9.30  ? 884  PHE A C   1 
ATOM   691  O  O   . PHE A 1 82  ? -8.400  8.525   0.470   1.00 8.89  ? 884  PHE A O   1 
ATOM   692  C  CB  . PHE A 1 82  ? -7.642  9.266   3.183   1.00 10.08 ? 884  PHE A CB  1 
ATOM   693  C  CG  . PHE A 1 82  ? -7.865  9.722   4.594   1.00 10.75 ? 884  PHE A CG  1 
ATOM   694  C  CD1 . PHE A 1 82  ? -7.215  10.858  5.057   1.00 11.31 ? 884  PHE A CD1 1 
ATOM   695  C  CD2 . PHE A 1 82  ? -8.768  9.080   5.425   1.00 11.11 ? 884  PHE A CD2 1 
ATOM   696  C  CE1 . PHE A 1 82  ? -7.438  11.326  6.347   1.00 11.62 ? 884  PHE A CE1 1 
ATOM   697  C  CE2 . PHE A 1 82  ? -8.988  9.533   6.707   1.00 11.58 ? 884  PHE A CE2 1 
ATOM   698  C  CZ  . PHE A 1 82  ? -8.322  10.659  7.164   1.00 11.86 ? 884  PHE A CZ  1 
ATOM   699  N  N   . ASP A 1 83  ? -7.840  10.614  -0.180  1.00 9.51  ? 885  ASP A N   1 
ATOM   700  C  CA  . ASP A 1 83  ? -7.723  10.302  -1.598  1.00 9.72  ? 885  ASP A CA  1 
ATOM   701  C  C   . ASP A 1 83  ? -6.286  9.875   -1.888  1.00 9.55  ? 885  ASP A C   1 
ATOM   702  O  O   . ASP A 1 83  ? -5.400  10.119  -1.081  1.00 9.56  ? 885  ASP A O   1 
ATOM   703  C  CB  . ASP A 1 83  ? -8.116  11.541  -2.424  1.00 10.41 ? 885  ASP A CB  1 
ATOM   704  C  CG  . ASP A 1 83  ? -8.595  11.214  -3.832  1.00 11.56 ? 885  ASP A CG  1 
ATOM   705  O  OD1 . ASP A 1 83  ? -8.469  10.066  -4.316  1.00 11.46 ? 885  ASP A OD1 1 
ATOM   706  O  OD2 . ASP A 1 83  ? -9.114  12.156  -4.468  1.00 14.67 ? 885  ASP A OD2 1 
ATOM   707  N  N   . ASN A 1 84  ? -6.075  9.229   -3.031  1.00 9.27  ? 886  ASN A N   1 
ATOM   708  C  CA  . ASN A 1 84  ? -4.733  8.831   -3.471  1.00 9.58  ? 886  ASN A CA  1 
ATOM   709  C  C   . ASN A 1 84  ? -4.066  7.944   -2.458  1.00 9.44  ? 886  ASN A C   1 
ATOM   710  O  O   . ASN A 1 84  ? -2.869  7.987   -2.252  1.00 10.58 ? 886  ASN A O   1 
ATOM   711  C  CB  . ASN A 1 84  ? -3.874  10.069  -3.776  1.00 10.48 ? 886  ASN A CB  1 
ATOM   712  C  CG  . ASN A 1 84  ? -4.550  10.981  -4.761  1.00 11.42 ? 886  ASN A CG  1 
ATOM   713  O  OD1 . ASN A 1 84  ? -4.895  12.151  -4.437  1.00 14.04 ? 886  ASN A OD1 1 
ATOM   714  N  ND2 . ASN A 1 84  ? -4.840  10.445  -5.935  1.00 12.06 ? 886  ASN A ND2 1 
ATOM   715  N  N   . LEU A 1 85  ? -4.856  7.074   -1.842  1.00 8.41  ? 887  LEU A N   1 
ATOM   716  C  CA  . LEU A 1 85  ? -4.388  6.194   -0.784  1.00 8.22  ? 887  LEU A CA  1 
ATOM   717  C  C   . LEU A 1 85  ? -3.887  4.887   -1.388  1.00 7.52  ? 887  LEU A C   1 
ATOM   718  O  O   . LEU A 1 85  ? -4.661  4.167   -2.008  1.00 6.93  ? 887  LEU A O   1 
ATOM   719  C  CB  . LEU A 1 85  ? -5.550  5.918   0.165   1.00 8.57  ? 887  LEU A CB  1 
ATOM   720  C  CG  . LEU A 1 85  ? -5.320  5.050   1.386   1.00 8.61  ? 887  LEU A CG  1 
ATOM   721  C  CD1 . LEU A 1 85  ? -4.304  5.690   2.317   1.00 9.16  ? 887  LEU A CD1 1 
ATOM   722  C  CD2 . LEU A 1 85  ? -6.642  4.824   2.103   1.00 8.92  ? 887  LEU A CD2 1 
ATOM   723  N  N   . PRO A 1 86  ? -2.600  4.559   -1.211  1.00 7.32  ? 888  PRO A N   1 
ATOM   724  C  CA  . PRO A 1 86  ? -2.094  3.333   -1.830  1.00 7.54  ? 888  PRO A CA  1 
ATOM   725  C  C   . PRO A 1 86  ? -2.488  2.096   -1.038  1.00 7.67  ? 888  PRO A C   1 
ATOM   726  O  O   . PRO A 1 86  ? -2.304  2.064   0.181   1.00 8.19  ? 888  PRO A O   1 
ATOM   727  C  CB  . PRO A 1 86  ? -0.583  3.522   -1.845  1.00 7.78  ? 888  PRO A CB  1 
ATOM   728  C  CG  . PRO A 1 86  ? -0.300  4.573   -0.876  1.00 8.19  ? 888  PRO A CG  1 
ATOM   729  C  CD  . PRO A 1 86  ? -1.525  5.353   -0.580  1.00 7.60  ? 888  PRO A CD  1 
ATOM   730  N  N   . VAL A 1 87  ? -2.983  1.084   -1.738  1.00 7.28  ? 889  VAL A N   1 
ATOM   731  C  CA  . VAL A 1 87  ? -3.403  -0.183  -1.192  1.00 7.35  ? 889  VAL A CA  1 
ATOM   732  C  C   . VAL A 1 87  ? -2.525  -1.224  -1.879  1.00 7.57  ? 889  VAL A C   1 
ATOM   733  O  O   . VAL A 1 87  ? -2.705  -1.504  -3.074  1.00 7.40  ? 889  VAL A O   1 
ATOM   734  C  CB  . VAL A 1 87  ? -4.887  -0.472  -1.468  1.00 7.22  ? 889  VAL A CB  1 
ATOM   735  C  CG1 . VAL A 1 87  ? -5.289  -1.748  -0.755  1.00 7.52  ? 889  VAL A CG1 1 
ATOM   736  C  CG2 . VAL A 1 87  ? -5.777  0.667   -0.997  1.00 7.25  ? 889  VAL A CG2 1 
ATOM   737  N  N   . ILE A 1 88  ? -1.534  -1.746  -1.174  1.00 7.48  ? 890  ILE A N   1 
ATOM   738  C  CA  . ILE A 1 88  ? -0.586  -2.661  -1.784  1.00 8.15  ? 890  ILE A CA  1 
ATOM   739  C  C   . ILE A 1 88  ? -1.095  -4.082  -1.928  1.00 8.60  ? 890  ILE A C   1 
ATOM   740  O  O   . ILE A 1 88  ? -1.866  -4.588  -1.130  1.00 8.54  ? 890  ILE A O   1 
ATOM   741  C  CB  . ILE A 1 88  ? 0.792   -2.658  -1.099  1.00 8.28  ? 890  ILE A CB  1 
ATOM   742  C  CG1 . ILE A 1 88  ? 0.674   -3.002  0.393   1.00 8.50  ? 890  ILE A CG1 1 
ATOM   743  C  CG2 . ILE A 1 88  ? 1.511   -1.351  -1.336  1.00 8.64  ? 890  ILE A CG2 1 
ATOM   744  C  CD1 . ILE A 1 88  ? 2.021   -3.323  1.028   1.00 9.52  ? 890  ILE A CD1 1 
ATOM   745  N  N   . LYS A 1 89  ? -0.656  -4.685  -3.025  1.00 8.98  ? 891  LYS A N   1 
ATOM   746  C  CA  A LYS A 1 89  ? -0.932  -6.090  -3.314  0.50 9.69  ? 891  LYS A CA  1 
ATOM   747  C  CA  B LYS A 1 89  ? -0.914  -6.071  -3.345  0.50 9.55  ? 891  LYS A CA  1 
ATOM   748  C  C   . LYS A 1 89  ? 0.120   -6.928  -2.586  1.00 9.61  ? 891  LYS A C   1 
ATOM   749  O  O   . LYS A 1 89  ? 1.307   -6.908  -2.925  1.00 9.06  ? 891  LYS A O   1 
ATOM   750  C  CB  A LYS A 1 89  ? -0.896  -6.345  -4.823  0.50 10.72 ? 891  LYS A CB  1 
ATOM   751  C  CB  B LYS A 1 89  ? -0.777  -6.205  -4.863  0.50 10.32 ? 891  LYS A CB  1 
ATOM   752  C  CG  A LYS A 1 89  ? -1.084  -7.794  -5.212  0.50 11.91 ? 891  LYS A CG  1 
ATOM   753  C  CG  B LYS A 1 89  ? -1.289  -7.466  -5.499  0.50 11.17 ? 891  LYS A CG  1 
ATOM   754  C  CD  A LYS A 1 89  ? -1.380  -7.922  -6.698  0.50 12.88 ? 891  LYS A CD  1 
ATOM   755  C  CD  B LYS A 1 89  ? -1.149  -7.325  -7.003  0.50 11.54 ? 891  LYS A CD  1 
ATOM   756  C  CE  A LYS A 1 89  ? -2.324  -6.836  -7.191  0.50 14.00 ? 891  LYS A CE  1 
ATOM   757  C  CE  B LYS A 1 89  ? -1.222  -8.683  -7.690  0.50 12.42 ? 891  LYS A CE  1 
ATOM   758  N  NZ  A LYS A 1 89  ? -2.980  -7.140  -8.491  0.50 15.15 ? 891  LYS A NZ  1 
ATOM   759  N  NZ  B LYS A 1 89  ? -2.613  -9.202  -7.708  0.50 13.17 ? 891  LYS A NZ  1 
ATOM   760  N  N   A ILE A 1 90  ? -0.274  -7.657  -1.564  0.50 9.64  ? 892  ILE A N   1 
ATOM   761  N  N   B ILE A 1 90  ? -0.333  -7.658  -1.565  0.50 10.05 ? 892  ILE A N   1 
ATOM   762  C  CA  A ILE A 1 90  ? 0.730   -8.234  -0.692  0.50 9.77  ? 892  ILE A CA  1 
ATOM   763  C  CA  B ILE A 1 90  ? 0.540   -8.437  -0.659  0.50 10.42 ? 892  ILE A CA  1 
ATOM   764  C  C   A ILE A 1 90  ? 1.553   -9.328  -1.404  0.50 9.85  ? 892  ILE A C   1 
ATOM   765  C  C   B ILE A 1 90  ? 1.515   -9.315  -1.411  0.50 10.20 ? 892  ILE A C   1 
ATOM   766  O  O   A ILE A 1 90  ? 2.721   -9.509  -1.083  0.50 9.65  ? 892  ILE A O   1 
ATOM   767  O  O   B ILE A 1 90  ? 2.696   -9.390  -1.087  0.50 9.89  ? 892  ILE A O   1 
ATOM   768  C  CB  A ILE A 1 90  ? 0.122   -8.676  0.657   0.50 9.70  ? 892  ILE A CB  1 
ATOM   769  C  CB  B ILE A 1 90  ? -0.264  -9.406  0.254   0.50 10.88 ? 892  ILE A CB  1 
ATOM   770  C  CG1 A ILE A 1 90  ? -0.855  -9.832  0.449   0.50 9.75  ? 892  ILE A CG1 1 
ATOM   771  C  CG1 B ILE A 1 90  ? -1.002  -8.646  1.345   0.50 11.20 ? 892  ILE A CG1 1 
ATOM   772  C  CG2 A ILE A 1 90  ? -0.562  -7.485  1.326   0.50 9.50  ? 892  ILE A CG2 1 
ATOM   773  C  CG2 B ILE A 1 90  ? 0.663   -10.435 0.896   0.50 11.09 ? 892  ILE A CG2 1 
ATOM   774  C  CD1 A ILE A 1 90  ? -1.480  -10.337 1.732   0.50 10.20 ? 892  ILE A CD1 1 
ATOM   775  C  CD1 B ILE A 1 90  ? -2.077  -9.475  2.015   0.50 11.33 ? 892  ILE A CD1 1 
ATOM   776  N  N   . LYS A 1 91  ? 0.984   -9.978  -2.427  1.00 10.17 ? 893  LYS A N   1 
ATOM   777  C  CA  . LYS A 1 91  ? 1.730   -10.945 -3.202  1.00 11.21 ? 893  LYS A CA  1 
ATOM   778  C  C   . LYS A 1 91  ? 2.858   -10.332 -4.026  1.00 10.61 ? 893  LYS A C   1 
ATOM   779  O  O   . LYS A 1 91  ? 3.699   -11.056 -4.506  1.00 11.83 ? 893  LYS A O   1 
ATOM   780  C  CB  . LYS A 1 91  ? 0.780   -11.756 -4.105  1.00 13.64 ? 893  LYS A CB  1 
ATOM   781  C  CG  . LYS A 1 91  ? -0.063  -12.780 -3.352  1.00 16.58 ? 893  LYS A CG  1 
ATOM   782  C  CD  . LYS A 1 91  ? -1.037  -13.505 -4.281  1.00 19.18 ? 893  LYS A CD  1 
ATOM   783  C  CE  . LYS A 1 91  ? -1.949  -14.472 -3.526  1.00 21.13 ? 893  LYS A CE  1 
ATOM   784  N  NZ  . LYS A 1 91  ? -1.178  -15.493 -2.770  1.00 23.35 ? 893  LYS A NZ  1 
ATOM   785  N  N   . SER A 1 92  ? 2.871   -9.006  -4.202  1.00 9.31  ? 894  SER A N   1 
ATOM   786  C  CA  . SER A 1 92  ? 3.874   -8.361  -5.042  1.00 8.89  ? 894  SER A CA  1 
ATOM   787  C  C   . SER A 1 92  ? 5.192   -8.023  -4.348  1.00 8.62  ? 894  SER A C   1 
ATOM   788  O  O   . SER A 1 92  ? 6.086   -7.482  -5.003  1.00 8.95  ? 894  SER A O   1 
ATOM   789  C  CB  . SER A 1 92  ? 3.287   -7.100  -5.632  1.00 8.97  ? 894  SER A CB  1 
ATOM   790  O  OG  . SER A 1 92  ? 2.253   -7.422  -6.530  1.00 9.25  ? 894  SER A OG  1 
ATOM   791  N  N   . PHE A 1 93  ? 5.332   -8.333  -3.063  1.00 8.15  ? 895  PHE A N   1 
ATOM   792  C  CA  . PHE A 1 93  ? 6.500   -7.902  -2.287  1.00 8.06  ? 895  PHE A CA  1 
ATOM   793  C  C   . PHE A 1 93  ? 7.201   -9.055  -1.603  1.00 8.17  ? 895  PHE A C   1 
ATOM   794  O  O   . PHE A 1 93  ? 6.565   -10.075 -1.272  1.00 8.57  ? 895  PHE A O   1 
ATOM   795  C  CB  . PHE A 1 93  ? 6.102   -6.841  -1.249  1.00 7.69  ? 895  PHE A CB  1 
ATOM   796  C  CG  . PHE A 1 93  ? 5.485   -5.639  -1.881  1.00 7.42  ? 895  PHE A CG  1 
ATOM   797  C  CD1 . PHE A 1 93  ? 6.281   -4.613  -2.373  1.00 7.16  ? 895  PHE A CD1 1 
ATOM   798  C  CD2 . PHE A 1 93  ? 4.132   -5.589  -2.120  1.00 7.25  ? 895  PHE A CD2 1 
ATOM   799  C  CE1 . PHE A 1 93  ? 5.720   -3.537  -3.032  1.00 7.28  ? 895  PHE A CE1 1 
ATOM   800  C  CE2 . PHE A 1 93  ? 3.565   -4.507  -2.770  1.00 7.33  ? 895  PHE A CE2 1 
ATOM   801  C  CZ  . PHE A 1 93  ? 4.365   -3.484  -3.235  1.00 7.21  ? 895  PHE A CZ  1 
ATOM   802  N  N   . VAL A 1 94  ? 8.507   -8.863  -1.399  1.00 8.60  ? 896  VAL A N   1 
ATOM   803  C  CA  . VAL A 1 94  ? 9.325   -9.788  -0.610  1.00 9.25  ? 896  VAL A CA  1 
ATOM   804  C  C   . VAL A 1 94  ? 9.981   -9.003  0.511   1.00 9.57  ? 896  VAL A C   1 
ATOM   805  O  O   . VAL A 1 94  ? 9.969   -7.772  0.507   1.00 9.58  ? 896  VAL A O   1 
ATOM   806  C  CB  . VAL A 1 94  ? 10.386  -10.511 -1.470  1.00 9.61  ? 896  VAL A CB  1 
ATOM   807  C  CG1 . VAL A 1 94  ? 9.704   -11.322 -2.560  1.00 10.70 ? 896  VAL A CG1 1 
ATOM   808  C  CG2 . VAL A 1 94  ? 11.387  -9.510  -2.038  1.00 10.05 ? 896  VAL A CG2 1 
ATOM   809  N  N   . MET A 1 95  ? 10.506  -9.711  1.503   1.00 10.27 ? 897  MET A N   1 
ATOM   810  C  CA  . MET A 1 95  ? 11.252  -9.055  2.578   1.00 11.11 ? 897  MET A CA  1 
ATOM   811  C  C   . MET A 1 95  ? 12.728  -8.907  2.255   1.00 12.59 ? 897  MET A C   1 
ATOM   812  O  O   . MET A 1 95  ? 13.295  -9.738  1.558   1.00 13.46 ? 897  MET A O   1 
ATOM   813  C  CB  . MET A 1 95  ? 11.112  -9.830  3.886   1.00 10.75 ? 897  MET A CB  1 
ATOM   814  C  CG  . MET A 1 95  ? 9.681   -10.194 4.240   1.00 10.76 ? 897  MET A CG  1 
ATOM   815  S  SD  . MET A 1 95  ? 8.558   -8.807  4.248   1.00 11.04 ? 897  MET A SD  1 
ATOM   816  C  CE  . MET A 1 95  ? 9.175   -7.911  5.677   1.00 11.12 ? 897  MET A CE  1 
ATOM   817  N  N   . GLU A 1 96  ? 13.321  -7.829  2.757   1.00 14.15 ? 898  GLU A N   1 
ATOM   818  C  CA  . GLU A 1 96  ? 14.769  -7.595  2.696   1.00 15.73 ? 898  GLU A CA  1 
ATOM   819  C  C   . GLU A 1 96  ? 15.424  -8.788  3.374   1.00 17.77 ? 898  GLU A C   1 
ATOM   820  O  O   . GLU A 1 96  ? 14.957  -9.221  4.433   1.00 17.97 ? 898  GLU A O   1 
ATOM   821  C  CB  . GLU A 1 96  ? 15.114  -6.284  3.411   1.00 15.55 ? 898  GLU A CB  1 
ATOM   822  C  CG  . GLU A 1 96  ? 16.572  -5.864  3.348   1.00 16.10 ? 898  GLU A CG  1 
ATOM   823  C  CD  . GLU A 1 96  ? 16.860  -4.664  4.221   1.00 16.63 ? 898  GLU A CD  1 
ATOM   824  O  OE1 . GLU A 1 96  ? 16.030  -4.333  5.065   1.00 16.51 ? 898  GLU A OE1 1 
ATOM   825  O  OE2 . GLU A 1 96  ? 17.929  -4.020  4.061   1.00 17.91 ? 898  GLU A OE2 1 
ATOM   826  N  N   . SER A 1 97  ? 16.454  -9.357  2.757   1.00 21.04 ? 899  SER A N   1 
ATOM   827  C  CA  . SER A 1 97  ? 17.154  -10.497 3.368   1.00 23.88 ? 899  SER A CA  1 
ATOM   828  C  C   . SER A 1 97  ? 18.500  -10.070 3.944   1.00 26.21 ? 899  SER A C   1 
ATOM   829  O  O   . SER A 1 97  ? 18.655  -8.933  4.406   1.00 30.28 ? 899  SER A O   1 
ATOM   830  C  CB  . SER A 1 97  ? 17.355  -11.618 2.350   1.00 26.14 ? 899  SER A CB  1 
ATOM   831  O  OG  . SER A 1 97  ? 18.115  -11.170 1.247   1.00 27.59 ? 899  SER A OG  1 
ATOM   832  N  N   . GLN A 1 103 ? 15.540  -15.570 1.449   1.00 27.24 ? 905  GLN A N   1 
ATOM   833  C  CA  . GLN A 1 103 ? 14.575  -14.475 1.330   1.00 25.20 ? 905  GLN A CA  1 
ATOM   834  C  C   . GLN A 1 103 ? 13.149  -15.004 1.304   1.00 24.23 ? 905  GLN A C   1 
ATOM   835  O  O   . GLN A 1 103 ? 12.817  -15.850 0.468   1.00 26.57 ? 905  GLN A O   1 
ATOM   836  C  CB  . GLN A 1 103 ? 14.842  -13.676 0.050   1.00 25.45 ? 905  GLN A CB  1 
ATOM   837  C  CG  . GLN A 1 103 ? 13.999  -12.418 -0.120  1.00 24.57 ? 905  GLN A CG  1 
ATOM   838  C  CD  . GLN A 1 103 ? 14.565  -11.491 -1.192  1.00 24.43 ? 905  GLN A CD  1 
ATOM   839  O  OE1 . GLN A 1 103 ? 14.690  -11.878 -2.360  1.00 25.60 ? 905  GLN A OE1 1 
ATOM   840  N  NE2 . GLN A 1 103 ? 14.904  -10.265 -0.807  1.00 22.20 ? 905  GLN A NE2 1 
ATOM   841  N  N   . MET A 1 104 ? 12.304  -14.478 2.187   1.00 19.90 ? 906  MET A N   1 
ATOM   842  C  CA  . MET A 1 104 ? 10.899  -14.867 2.231   1.00 17.94 ? 906  MET A CA  1 
ATOM   843  C  C   . MET A 1 104 ? 10.026  -13.771 1.643   1.00 15.37 ? 906  MET A C   1 
ATOM   844  O  O   . MET A 1 104 ? 10.423  -12.604 1.618   1.00 14.86 ? 906  MET A O   1 
ATOM   845  C  CB  . MET A 1 104 ? 10.458  -15.166 3.665   1.00 19.13 ? 906  MET A CB  1 
ATOM   846  C  CG  . MET A 1 104 ? 10.096  -13.954 4.505   1.00 19.68 ? 906  MET A CG  1 
ATOM   847  S  SD  . MET A 1 104 ? 9.739   -14.353 6.235   1.00 20.20 ? 906  MET A SD  1 
ATOM   848  C  CE  . MET A 1 104 ? 9.448   -16.096 6.134   1.00 24.02 ? 906  MET A CE  1 
ATOM   849  N  N   . ASP A 1 105 ? 8.846   -14.146 1.175   1.00 13.59 ? 907  ASP A N   1 
ATOM   850  C  CA  . ASP A 1 105 ? 7.923   -13.148 0.657   1.00 13.56 ? 907  ASP A CA  1 
ATOM   851  C  C   . ASP A 1 105 ? 7.104   -12.521 1.783   1.00 12.45 ? 907  ASP A C   1 
ATOM   852  O  O   . ASP A 1 105 ? 7.135   -12.969 2.928   1.00 12.13 ? 907  ASP A O   1 
ATOM   853  C  CB  . ASP A 1 105 ? 7.120   -13.637 -0.559  1.00 14.61 ? 907  ASP A CB  1 
ATOM   854  C  CG  . ASP A 1 105 ? 6.116   -14.713 -0.257  1.00 15.48 ? 907  ASP A CG  1 
ATOM   855  O  OD1 . ASP A 1 105 ? 5.771   -14.931 0.905   1.00 16.45 ? 907  ASP A OD1 1 
ATOM   856  O  OD2 . ASP A 1 105 ? 5.624   -15.332 -1.235  1.00 17.54 ? 907  ASP A OD2 1 
ATOM   857  N  N   . PHE A 1 106 ? 6.446   -11.407 1.482   1.00 11.00 ? 908  PHE A N   1 
ATOM   858  C  CA  . PHE A 1 106 ? 5.673   -10.674 2.480   1.00 10.99 ? 908  PHE A CA  1 
ATOM   859  C  C   . PHE A 1 106 ? 4.508   -11.510 3.038   1.00 11.38 ? 908  PHE A C   1 
ATOM   860  O  O   . PHE A 1 106 ? 4.227   -11.439 4.232   1.00 10.60 ? 908  PHE A O   1 
ATOM   861  C  CB  . PHE A 1 106 ? 5.193   -9.330  1.878   1.00 10.32 ? 908  PHE A CB  1 
ATOM   862  C  CG  . PHE A 1 106 ? 4.396   -8.468  2.815   1.00 9.90  ? 908  PHE A CG  1 
ATOM   863  C  CD1 . PHE A 1 106 ? 4.807   -8.235  4.126   1.00 9.60  ? 908  PHE A CD1 1 
ATOM   864  C  CD2 . PHE A 1 106 ? 3.233   -7.864  2.371   1.00 10.01 ? 908  PHE A CD2 1 
ATOM   865  C  CE1 . PHE A 1 106 ? 4.055   -7.436  4.981   1.00 9.37  ? 908  PHE A CE1 1 
ATOM   866  C  CE2 . PHE A 1 106 ? 2.477   -7.068  3.214   1.00 10.12 ? 908  PHE A CE2 1 
ATOM   867  C  CZ  . PHE A 1 106 ? 2.886   -6.843  4.516   1.00 9.92  ? 908  PHE A CZ  1 
ATOM   868  N  N   A GLN A 1 107 ? 3.847   -12.311 2.204   0.50 12.02 ? 909  GLN A N   1 
ATOM   869  N  N   B GLN A 1 107 ? 3.860   -12.304 2.186   0.50 12.16 ? 909  GLN A N   1 
ATOM   870  C  CA  A GLN A 1 107 ? 2.776   -13.180 2.719   0.50 13.19 ? 909  GLN A CA  1 
ATOM   871  C  CA  B GLN A 1 107 ? 2.806   -13.215 2.647   0.50 13.46 ? 909  GLN A CA  1 
ATOM   872  C  C   A GLN A 1 107 ? 3.337   -14.165 3.750   0.50 13.19 ? 909  GLN A C   1 
ATOM   873  C  C   B GLN A 1 107 ? 3.336   -14.164 3.724   0.50 13.33 ? 909  GLN A C   1 
ATOM   874  O  O   A GLN A 1 107 ? 2.726   -14.364 4.805   0.50 12.82 ? 909  GLN A O   1 
ATOM   875  O  O   B GLN A 1 107 ? 2.706   -14.340 4.773   0.50 12.98 ? 909  GLN A O   1 
ATOM   876  C  CB  A GLN A 1 107 ? 2.055   -13.926 1.589   0.50 14.49 ? 909  GLN A CB  1 
ATOM   877  C  CB  B GLN A 1 107 ? 2.222   -14.011 1.471   0.50 14.94 ? 909  GLN A CB  1 
ATOM   878  C  CG  A GLN A 1 107 ? 0.781   -14.662 2.014   0.50 15.66 ? 909  GLN A CG  1 
ATOM   879  C  CG  B GLN A 1 107 ? 1.159   -13.253 0.678   0.50 16.37 ? 909  GLN A CG  1 
ATOM   880  C  CD  A GLN A 1 107 ? -0.484  -13.797 1.975   0.50 16.54 ? 909  GLN A CD  1 
ATOM   881  C  CD  B GLN A 1 107 ? 0.223   -14.168 -0.096  0.50 17.65 ? 909  GLN A CD  1 
ATOM   882  O  OE1 A GLN A 1 107 ? -0.981  -13.329 3.011   0.50 17.34 ? 909  GLN A OE1 1 
ATOM   883  O  OE1 B GLN A 1 107 ? -0.895  -13.779 -0.439  0.50 19.59 ? 909  GLN A OE1 1 
ATOM   884  N  NE2 A GLN A 1 107 ? -1.024  -13.597 0.771   0.50 17.54 ? 909  GLN A NE2 1 
ATOM   885  N  NE2 B GLN A 1 107 ? 0.671   -15.391 -0.366  0.50 17.82 ? 909  GLN A NE2 1 
ATOM   886  N  N   . LYS A 1 108 ? 4.497   -14.758 3.476   1.00 13.24 ? 910  LYS A N   1 
ATOM   887  C  CA  . LYS A 1 108 ? 5.108   -15.678 4.454   1.00 14.06 ? 910  LYS A CA  1 
ATOM   888  C  C   . LYS A 1 108 ? 5.443   -14.945 5.745   1.00 13.77 ? 910  LYS A C   1 
ATOM   889  O  O   . LYS A 1 108 ? 5.143   -15.422 6.854   1.00 13.47 ? 910  LYS A O   1 
ATOM   890  C  CB  . LYS A 1 108 ? 6.357   -16.338 3.886   1.00 15.62 ? 910  LYS A CB  1 
ATOM   891  C  CG  . LYS A 1 108 ? 7.071   -17.275 4.860   1.00 17.30 ? 910  LYS A CG  1 
ATOM   892  C  CD  . LYS A 1 108 ? 6.280   -18.523 5.209   1.00 19.20 ? 910  LYS A CD  1 
ATOM   893  C  CE  . LYS A 1 108 ? 7.126   -19.428 6.098   1.00 20.90 ? 910  LYS A CE  1 
ATOM   894  N  NZ  . LYS A 1 108 ? 6.429   -20.702 6.448   1.00 23.51 ? 910  LYS A NZ  1 
ATOM   895  N  N   . TRP A 1 109 ? 6.073   -13.786 5.626   1.00 12.45 ? 911  TRP A N   1 
ATOM   896  C  CA  . TRP A 1 109 ? 6.427   -12.984 6.768   1.00 11.77 ? 911  TRP A CA  1 
ATOM   897  C  C   . TRP A 1 109 ? 5.222   -12.674 7.626   1.00 11.57 ? 911  TRP A C   1 
ATOM   898  O  O   . TRP A 1 109 ? 5.262   -12.834 8.851   1.00 10.97 ? 911  TRP A O   1 
ATOM   899  C  CB  . TRP A 1 109 ? 7.111   -11.693 6.300   1.00 11.71 ? 911  TRP A CB  1 
ATOM   900  C  CG  . TRP A 1 109 ? 7.565   -10.833 7.436   1.00 11.91 ? 911  TRP A CG  1 
ATOM   901  C  CD1 . TRP A 1 109 ? 8.802   -10.836 8.078   1.00 12.10 ? 911  TRP A CD1 1 
ATOM   902  C  CD2 . TRP A 1 109 ? 6.775   -9.826  8.151   1.00 11.86 ? 911  TRP A CD2 1 
ATOM   903  N  NE1 . TRP A 1 109 ? 8.818   -9.916  9.095   1.00 12.32 ? 911  TRP A NE1 1 
ATOM   904  C  CE2 . TRP A 1 109 ? 7.640   -9.286  9.195   1.00 12.03 ? 911  TRP A CE2 1 
ATOM   905  C  CE3 . TRP A 1 109 ? 5.479   -9.340  8.038   1.00 11.61 ? 911  TRP A CE3 1 
ATOM   906  C  CZ2 . TRP A 1 109 ? 7.203   -8.307  10.076  1.00 11.98 ? 911  TRP A CZ2 1 
ATOM   907  C  CZ3 . TRP A 1 109 ? 5.055   -8.349  8.928   1.00 12.11 ? 911  TRP A CZ3 1 
ATOM   908  C  CH2 . TRP A 1 109 ? 5.903   -7.847  9.926   1.00 12.20 ? 911  TRP A CH2 1 
ATOM   909  N  N   . LYS A 1 110 ? 4.112   -12.275 7.018   1.00 11.61 ? 912  LYS A N   1 
ATOM   910  C  CA  . LYS A 1 110 ? 2.914   -11.963 7.790   1.00 11.91 ? 912  LYS A CA  1 
ATOM   911  C  C   . LYS A 1 110 ? 2.479   -13.169 8.629   1.00 11.96 ? 912  LYS A C   1 
ATOM   912  O  O   . LYS A 1 110 ? 2.037   -13.011 9.769   1.00 12.48 ? 912  LYS A O   1 
ATOM   913  C  CB  . LYS A 1 110 ? 1.752   -11.597 6.863   1.00 11.92 ? 912  LYS A CB  1 
ATOM   914  C  CG  . LYS A 1 110 ? 1.797   -10.194 6.303   1.00 12.04 ? 912  LYS A CG  1 
ATOM   915  C  CD  . LYS A 1 110 ? 0.803   -10.028 5.167   1.00 12.53 ? 912  LYS A CD  1 
ATOM   916  C  CE  . LYS A 1 110 ? -0.626  -10.323 5.569   1.00 12.99 ? 912  LYS A CE  1 
ATOM   917  N  NZ  . LYS A 1 110 ? -1.131  -9.418  6.623   1.00 12.99 ? 912  LYS A NZ  1 
ATOM   918  N  N   . SER A 1 111 ? 2.562   -14.345 8.031   1.00 12.04 ? 913  SER A N   1 
ATOM   919  C  CA  . SER A 1 111 ? 2.038   -15.576 8.648   1.00 12.11 ? 913  SER A CA  1 
ATOM   920  C  C   . SER A 1 111 ? 2.811   -15.979 9.889   1.00 12.92 ? 913  SER A C   1 
ATOM   921  O  O   . SER A 1 111 ? 2.275   -16.722 10.724  1.00 13.23 ? 913  SER A O   1 
ATOM   922  C  CB  . SER A 1 111 ? 2.053   -16.728 7.628   1.00 12.62 ? 913  SER A CB  1 
ATOM   923  O  OG  . SER A 1 111 ? 3.336   -17.245 7.423   1.00 13.43 ? 913  SER A OG  1 
ATOM   924  N  N   . ILE A 1 112 ? 4.045   -15.498 10.033  1.00 12.82 ? 914  ILE A N   1 
ATOM   925  C  CA  . ILE A 1 112 ? 4.874   -15.883 11.183  1.00 13.01 ? 914  ILE A CA  1 
ATOM   926  C  C   . ILE A 1 112 ? 5.259   -14.694 12.048  1.00 12.77 ? 914  ILE A C   1 
ATOM   927  O  O   . ILE A 1 112 ? 6.164   -14.787 12.888  1.00 13.01 ? 914  ILE A O   1 
ATOM   928  C  CB  . ILE A 1 112 ? 6.132   -16.677 10.765  1.00 13.47 ? 914  ILE A CB  1 
ATOM   929  C  CG1 . ILE A 1 112 ? 7.057   -15.823 9.883   1.00 13.66 ? 914  ILE A CG1 1 
ATOM   930  C  CG2 . ILE A 1 112 ? 5.713   -17.962 10.063  1.00 14.62 ? 914  ILE A CG2 1 
ATOM   931  C  CD1 . ILE A 1 112 ? 8.372   -16.501 9.548   1.00 14.66 ? 914  ILE A CD1 1 
ATOM   932  N  N   . ASN A 1 113 ? 4.532   -13.591 11.888  1.00 12.91 ? 915  ASN A N   1 
ATOM   933  C  CA  . ASN A 1 113 ? 4.763   -12.385 12.647  1.00 13.60 ? 915  ASN A CA  1 
ATOM   934  C  C   . ASN A 1 113 ? 3.463   -11.866 13.239  1.00 14.71 ? 915  ASN A C   1 
ATOM   935  O  O   . ASN A 1 113 ? 2.379   -12.246 12.813  1.00 14.19 ? 915  ASN A O   1 
ATOM   936  C  CB  . ASN A 1 113 ? 5.452   -11.336 11.769  1.00 14.05 ? 915  ASN A CB  1 
ATOM   937  C  CG  . ASN A 1 113 ? 6.938   -11.587 11.659  1.00 13.23 ? 915  ASN A CG  1 
ATOM   938  O  OD1 . ASN A 1 113 ? 7.707   -11.238 12.573  1.00 15.02 ? 915  ASN A OD1 1 
ATOM   939  N  ND2 . ASN A 1 113 ? 7.348   -12.273 10.610  1.00 13.29 ? 915  ASN A ND2 1 
ATOM   940  N  N   . SER A 1 114 ? 3.611   -11.007 14.237  1.00 16.63 ? 916  SER A N   1 
ATOM   941  C  CA  . SER A 1 114 ? 2.488   -10.358 14.903  1.00 18.41 ? 916  SER A CA  1 
ATOM   942  C  C   . SER A 1 114 ? 1.747   -9.506  13.892  1.00 17.72 ? 916  SER A C   1 
ATOM   943  O  O   . SER A 1 114 ? 2.356   -8.997  12.942  1.00 17.34 ? 916  SER A O   1 
ATOM   944  C  CB  . SER A 1 114 ? 2.989   -9.486  16.065  1.00 20.28 ? 916  SER A CB  1 
ATOM   945  O  OG  . SER A 1 114 ? 3.834   -10.241 16.927  1.00 24.30 ? 916  SER A OG  1 
ATOM   946  N  N   . SER A 1 115 ? 0.443   -9.348  14.101  1.00 17.30 ? 917  SER A N   1 
ATOM   947  C  CA  . SER A 1 115 ? -0.392  -8.546  13.208  1.00 17.16 ? 917  SER A CA  1 
ATOM   948  C  C   . SER A 1 115 ? 0.144   -7.129  13.059  1.00 15.73 ? 917  SER A C   1 
ATOM   949  O  O   . SER A 1 115 ? 0.655   -6.524  14.001  1.00 15.48 ? 917  SER A O   1 
ATOM   950  C  CB  . SER A 1 115 ? -1.828  -8.488  13.731  1.00 18.64 ? 917  SER A CB  1 
ATOM   951  O  OG  . SER A 1 115 ? -2.368  -9.795  13.877  1.00 22.20 ? 917  SER A OG  1 
ATOM   952  N  N   . LEU A 1 116 ? 0.013   -6.601  11.849  1.00 14.68 ? 918  LEU A N   1 
ATOM   953  C  CA  . LEU A 1 116 ? 0.379   -5.223  11.577  1.00 14.26 ? 918  LEU A CA  1 
ATOM   954  C  C   . LEU A 1 116 ? -0.656  -4.289  12.226  1.00 13.91 ? 918  LEU A C   1 
ATOM   955  O  O   . LEU A 1 116 ? -1.749  -4.726  12.616  1.00 13.79 ? 918  LEU A O   1 
ATOM   956  C  CB  . LEU A 1 116 ? 0.472   -5.006  10.064  1.00 14.34 ? 918  LEU A CB  1 
ATOM   957  C  CG  . LEU A 1 116 ? 1.577   -5.815  9.374   1.00 14.32 ? 918  LEU A CG  1 
ATOM   958  C  CD1 . LEU A 1 116 ? 1.252   -5.967  7.888   1.00 14.57 ? 918  LEU A CD1 1 
ATOM   959  C  CD2 . LEU A 1 116 ? 2.949   -5.178  9.587   1.00 15.22 ? 918  LEU A CD2 1 
ATOM   960  N  N   . LYS A 1 117 ? -0.320  -3.012  12.338  1.00 13.59 ? 919  LYS A N   1 
ATOM   961  C  CA  . LYS A 1 117 ? -1.194  -2.053  13.014  1.00 14.10 ? 919  LYS A CA  1 
ATOM   962  C  C   . LYS A 1 117 ? -2.482  -1.788  12.242  1.00 13.44 ? 919  LYS A C   1 
ATOM   963  O  O   . LYS A 1 117 ? -2.468  -1.631  11.021  1.00 12.74 ? 919  LYS A O   1 
ATOM   964  C  CB  . LYS A 1 117 ? -0.466  -0.738  13.214  1.00 15.52 ? 919  LYS A CB  1 
ATOM   965  C  CG  . LYS A 1 117 ? 0.720   -0.816  14.157  1.00 18.02 ? 919  LYS A CG  1 
ATOM   966  C  CD  . LYS A 1 117 ? 1.290   0.580   14.319  1.00 19.46 ? 919  LYS A CD  1 
ATOM   967  C  CE  . LYS A 1 117 ? 2.235   0.712   15.498  1.00 21.61 ? 919  LYS A CE  1 
ATOM   968  N  NZ  . LYS A 1 117 ? 2.541   2.153   15.729  1.00 24.00 ? 919  LYS A NZ  1 
ATOM   969  N  N   . ASN A 1 118 ? -3.596  -1.741  12.942  1.00 12.96 ? 920  ASN A N   1 
ATOM   970  C  CA  . ASN A 1 118 ? -4.846  -1.329  12.346  1.00 13.29 ? 920  ASN A CA  1 
ATOM   971  C  C   . ASN A 1 118 ? -4.881  0.160   12.017  1.00 13.01 ? 920  ASN A C   1 
ATOM   972  O  O   . ASN A 1 118 ? -4.301  0.998   12.710  1.00 13.25 ? 920  ASN A O   1 
ATOM   973  C  CB  . ASN A 1 118 ? -6.021  -1.681  13.273  1.00 14.50 ? 920  ASN A CB  1 
ATOM   974  C  CG  . ASN A 1 118 ? -6.341  -3.160  13.265  1.00 15.96 ? 920  ASN A CG  1 
ATOM   975  O  OD1 . ASN A 1 118 ? -6.069  -3.870  12.286  1.00 17.28 ? 920  ASN A OD1 1 
ATOM   976  N  ND2 . ASN A 1 118 ? -6.940  -3.643  14.353  1.00 18.14 ? 920  ASN A ND2 1 
ATOM   977  N  N   . PHE A 1 119 ? -5.569  0.484   10.924  1.00 12.64 ? 921  PHE A N   1 
ATOM   978  C  CA  . PHE A 1 119 ? -5.865  1.863   10.562  1.00 13.45 ? 921  PHE A CA  1 
ATOM   979  C  C   . PHE A 1 119 ? -6.558  2.571   11.722  1.00 13.64 ? 921  PHE A C   1 
ATOM   980  O  O   . PHE A 1 119 ? -7.416  1.986   12.385  1.00 14.58 ? 921  PHE A O   1 
ATOM   981  C  CB  . PHE A 1 119 ? -6.779  1.838   9.335   1.00 13.77 ? 921  PHE A CB  1 
ATOM   982  C  CG  . PHE A 1 119 ? -7.123  3.191   8.792   1.00 14.59 ? 921  PHE A CG  1 
ATOM   983  C  CD1 . PHE A 1 119 ? -6.241  3.879   7.969   1.00 14.88 ? 921  PHE A CD1 1 
ATOM   984  C  CD2 . PHE A 1 119 ? -8.356  3.758   9.076   1.00 15.78 ? 921  PHE A CD2 1 
ATOM   985  C  CE1 . PHE A 1 119 ? -6.598  5.134   7.444   1.00 15.09 ? 921  PHE A CE1 1 
ATOM   986  C  CE2 . PHE A 1 119 ? -8.709  4.994   8.570   1.00 15.62 ? 921  PHE A CE2 1 
ATOM   987  C  CZ  . PHE A 1 119 ? -7.833  5.674   7.754   1.00 15.56 ? 921  PHE A CZ  1 
ATOM   988  N  N   . ASP A 1 120 ? -6.167  3.813   11.964  1.00 13.73 ? 922  ASP A N   1 
ATOM   989  C  CA  . ASP A 1 120 ? -6.793  4.644   12.993  1.00 14.99 ? 922  ASP A CA  1 
ATOM   990  C  C   . ASP A 1 120 ? -7.080  5.987   12.342  1.00 14.76 ? 922  ASP A C   1 
ATOM   991  O  O   . ASP A 1 120 ? -6.167  6.683   11.914  1.00 13.40 ? 922  ASP A O   1 
ATOM   992  C  CB  . ASP A 1 120 ? -5.837  4.767   14.182  1.00 16.34 ? 922  ASP A CB  1 
ATOM   993  C  CG  . ASP A 1 120 ? -6.301  5.759   15.248  1.00 18.21 ? 922  ASP A CG  1 
ATOM   994  O  OD1 . ASP A 1 120 ? -7.153  6.621   14.981  1.00 21.09 ? 922  ASP A OD1 1 
ATOM   995  O  OD2 . ASP A 1 120 ? -5.763  5.664   16.369  1.00 23.47 ? 922  ASP A OD2 1 
ATOM   996  N  N   . VAL A 1 121 ? -8.355  6.361   12.284  1.00 14.94 ? 923  VAL A N   1 
ATOM   997  C  CA  A VAL A 1 121 ? -8.747  7.562   11.566  0.70 15.77 ? 923  VAL A CA  1 
ATOM   998  C  CA  B VAL A 1 121 ? -8.766  7.572   11.581  0.30 15.78 ? 923  VAL A CA  1 
ATOM   999  C  C   . VAL A 1 121 ? -8.154  8.826   12.197  1.00 15.82 ? 923  VAL A C   1 
ATOM   1000 O  O   . VAL A 1 121 ? -7.822  9.771   11.497  1.00 16.82 ? 923  VAL A O   1 
ATOM   1001 C  CB  A VAL A 1 121 ? -10.285 7.675   11.383  0.70 16.01 ? 923  VAL A CB  1 
ATOM   1002 C  CB  B VAL A 1 121 ? -10.300 7.714   11.553  0.30 16.05 ? 923  VAL A CB  1 
ATOM   1003 C  CG1 A VAL A 1 121 ? -10.990 8.043   12.689  0.70 15.68 ? 923  VAL A CG1 1 
ATOM   1004 C  CG1 B VAL A 1 121 ? -10.704 9.022   10.892  0.30 16.21 ? 923  VAL A CG1 1 
ATOM   1005 C  CG2 A VAL A 1 121 ? -10.601 8.688   10.295  0.70 16.29 ? 923  VAL A CG2 1 
ATOM   1006 C  CG2 B VAL A 1 121 ? -10.925 6.533   10.830  0.30 16.22 ? 923  VAL A CG2 1 
ATOM   1007 N  N   . GLU A 1 122 ? -8.001  8.835   13.519  1.00 16.42 ? 924  GLU A N   1 
ATOM   1008 C  CA  . GLU A 1 122 ? -7.420  10.000  14.188  1.00 17.73 ? 924  GLU A CA  1 
ATOM   1009 C  C   . GLU A 1 122 ? -5.924  10.109  13.882  1.00 16.42 ? 924  GLU A C   1 
ATOM   1010 O  O   . GLU A 1 122 ? -5.421  11.201  13.646  1.00 16.38 ? 924  GLU A O   1 
ATOM   1011 C  CB  . GLU A 1 122 ? -7.704  9.970   15.696  1.00 19.79 ? 924  GLU A CB  1 
ATOM   1012 C  CG  . GLU A 1 122 ? -9.189  10.153  16.034  1.00 22.35 ? 924  GLU A CG  1 
ATOM   1013 C  CD  . GLU A 1 122 ? -9.471  10.294  17.527  1.00 24.83 ? 924  GLU A CD  1 
ATOM   1014 O  OE1 . GLU A 1 122 ? -8.618  10.850  18.254  1.00 28.99 ? 924  GLU A OE1 1 
ATOM   1015 O  OE2 . GLU A 1 122 ? -10.559 9.868   17.975  1.00 26.94 ? 924  GLU A OE2 1 
ATOM   1016 N  N   . GLU A 1 123 ? -5.218  8.978   13.826  1.00 15.69 ? 925  GLU A N   1 
ATOM   1017 C  CA  . GLU A 1 123 ? -3.822  8.989   13.397  1.00 15.07 ? 925  GLU A CA  1 
ATOM   1018 C  C   . GLU A 1 123 ? -3.720  9.500   11.960  1.00 15.33 ? 925  GLU A C   1 
ATOM   1019 O  O   . GLU A 1 123 ? -2.835  10.291  11.630  1.00 15.63 ? 925  GLU A O   1 
ATOM   1020 C  CB  . GLU A 1 123 ? -3.204  7.584   13.469  1.00 15.27 ? 925  GLU A CB  1 
ATOM   1021 C  CG  . GLU A 1 123 ? -1.762  7.529   12.982  1.00 15.27 ? 925  GLU A CG  1 
ATOM   1022 C  CD  . GLU A 1 123 ? -1.197  6.124   12.858  1.00 15.40 ? 925  GLU A CD  1 
ATOM   1023 O  OE1 . GLU A 1 123 ? -1.941  5.165   12.551  1.00 14.23 ? 925  GLU A OE1 1 
ATOM   1024 O  OE2 . GLU A 1 123 ? 0.021   5.974   13.078  1.00 16.19 ? 925  GLU A OE2 1 
ATOM   1025 N  N   . MET A 1 124 ? -4.633  9.046   11.099  1.00 15.17 ? 926  MET A N   1 
ATOM   1026 C  CA  . MET A 1 124 ? -4.594  9.430   9.693   1.00 15.35 ? 926  MET A CA  1 
ATOM   1027 C  C   . MET A 1 124 ? -4.852  10.927  9.548   1.00 15.85 ? 926  MET A C   1 
ATOM   1028 O  O   . MET A 1 124 ? -4.176  11.603  8.800   1.00 14.58 ? 926  MET A O   1 
ATOM   1029 C  CB  . MET A 1 124 ? -5.613  8.614   8.888   1.00 15.75 ? 926  MET A CB  1 
ATOM   1030 C  CG  . MET A 1 124 ? -5.407  8.683   7.379   1.00 16.28 ? 926  MET A CG  1 
ATOM   1031 S  SD  . MET A 1 124 ? -3.898  7.856   6.823   1.00 17.94 ? 926  MET A SD  1 
ATOM   1032 C  CE  . MET A 1 124 ? -4.126  7.898   5.042   1.00 19.38 ? 926  MET A CE  1 
ATOM   1033 N  N   . SER A 1 125 ? -5.833  11.431  10.284  1.00 15.99 ? 927  SER A N   1 
ATOM   1034 C  CA  . SER A 1 125 ? -6.141  12.857  10.280  1.00 17.29 ? 927  SER A CA  1 
ATOM   1035 C  C   . SER A 1 125 ? -4.993  13.731  10.800  1.00 16.99 ? 927  SER A C   1 
ATOM   1036 O  O   . SER A 1 125 ? -4.790  14.837  10.304  1.00 16.41 ? 927  SER A O   1 
ATOM   1037 C  CB  . SER A 1 125 ? -7.433  13.104  11.055  1.00 17.53 ? 927  SER A CB  1 
ATOM   1038 O  OG  . SER A 1 125 ? -8.524  12.449  10.406  1.00 19.76 ? 927  SER A OG  1 
ATOM   1039 N  N   A ASN A 1 126 ? -4.240  13.231  11.771  0.70 17.78 ? 928  ASN A N   1 
ATOM   1040 N  N   B ASN A 1 126 ? -4.227  13.241  11.769  0.30 17.65 ? 928  ASN A N   1 
ATOM   1041 C  CA  A ASN A 1 126 ? -3.052  13.939  12.250  0.70 18.57 ? 928  ASN A CA  1 
ATOM   1042 C  CA  B ASN A 1 126 ? -3.056  13.985  12.233  0.30 18.26 ? 928  ASN A CA  1 
ATOM   1043 C  C   A ASN A 1 126 ? -1.979  14.022  11.176  0.70 18.12 ? 928  ASN A C   1 
ATOM   1044 C  C   B ASN A 1 126 ? -1.918  14.002  11.220  0.30 17.96 ? 928  ASN A C   1 
ATOM   1045 O  O   A ASN A 1 126 ? -1.356  15.064  10.990  0.70 18.99 ? 928  ASN A O   1 
ATOM   1046 O  O   B ASN A 1 126 ? -1.175  14.977  11.133  0.30 18.45 ? 928  ASN A O   1 
ATOM   1047 C  CB  A ASN A 1 126 ? -2.474  13.280  13.509  0.70 19.65 ? 928  ASN A CB  1 
ATOM   1048 C  CB  B ASN A 1 126 ? -2.556  13.452  13.571  0.30 19.09 ? 928  ASN A CB  1 
ATOM   1049 C  CG  A ASN A 1 126 ? -3.177  13.722  14.782  0.70 20.93 ? 928  ASN A CG  1 
ATOM   1050 C  CG  B ASN A 1 126 ? -3.022  14.301  14.733  0.30 20.04 ? 928  ASN A CG  1 
ATOM   1051 O  OD1 A ASN A 1 126 ? -3.540  14.895  14.933  0.70 23.07 ? 928  ASN A OD1 1 
ATOM   1052 O  OD1 B ASN A 1 126 ? -4.178  14.730  14.779  0.30 20.96 ? 928  ASN A OD1 1 
ATOM   1053 N  ND2 A ASN A 1 126 ? -3.340  12.797  15.717  0.70 20.58 ? 928  ASN A ND2 1 
ATOM   1054 N  ND2 B ASN A 1 126 ? -2.124  14.561  15.673  0.30 20.82 ? 928  ASN A ND2 1 
ATOM   1055 N  N   . LEU A 1 127 ? -1.777  12.919  10.463  1.00 17.40 ? 929  LEU A N   1 
ATOM   1056 C  CA  . LEU A 1 127 ? -0.779  12.857  9.402   1.00 17.63 ? 929  LEU A CA  1 
ATOM   1057 C  C   . LEU A 1 127 ? -1.204  13.657  8.161   1.00 16.55 ? 929  LEU A C   1 
ATOM   1058 O  O   . LEU A 1 127 ? -0.375  14.271  7.492   1.00 16.74 ? 929  LEU A O   1 
ATOM   1059 C  CB  . LEU A 1 127 ? -0.505  11.387  9.037   1.00 18.20 ? 929  LEU A CB  1 
ATOM   1060 C  CG  . LEU A 1 127 ? 0.098   10.557  10.183  1.00 19.87 ? 929  LEU A CG  1 
ATOM   1061 C  CD1 . LEU A 1 127 ? 0.101   9.073   9.822   1.00 20.33 ? 929  LEU A CD1 1 
ATOM   1062 C  CD2 . LEU A 1 127 ? 1.501   11.036  10.548  1.00 20.51 ? 929  LEU A CD2 1 
ATOM   1063 N  N   . TYR A 1 128 ? -2.505  13.652  7.866   1.00 15.59 ? 930  TYR A N   1 
ATOM   1064 C  CA  . TYR A 1 128 ? -3.054  14.335  6.708   1.00 15.43 ? 930  TYR A CA  1 
ATOM   1065 C  C   . TYR A 1 128 ? -4.206  15.221  7.170   1.00 14.91 ? 930  TYR A C   1 
ATOM   1066 O  O   . TYR A 1 128 ? -5.378  14.879  7.014   1.00 14.45 ? 930  TYR A O   1 
ATOM   1067 C  CB  . TYR A 1 128 ? -3.540  13.297  5.698   1.00 16.11 ? 930  TYR A CB  1 
ATOM   1068 C  CG  . TYR A 1 128 ? -2.452  12.380  5.187   1.00 16.73 ? 930  TYR A CG  1 
ATOM   1069 C  CD1 . TYR A 1 128 ? -1.564  12.809  4.214   1.00 16.99 ? 930  TYR A CD1 1 
ATOM   1070 C  CD2 . TYR A 1 128 ? -2.321  11.086  5.670   1.00 16.87 ? 930  TYR A CD2 1 
ATOM   1071 C  CE1 . TYR A 1 128 ? -0.561  11.982  3.733   1.00 17.95 ? 930  TYR A CE1 1 
ATOM   1072 C  CE2 . TYR A 1 128 ? -1.321  10.244  5.192   1.00 18.37 ? 930  TYR A CE2 1 
ATOM   1073 C  CZ  . TYR A 1 128 ? -0.450  10.698  4.223   1.00 18.32 ? 930  TYR A CZ  1 
ATOM   1074 O  OH  . TYR A 1 128 ? 0.536   9.850   3.731   1.00 21.10 ? 930  TYR A OH  1 
ATOM   1075 N  N   . PRO A 1 129 ? -3.862  16.366  7.777   1.00 15.02 ? 931  PRO A N   1 
ATOM   1076 C  CA  . PRO A 1 129 ? -4.901  17.222  8.310   1.00 15.37 ? 931  PRO A CA  1 
ATOM   1077 C  C   . PRO A 1 129 ? -5.819  17.796  7.232   1.00 14.22 ? 931  PRO A C   1 
ATOM   1078 O  O   . PRO A 1 129 ? -5.404  17.991  6.085   1.00 13.46 ? 931  PRO A O   1 
ATOM   1079 C  CB  . PRO A 1 129 ? -4.118  18.321  9.018   1.00 15.24 ? 931  PRO A CB  1 
ATOM   1080 C  CG  . PRO A 1 129 ? -2.814  18.379  8.332   1.00 15.95 ? 931  PRO A CG  1 
ATOM   1081 C  CD  . PRO A 1 129 ? -2.526  16.967  7.888   1.00 15.36 ? 931  PRO A CD  1 
ATOM   1082 N  N   . PRO A 1 130 ? -7.075  18.086  7.593   1.00 14.03 ? 932  PRO A N   1 
ATOM   1083 C  CA  . PRO A 1 130 ? -8.050  18.571  6.620   1.00 14.00 ? 932  PRO A CA  1 
ATOM   1084 C  C   . PRO A 1 130 ? -8.000  20.093  6.424   1.00 13.33 ? 932  PRO A C   1 
ATOM   1085 O  O   . PRO A 1 130 ? -8.929  20.695  5.881   1.00 13.79 ? 932  PRO A O   1 
ATOM   1086 C  CB  . PRO A 1 130 ? -9.368  18.112  7.222   1.00 14.26 ? 932  PRO A CB  1 
ATOM   1087 C  CG  . PRO A 1 130 ? -9.120  18.156  8.703   1.00 14.19 ? 932  PRO A CG  1 
ATOM   1088 C  CD  . PRO A 1 130 ? -7.695  17.746  8.884   1.00 14.41 ? 932  PRO A CD  1 
ATOM   1089 N  N   . PHE A 1 131 ? -6.907  20.706  6.877   1.00 12.38 ? 933  PHE A N   1 
ATOM   1090 C  CA  . PHE A 1 131 ? -6.664  22.136  6.695   1.00 12.08 ? 933  PHE A CA  1 
ATOM   1091 C  C   . PHE A 1 131 ? -5.157  22.336  6.659   1.00 12.09 ? 933  PHE A C   1 
ATOM   1092 O  O   . PHE A 1 131 ? -4.705  23.443  6.349   1.00 12.20 ? 933  PHE A O   1 
ATOM   1093 C  CB  . PHE A 1 131 ? -7.276  22.930  7.853   1.00 11.43 ? 933  PHE A CB  1 
ATOM   1094 C  CG  . PHE A 1 131 ? -6.813  22.461  9.203   1.00 10.98 ? 933  PHE A CG  1 
ATOM   1095 C  CD1 . PHE A 1 131 ? -5.611  22.914  9.719   1.00 10.80 ? 933  PHE A CD1 1 
ATOM   1096 C  CD2 . PHE A 1 131 ? -7.531  21.530  9.919   1.00 11.11 ? 933  PHE A CD2 1 
ATOM   1097 C  CE1 . PHE A 1 131 ? -5.148  22.469  10.933  1.00 10.70 ? 933  PHE A CE1 1 
ATOM   1098 C  CE2 . PHE A 1 131 ? -7.088  21.094  11.145  1.00 10.46 ? 933  PHE A CE2 1 
ATOM   1099 C  CZ  . PHE A 1 131 ? -5.892  21.547  11.650  1.00 10.54 ? 933  PHE A CZ  1 
ATOM   1100 O  OXT . PHE A 1 131 ? -4.392  21.418  6.981   1.00 12.86 ? 933  PHE A OXT 1 
HETATM 1101 ZN ZN  . ZN  B 2 .   ? 10.255  -3.401  -9.199  1.00 7.66  ? 1000 ZN  A ZN  1 
HETATM 1102 C  C1  . GOL C 3 .   ? -3.406  9.001   1.455   1.00 21.01 ? 1934 GOL A C1  1 
HETATM 1103 O  O1  . GOL C 3 .   ? -2.101  8.489   1.156   1.00 18.95 ? 1934 GOL A O1  1 
HETATM 1104 C  C2  . GOL C 3 .   ? -3.362  10.508  1.335   1.00 22.02 ? 1934 GOL A C2  1 
HETATM 1105 O  O2  . GOL C 3 .   ? -4.740  10.969  1.438   1.00 21.47 ? 1934 GOL A O2  1 
HETATM 1106 C  C3  . GOL C 3 .   ? -2.599  10.753  0.020   1.00 22.75 ? 1934 GOL A C3  1 
HETATM 1107 O  O3  . GOL C 3 .   ? -2.797  12.024  -0.576  1.00 25.86 ? 1934 GOL A O3  1 
HETATM 1108 C  C1  . GOL D 3 .   ? -8.437  -8.223  -0.882  1.00 22.93 ? 1935 GOL A C1  1 
HETATM 1109 O  O1  . GOL D 3 .   ? -9.085  -8.099  0.398   1.00 25.99 ? 1935 GOL A O1  1 
HETATM 1110 C  C2  . GOL D 3 .   ? -7.926  -6.859  -1.339  1.00 21.10 ? 1935 GOL A C2  1 
HETATM 1111 O  O2  . GOL D 3 .   ? -7.292  -6.973  -2.621  1.00 20.94 ? 1935 GOL A O2  1 
HETATM 1112 C  C3  . GOL D 3 .   ? -6.912  -6.314  -0.337  1.00 20.15 ? 1935 GOL A C3  1 
HETATM 1113 O  O3  . GOL D 3 .   ? -6.590  -4.960  -0.649  1.00 16.15 ? 1935 GOL A O3  1 
HETATM 1114 O  O   . HOH E 4 .   ? 8.017   -13.635 -4.599  1.00 27.64 ? 2001 HOH A O   1 
HETATM 1115 O  O   . HOH E 4 .   ? 17.991  -7.341  -11.656 1.00 38.28 ? 2002 HOH A O   1 
HETATM 1116 O  O   . HOH E 4 .   ? 10.161  8.639   4.817   1.00 42.07 ? 2003 HOH A O   1 
HETATM 1117 O  O   . HOH E 4 .   ? 3.565   7.906   10.721  1.00 38.39 ? 2004 HOH A O   1 
HETATM 1118 O  O   . HOH E 4 .   ? -16.053 -4.749  5.119   1.00 29.56 ? 2005 HOH A O   1 
HETATM 1119 O  O   . HOH E 4 .   ? -4.994  -9.781  0.011   1.00 27.95 ? 2006 HOH A O   1 
HETATM 1120 O  O   . HOH E 4 .   ? -4.249  -10.230 4.822   1.00 28.54 ? 2007 HOH A O   1 
HETATM 1121 O  O   . HOH E 4 .   ? 5.645   10.911  6.361   1.00 36.87 ? 2008 HOH A O   1 
HETATM 1122 O  O   . HOH E 4 .   ? 6.404   11.815  -5.261  1.00 35.21 ? 2009 HOH A O   1 
HETATM 1123 O  O   . HOH E 4 .   ? 1.215   9.349   -7.630  1.00 37.32 ? 2010 HOH A O   1 
HETATM 1124 O  O   . HOH E 4 .   ? 12.283  11.995  1.765   1.00 23.79 ? 2011 HOH A O   1 
HETATM 1125 O  O   . HOH E 4 .   ? 15.256  10.169  -2.189  1.00 27.99 ? 2012 HOH A O   1 
HETATM 1126 O  O   . HOH E 4 .   ? 5.338   4.389   -16.662 1.00 29.65 ? 2013 HOH A O   1 
HETATM 1127 O  O   . HOH E 4 .   ? -4.760  8.792   -9.741  1.00 24.44 ? 2014 HOH A O   1 
HETATM 1128 O  O   . HOH E 4 .   ? -9.424  9.201   -15.381 1.00 32.77 ? 2015 HOH A O   1 
HETATM 1129 O  O   . HOH E 4 .   ? -8.452  10.480  -9.441  1.00 25.52 ? 2016 HOH A O   1 
HETATM 1130 O  O   . HOH E 4 .   ? -18.460 7.999   -8.124  1.00 17.54 ? 2017 HOH A O   1 
HETATM 1131 O  O   . HOH E 4 .   ? -22.249 5.158   -6.119  1.00 12.93 ? 2018 HOH A O   1 
HETATM 1132 O  O   . HOH E 4 .   ? -16.908 7.853   2.151   1.00 24.91 ? 2019 HOH A O   1 
HETATM 1133 O  O   . HOH E 4 .   ? -3.924  1.832   -18.339 1.00 26.91 ? 2020 HOH A O   1 
HETATM 1134 O  O   . HOH E 4 .   ? 15.895  -4.600  -18.244 1.00 44.42 ? 2021 HOH A O   1 
HETATM 1135 O  O   . HOH E 4 .   ? 1.817   -9.298  -10.690 1.00 37.47 ? 2022 HOH A O   1 
HETATM 1136 O  O   . HOH E 4 .   ? 7.637   -11.886 -8.645  1.00 36.69 ? 2023 HOH A O   1 
HETATM 1137 O  O   . HOH E 4 .   ? -4.996  -4.188  -10.972 1.00 34.63 ? 2024 HOH A O   1 
HETATM 1138 O  O   . HOH E 4 .   ? -12.477 16.518  2.051   1.00 32.23 ? 2025 HOH A O   1 
HETATM 1139 O  O   . HOH E 4 .   ? -8.551  15.137  -1.075  1.00 27.81 ? 2026 HOH A O   1 
HETATM 1140 O  O   . HOH E 4 .   ? -11.466 2.408   11.710  1.00 25.42 ? 2027 HOH A O   1 
HETATM 1141 O  O   . HOH E 4 .   ? -18.083 9.503   1.009   1.00 28.40 ? 2028 HOH A O   1 
HETATM 1142 O  O   . HOH E 4 .   ? 18.828  -5.873  0.394   1.00 20.63 ? 2029 HOH A O   1 
HETATM 1143 O  O   . HOH E 4 .   ? 6.481   -18.828 0.853   1.00 31.66 ? 2030 HOH A O   1 
HETATM 1144 O  O   . HOH E 4 .   ? 2.987   -18.094 3.354   1.00 24.92 ? 2031 HOH A O   1 
HETATM 1145 O  O   . HOH E 4 .   ? -1.204  -14.210 7.542   1.00 21.74 ? 2032 HOH A O   1 
HETATM 1146 O  O   . HOH E 4 .   ? 0.170   -17.416 4.128   1.00 39.34 ? 2033 HOH A O   1 
HETATM 1147 O  O   . HOH E 4 .   ? -1.628  -16.877 8.697   1.00 32.28 ? 2034 HOH A O   1 
HETATM 1148 O  O   . HOH E 4 .   ? -1.555  -0.042  17.015  1.00 35.24 ? 2035 HOH A O   1 
HETATM 1149 O  O   . HOH E 4 .   ? -9.609  3.585   15.898  1.00 38.15 ? 2036 HOH A O   1 
HETATM 1150 O  O   . HOH E 4 .   ? -0.697  17.701  4.711   1.00 37.91 ? 2037 HOH A O   1 
HETATM 1151 O  O   . HOH E 4 .   ? -3.882  15.563  2.204   1.00 23.37 ? 2038 HOH A O   1 
HETATM 1152 O  O   . HOH E 4 .   ? -3.703  21.129  2.785   1.00 56.23 ? 2039 HOH A O   1 
HETATM 1153 O  O   . HOH E 4 .   ? -9.763  23.100  2.315   1.00 30.78 ? 2040 HOH A O   1 
HETATM 1154 O  O   . HOH E 4 .   ? -6.994  12.957  -10.231 1.00 39.71 ? 2041 HOH A O   1 
HETATM 1155 O  O   . HOH E 4 .   ? 6.712   -3.239  11.949  1.00 25.15 ? 2042 HOH A O   1 
HETATM 1156 O  O   . HOH E 4 .   ? 10.105  -9.748  11.867  1.00 23.95 ? 2043 HOH A O   1 
HETATM 1157 O  O   . HOH E 4 .   ? 15.823  -5.718  11.268  1.00 40.57 ? 2044 HOH A O   1 
HETATM 1158 O  O   . HOH E 4 .   ? 14.374  -5.495  6.830   1.00 14.68 ? 2045 HOH A O   1 
HETATM 1159 O  O   . HOH E 4 .   ? 16.788  -0.532  6.945   1.00 23.04 ? 2046 HOH A O   1 
HETATM 1160 O  O   . HOH E 4 .   ? 10.333  -12.742 -5.898  1.00 21.42 ? 2047 HOH A O   1 
HETATM 1161 O  O   . HOH E 4 .   ? 12.516  -11.782 -9.304  1.00 41.23 ? 2048 HOH A O   1 
HETATM 1162 O  O   . HOH E 4 .   ? 12.193  -10.844 -11.484 1.00 30.40 ? 2049 HOH A O   1 
HETATM 1163 O  O   . HOH E 4 .   ? 15.384  -9.526  -9.081  1.00 26.85 ? 2050 HOH A O   1 
HETATM 1164 O  O   . HOH E 4 .   ? 13.685  -7.512  -12.479 1.00 37.74 ? 2051 HOH A O   1 
HETATM 1165 O  O   . HOH E 4 .   ? 5.234   -8.036  -13.222 1.00 29.04 ? 2052 HOH A O   1 
HETATM 1166 O  O   . HOH E 4 .   ? 17.160  -5.451  -9.835  1.00 14.10 ? 2053 HOH A O   1 
HETATM 1167 O  O   . HOH E 4 .   ? 13.247  -13.362 -7.081  1.00 44.24 ? 2054 HOH A O   1 
HETATM 1168 O  O   . HOH E 4 .   ? 12.683  -13.524 -3.678  1.00 34.15 ? 2055 HOH A O   1 
HETATM 1169 O  O   . HOH E 4 .   ? 17.736  -10.658 -6.309  1.00 32.97 ? 2056 HOH A O   1 
HETATM 1170 O  O   . HOH E 4 .   ? 12.157  1.897   -5.042  1.00 6.95  ? 2057 HOH A O   1 
HETATM 1171 O  O   . HOH E 4 .   ? 11.230  5.296   4.039   1.00 20.22 ? 2058 HOH A O   1 
HETATM 1172 O  O   . HOH E 4 .   ? 1.958   -1.819  11.041  1.00 14.41 ? 2059 HOH A O   1 
HETATM 1173 O  O   . HOH E 4 .   ? 4.160   -2.752  12.534  1.00 30.55 ? 2060 HOH A O   1 
HETATM 1174 O  O   . HOH E 4 .   ? 4.443   2.154   13.362  1.00 36.20 ? 2061 HOH A O   1 
HETATM 1175 O  O   . HOH E 4 .   ? 4.194   4.986   11.045  1.00 28.90 ? 2062 HOH A O   1 
HETATM 1176 O  O   . HOH E 4 .   ? 5.831   4.695   8.936   1.00 29.07 ? 2063 HOH A O   1 
HETATM 1177 O  O   . HOH E 4 .   ? 3.898   -0.304  12.962  1.00 35.30 ? 2064 HOH A O   1 
HETATM 1178 O  O   . HOH E 4 .   ? 9.713   4.588   6.865   1.00 32.56 ? 2065 HOH A O   1 
HETATM 1179 O  O   . HOH E 4 .   ? 5.867   4.512   3.397   1.00 33.89 ? 2066 HOH A O   1 
HETATM 1180 O  O   . HOH E 4 .   ? 8.289   4.749   3.376   1.00 22.56 ? 2067 HOH A O   1 
HETATM 1181 O  O   . HOH E 4 .   ? -8.115  -3.692  10.326  1.00 15.94 ? 2068 HOH A O   1 
HETATM 1182 O  O   . HOH E 4 .   ? -8.384  -1.275  10.834  1.00 41.77 ? 2069 HOH A O   1 
HETATM 1183 O  O   . HOH E 4 .   ? -17.153 2.138   4.392   1.00 25.72 ? 2070 HOH A O   1 
HETATM 1184 O  O   . HOH E 4 .   ? -17.470 -2.267  5.095   1.00 22.60 ? 2071 HOH A O   1 
HETATM 1185 O  O   . HOH E 4 .   ? -5.645  -9.217  2.816   1.00 25.10 ? 2072 HOH A O   1 
HETATM 1186 O  O   . HOH E 4 .   ? -4.514  -7.751  1.158   1.00 31.58 ? 2073 HOH A O   1 
HETATM 1187 O  O   . HOH E 4 .   ? -12.977 -5.188  2.752   1.00 26.94 ? 2074 HOH A O   1 
HETATM 1188 O  O   . HOH E 4 .   ? -4.003  -4.948  0.593   1.00 9.33  ? 2075 HOH A O   1 
HETATM 1189 O  O   . HOH E 4 .   ? 1.795   6.646   0.879   1.00 12.88 ? 2076 HOH A O   1 
HETATM 1190 O  O   . HOH E 4 .   ? -0.975  7.324   3.194   1.00 17.70 ? 2077 HOH A O   1 
HETATM 1191 O  O   . HOH E 4 .   ? 6.296   6.785   3.110   1.00 18.13 ? 2078 HOH A O   1 
HETATM 1192 O  O   . HOH E 4 .   ? 4.292   8.561   7.695   1.00 35.30 ? 2079 HOH A O   1 
HETATM 1193 O  O   . HOH E 4 .   ? 4.146   12.276  4.678   1.00 26.12 ? 2080 HOH A O   1 
HETATM 1194 O  O   . HOH E 4 .   ? 7.136   9.593   4.158   1.00 27.23 ? 2081 HOH A O   1 
HETATM 1195 O  O   . HOH E 4 .   ? 5.733   12.257  -2.583  1.00 21.31 ? 2082 HOH A O   1 
HETATM 1196 O  O   . HOH E 4 .   ? -0.715  12.253  -2.218  1.00 27.49 ? 2083 HOH A O   1 
HETATM 1197 O  O   . HOH E 4 .   ? 3.197   8.207   -6.995  1.00 24.23 ? 2084 HOH A O   1 
HETATM 1198 O  O   . HOH E 4 .   ? 6.125   10.714  -7.661  1.00 43.67 ? 2085 HOH A O   1 
HETATM 1199 O  O   . HOH E 4 .   ? 13.027  11.124  -0.657  1.00 24.11 ? 2086 HOH A O   1 
HETATM 1200 O  O   . HOH E 4 .   ? 13.033  9.510   -4.199  1.00 17.48 ? 2087 HOH A O   1 
HETATM 1201 O  O   . HOH E 4 .   ? 8.022   13.766  -3.169  1.00 30.23 ? 2088 HOH A O   1 
HETATM 1202 O  O   . HOH E 4 .   ? 9.840   12.598  0.567   1.00 36.82 ? 2089 HOH A O   1 
HETATM 1203 O  O   . HOH E 4 .   ? 10.319  1.332   -6.980  1.00 8.32  ? 2090 HOH A O   1 
HETATM 1204 O  O   . HOH E 4 .   ? -0.734  8.242   -5.869  1.00 22.58 ? 2091 HOH A O   1 
HETATM 1205 O  O   . HOH E 4 .   ? -1.167  7.731   -4.380  1.00 26.71 ? 2092 HOH A O   1 
HETATM 1206 O  O   . HOH E 4 .   ? 2.728   4.037   -14.842 1.00 26.01 ? 2093 HOH A O   1 
HETATM 1207 O  O   . HOH E 4 .   ? 4.470   1.908   -15.443 1.00 25.27 ? 2094 HOH A O   1 
HETATM 1208 O  O   . HOH E 4 .   ? 6.536   2.591   -13.447 1.00 13.31 ? 2095 HOH A O   1 
HETATM 1209 O  O   . HOH E 4 .   ? 2.637   8.341   -12.094 1.00 18.98 ? 2096 HOH A O   1 
HETATM 1210 O  O   . HOH E 4 .   ? 2.333   6.602   -15.198 1.00 25.04 ? 2097 HOH A O   1 
HETATM 1211 O  O   . HOH E 4 .   ? -3.170  7.798   -12.151 1.00 21.02 ? 2098 HOH A O   1 
HETATM 1212 O  O   . HOH E 4 .   ? 0.185   -0.811  -17.930 1.00 39.87 ? 2099 HOH A O   1 
HETATM 1213 O  O   . HOH E 4 .   ? 4.195   2.403   -18.661 1.00 35.92 ? 2100 HOH A O   1 
HETATM 1214 O  O   . HOH E 4 .   ? -8.884  4.276   -17.036 1.00 28.21 ? 2101 HOH A O   1 
HETATM 1215 O  O   . HOH E 4 .   ? -12.923 -1.225  -16.306 1.00 25.29 ? 2102 HOH A O   1 
HETATM 1216 O  O   . HOH E 4 .   ? -12.488 3.108   -15.257 1.00 31.22 ? 2103 HOH A O   1 
HETATM 1217 O  O   . HOH E 4 .   ? -10.226 6.203   -15.237 1.00 21.42 ? 2104 HOH A O   1 
HETATM 1218 O  O   . HOH E 4 .   ? -11.209 11.347  -8.683  1.00 32.45 ? 2105 HOH A O   1 
HETATM 1219 O  O   . HOH E 4 .   ? -13.489 7.106   -8.687  1.00 18.51 ? 2106 HOH A O   1 
HETATM 1220 O  O   . HOH E 4 .   ? -16.095 7.557   -9.485  1.00 22.39 ? 2107 HOH A O   1 
HETATM 1221 O  O   . HOH E 4 .   ? -16.543 0.740   -17.335 1.00 32.97 ? 2108 HOH A O   1 
HETATM 1222 O  O   . HOH E 4 .   ? -15.226 2.834   -15.734 1.00 30.85 ? 2109 HOH A O   1 
HETATM 1223 O  O   . HOH E 4 .   ? -14.207 1.265   -6.247  1.00 8.29  ? 2110 HOH A O   1 
HETATM 1224 O  O   . HOH E 4 .   ? -18.561 6.596   -5.894  1.00 13.85 ? 2111 HOH A O   1 
HETATM 1225 O  O   . HOH E 4 .   ? -21.211 2.659   -6.166  1.00 9.76  ? 2112 HOH A O   1 
HETATM 1226 O  O   . HOH E 4 .   ? -13.468 -1.399  -6.710  1.00 19.88 ? 2113 HOH A O   1 
HETATM 1227 O  O   . HOH E 4 .   ? -12.461 -5.004  -5.731  1.00 13.34 ? 2114 HOH A O   1 
HETATM 1228 O  O   . HOH E 4 .   ? -21.296 -2.404  2.766   1.00 19.57 ? 2115 HOH A O   1 
HETATM 1229 O  O   . HOH E 4 .   ? -19.155 1.123   3.190   1.00 22.65 ? 2116 HOH A O   1 
HETATM 1230 O  O   . HOH E 4 .   ? -15.284 5.803   2.132   1.00 12.25 ? 2117 HOH A O   1 
HETATM 1231 O  O   . HOH E 4 .   ? -17.557 9.739   -3.342  1.00 23.75 ? 2118 HOH A O   1 
HETATM 1232 O  O   . HOH E 4 .   ? -9.183  -3.305  -8.622  1.00 28.76 ? 2119 HOH A O   1 
HETATM 1233 O  O   . HOH E 4 .   ? -7.328  8.631   -11.096 1.00 17.17 ? 2120 HOH A O   1 
HETATM 1234 O  O   . HOH E 4 .   ? -11.168 11.795  -6.270  1.00 25.40 ? 2121 HOH A O   1 
HETATM 1235 O  O   . HOH E 4 .   ? -4.494  -2.341  -16.502 1.00 38.49 ? 2122 HOH A O   1 
HETATM 1236 O  O   . HOH E 4 .   ? -0.832  -2.314  -11.244 1.00 21.74 ? 2123 HOH A O   1 
HETATM 1237 O  O   . HOH E 4 .   ? -1.639  -3.868  -13.573 1.00 32.59 ? 2124 HOH A O   1 
HETATM 1238 O  O   . HOH E 4 .   ? -3.021  0.060   -16.343 1.00 25.07 ? 2125 HOH A O   1 
HETATM 1239 O  O   . HOH E 4 .   ? -1.737  -2.707  -15.951 1.00 33.32 ? 2126 HOH A O   1 
HETATM 1240 O  O   . HOH E 4 .   ? 3.599   9.401   -9.523  1.00 42.35 ? 2127 HOH A O   1 
HETATM 1241 O  O   . HOH E 4 .   ? 13.468  9.029   -11.464 1.00 34.51 ? 2128 HOH A O   1 
HETATM 1242 O  O   . HOH E 4 .   ? 17.032  -0.989  -12.553 1.00 23.10 ? 2129 HOH A O   1 
HETATM 1243 O  O   . HOH E 4 .   ? 16.394  -3.601  -11.967 1.00 15.48 ? 2130 HOH A O   1 
HETATM 1244 O  O   . HOH E 4 .   ? 14.008  3.244   -13.685 1.00 20.42 ? 2131 HOH A O   1 
HETATM 1245 O  O   . HOH E 4 .   ? 8.081   3.692   -15.548 1.00 25.55 ? 2132 HOH A O   1 
HETATM 1246 O  O   . HOH E 4 .   ? 12.945  -4.936  -18.658 1.00 36.52 ? 2133 HOH A O   1 
HETATM 1247 O  O   . HOH E 4 .   ? 13.755  -5.089  -13.813 1.00 32.04 ? 2134 HOH A O   1 
HETATM 1248 O  O   . HOH E 4 .   ? 8.882   -3.449  -17.933 1.00 47.18 ? 2135 HOH A O   1 
HETATM 1249 O  O   . HOH E 4 .   ? 3.649   -3.664  -15.815 1.00 27.35 ? 2136 HOH A O   1 
HETATM 1250 O  O   . HOH E 4 .   ? 3.032   -7.147  -12.574 1.00 29.80 ? 2137 HOH A O   1 
HETATM 1251 O  O   . HOH E 4 .   ? 6.050   -10.568 -6.717  1.00 16.14 ? 2138 HOH A O   1 
HETATM 1252 O  O   . HOH E 4 .   ? 7.609   -10.850 -10.983 1.00 39.46 ? 2139 HOH A O   1 
HETATM 1253 O  O   . HOH E 4 .   ? -3.227  -3.761  -8.947  1.00 18.72 ? 2140 HOH A O   1 
HETATM 1254 O  O   . HOH E 4 .   ? -0.636  -8.580  -11.399 1.00 30.73 ? 2141 HOH A O   1 
HETATM 1255 O  O   . HOH E 4 .   ? -3.795  8.189   -6.957  1.00 17.75 ? 2142 HOH A O   1 
HETATM 1256 O  O   . HOH E 4 .   ? -13.754 14.401  0.704   1.00 29.56 ? 2143 HOH A O   1 
HETATM 1257 O  O   . HOH E 4 .   ? -10.678 13.887  -2.908  1.00 26.33 ? 2144 HOH A O   1 
HETATM 1258 O  O   . HOH E 4 .   ? -11.500 2.097   9.010   1.00 18.76 ? 2145 HOH A O   1 
HETATM 1259 O  O   . HOH E 4 .   ? -15.174 8.839   0.562   1.00 20.63 ? 2146 HOH A O   1 
HETATM 1260 O  O   . HOH E 4 .   ? -10.854 14.723  0.602   1.00 29.20 ? 2147 HOH A O   1 
HETATM 1261 O  O   . HOH E 4 .   ? -6.819  13.345  0.038   1.00 15.98 ? 2148 HOH A O   1 
HETATM 1262 O  O   . HOH E 4 .   ? -4.515  13.276  -1.633  1.00 19.46 ? 2149 HOH A O   1 
HETATM 1263 O  O   . HOH E 4 .   ? -7.459  10.475  -6.970  1.00 22.21 ? 2150 HOH A O   1 
HETATM 1264 O  O   . HOH E 4 .   ? -7.107  13.783  -5.688  1.00 31.72 ? 2151 HOH A O   1 
HETATM 1265 O  O   . HOH E 4 .   ? -3.779  11.723  -9.577  1.00 42.15 ? 2152 HOH A O   1 
HETATM 1266 O  O   . HOH E 4 .   ? -4.317  -3.733  -3.947  1.00 11.11 ? 2153 HOH A O   1 
HETATM 1267 O  O   . HOH E 4 .   ? -4.442  -4.732  -6.544  1.00 14.64 ? 2154 HOH A O   1 
HETATM 1268 O  O   . HOH E 4 .   ? -4.898  -7.832  -5.627  1.00 27.81 ? 2155 HOH A O   1 
HETATM 1269 O  O   . HOH E 4 .   ? -3.062  -10.504 -5.462  1.00 27.55 ? 2156 HOH A O   1 
HETATM 1270 O  O   . HOH E 4 .   ? -5.722  -11.746 -8.990  1.00 41.71 ? 2157 HOH A O   1 
HETATM 1271 O  O   . HOH E 4 .   ? -3.275  -8.013  -1.387  1.00 14.37 ? 2158 HOH A O   1 
HETATM 1272 O  O   . HOH E 4 .   ? -1.962  -10.110 -2.939  1.00 12.67 ? 2159 HOH A O   1 
HETATM 1273 O  O   . HOH E 4 .   ? 4.111   -11.963 -0.667  1.00 12.33 ? 2160 HOH A O   1 
HETATM 1274 O  O   . HOH E 4 .   ? 3.688   -14.127 -5.256  1.00 36.23 ? 2161 HOH A O   1 
HETATM 1275 O  O   . HOH E 4 .   ? 3.672   -11.735 -7.841  1.00 25.14 ? 2162 HOH A O   1 
HETATM 1276 O  O   . HOH E 4 .   ? 6.639   -11.243 -4.181  1.00 22.01 ? 2163 HOH A O   1 
HETATM 1277 O  O   . HOH E 4 .   ? 1.759   -9.827  -7.793  1.00 20.14 ? 2164 HOH A O   1 
HETATM 1278 O  O   . HOH E 4 .   ? 13.610  -8.138  6.521   1.00 29.77 ? 2165 HOH A O   1 
HETATM 1279 O  O   . HOH E 4 .   ? 19.849  -4.881  2.515   1.00 18.91 ? 2166 HOH A O   1 
HETATM 1280 O  O   . HOH E 4 .   ? 18.736  -1.670  5.402   1.00 25.35 ? 2167 HOH A O   1 
HETATM 1281 O  O   . HOH E 4 .   ? 17.592  -8.298  0.232   1.00 17.07 ? 2168 HOH A O   1 
HETATM 1282 O  O   . HOH E 4 .   ? 10.706  -14.752 -1.863  1.00 32.92 ? 2169 HOH A O   1 
HETATM 1283 O  O   . HOH E 4 .   ? 17.018  -8.868  -2.474  1.00 18.37 ? 2170 HOH A O   1 
HETATM 1284 O  O   . HOH E 4 .   ? 8.678   -17.087 1.191   1.00 20.32 ? 2171 HOH A O   1 
HETATM 1285 O  O   . HOH E 4 .   ? 4.055   -17.294 0.870   1.00 28.32 ? 2172 HOH A O   1 
HETATM 1286 O  O   . HOH E 4 .   ? 3.166   -14.219 -2.140  1.00 28.51 ? 2173 HOH A O   1 
HETATM 1287 O  O   . HOH E 4 .   ? 0.050   -14.614 5.105   1.00 20.98 ? 2174 HOH A O   1 
HETATM 1288 O  O   . HOH E 4 .   ? -2.936  -12.150 -1.193  1.00 24.12 ? 2175 HOH A O   1 
HETATM 1289 O  O   . HOH E 4 .   ? 3.861   -19.946 7.594   1.00 23.67 ? 2176 HOH A O   1 
HETATM 1290 O  O   . HOH E 4 .   ? -0.083  -13.416 12.309  1.00 26.06 ? 2177 HOH A O   1 
HETATM 1291 O  O   . HOH E 4 .   ? -1.309  -12.469 9.849   1.00 29.21 ? 2178 HOH A O   1 
HETATM 1292 O  O   . HOH E 4 .   ? 1.993   -10.216 10.383  1.00 14.38 ? 2179 HOH A O   1 
HETATM 1293 O  O   . HOH E 4 .   ? -3.877  -9.896  7.573   1.00 37.16 ? 2180 HOH A O   1 
HETATM 1294 O  O   . HOH E 4 .   ? -0.348  -9.828  9.087   1.00 24.04 ? 2181 HOH A O   1 
HETATM 1295 O  O   . HOH E 4 .   ? -0.325  -16.783 11.265  1.00 26.43 ? 2182 HOH A O   1 
HETATM 1296 O  O   . HOH E 4 .   ? 2.834   -18.530 12.809  1.00 15.01 ? 2183 HOH A O   1 
HETATM 1297 O  O   . HOH E 4 .   ? 6.432   -10.374 14.952  1.00 26.52 ? 2184 HOH A O   1 
HETATM 1298 O  O   . HOH E 4 .   ? 10.248  -13.219 10.576  1.00 25.91 ? 2185 HOH A O   1 
HETATM 1299 O  O   . HOH E 4 .   ? 4.908   -12.885 16.394  1.00 30.23 ? 2186 HOH A O   1 
HETATM 1300 O  O   . HOH E 4 .   ? 4.326   -7.069  13.109  1.00 28.34 ? 2187 HOH A O   1 
HETATM 1301 O  O   . HOH E 4 .   ? -0.798  -10.698 16.426  1.00 32.55 ? 2188 HOH A O   1 
HETATM 1302 O  O   . HOH E 4 .   ? -3.704  -10.297 16.248  1.00 40.82 ? 2189 HOH A O   1 
HETATM 1303 O  O   . HOH E 4 .   ? -4.256  -5.855  12.286  1.00 19.09 ? 2190 HOH A O   1 
HETATM 1304 O  O   . HOH E 4 .   ? -3.427  -2.235  15.817  1.00 20.38 ? 2191 HOH A O   1 
HETATM 1305 O  O   . HOH E 4 .   ? -3.613  1.361   15.305  1.00 27.04 ? 2192 HOH A O   1 
HETATM 1306 O  O   . HOH E 4 .   ? -5.845  -1.896  17.208  1.00 33.97 ? 2193 HOH A O   1 
HETATM 1307 O  O   . HOH E 4 .   ? -9.423  0.244   11.939  1.00 24.69 ? 2194 HOH A O   1 
HETATM 1308 O  O   . HOH E 4 .   ? -7.915  1.661   15.181  1.00 28.97 ? 2195 HOH A O   1 
HETATM 1309 O  O   . HOH E 4 .   ? -3.855  4.791   10.630  1.00 13.10 ? 2196 HOH A O   1 
HETATM 1310 O  O   . HOH E 4 .   ? -9.622  6.770   16.199  1.00 36.39 ? 2197 HOH A O   1 
HETATM 1311 O  O   . HOH E 4 .   ? -10.586 4.589   13.226  1.00 19.27 ? 2198 HOH A O   1 
HETATM 1312 O  O   . HOH E 4 .   ? -6.866  13.444  14.929  1.00 28.60 ? 2199 HOH A O   1 
HETATM 1313 O  O   . HOH E 4 .   ? -7.190  13.007  17.733  1.00 32.51 ? 2200 HOH A O   1 
HETATM 1314 O  O   . HOH E 4 .   ? -13.307 10.229  18.249  1.00 18.73 ? 2201 HOH A O   1 
HETATM 1315 O  O   . HOH E 4 .   ? -1.531  3.522   14.953  1.00 32.45 ? 2202 HOH A O   1 
HETATM 1316 O  O   . HOH E 4 .   ? 1.664   8.296   12.906  1.00 29.22 ? 2203 HOH A O   1 
HETATM 1317 O  O   . HOH E 4 .   ? -5.289  16.972  12.151  1.00 23.04 ? 2204 HOH A O   1 
HETATM 1318 O  O   . HOH E 4 .   ? -10.057 12.609  12.780  1.00 19.61 ? 2205 HOH A O   1 
HETATM 1319 O  O   . HOH E 4 .   ? -10.393 15.102  10.366  1.00 21.77 ? 2206 HOH A O   1 
HETATM 1320 O  O   . HOH E 4 .   ? -8.393  14.454  8.349   1.00 26.62 ? 2207 HOH A O   1 
HETATM 1321 O  O   . HOH E 4 .   ? -0.772  17.769  11.991  1.00 42.97 ? 2208 HOH A O   1 
HETATM 1322 O  O   . HOH E 4 .   ? 1.908   12.781  7.080   1.00 41.94 ? 2209 HOH A O   1 
HETATM 1323 O  O   . HOH E 4 .   ? 1.155   15.346  5.330   1.00 42.31 ? 2210 HOH A O   1 
HETATM 1324 O  O   . HOH E 4 .   ? -6.901  14.895  4.632   1.00 27.87 ? 2211 HOH A O   1 
HETATM 1325 O  O   . HOH E 4 .   ? -3.366  16.827  4.640   1.00 20.94 ? 2212 HOH A O   1 
HETATM 1326 O  O   . HOH E 4 .   ? -5.979  19.525  3.695   1.00 35.03 ? 2213 HOH A O   1 
HETATM 1327 O  O   . HOH E 4 .   ? -9.935  23.135  5.013   1.00 13.64 ? 2214 HOH A O   1 
HETATM 1328 O  O   . HOH E 4 .   ? -10.790 19.333  4.245   1.00 23.33 ? 2215 HOH A O   1 
HETATM 1329 O  O   . HOH E 4 .   ? -2.219  20.799  5.254   1.00 35.09 ? 2216 HOH A O   1 
HETATM 1330 O  O   . HOH E 4 .   ? -6.150  25.485  5.087   1.00 15.28 ? 2217 HOH A O   1 
HETATM 1331 O  O   . HOH E 4 .   ? -1.960  23.866  5.874   1.00 21.79 ? 2218 HOH A O   1 
HETATM 1332 O  O   . HOH E 4 .   ? -6.271  24.293  2.633   1.00 26.00 ? 2219 HOH A O   1 
HETATM 1333 O  O   . HOH E 4 .   ? -5.630  13.361  2.511   1.00 23.59 ? 2220 HOH A O   1 
HETATM 1334 O  O   . HOH E 4 .   ? -11.890 -6.638  -0.023  1.00 26.73 ? 2221 HOH A O   1 
HETATM 1335 O  O   . HOH E 4 .   ? -6.969  -3.785  -3.128  1.00 17.01 ? 2222 HOH A O   1 
HETATM 1336 O  O   . HOH E 4 .   ? -4.669  -6.439  -3.095  1.00 15.96 ? 2223 HOH A O   1 
# 
